data_7CS4
#
_entry.id   7CS4
#
_cell.length_a   244.924
_cell.length_b   244.924
_cell.length_c   75.772
_cell.angle_alpha   90.000
_cell.angle_beta   90.000
_cell.angle_gamma   120.000
#
_symmetry.space_group_name_H-M   'P 61'
#
loop_
_entity.id
_entity.type
_entity.pdbx_description
1 polymer 'Pinoresinol-lariciresinol reductase'
2 non-polymer 4-[(3S,3aR,6S,6aR)-6-(3-methoxy-4-oxidanyl-phenyl)-1,3,3a,4,6,6a-hexahydrofuro[3,4-c]furan-3-yl]-2-methoxy-phenol
3 non-polymer 'NADPH DIHYDRO-NICOTINAMIDE-ADENINE-DINUCLEOTIDE PHOSPHATE'
4 water water
#
_entity_poly.entity_id   1
_entity_poly.type   'polypeptide(L)'
_entity_poly.pdbx_seq_one_letter_code
;MRENNSGEKTRVLVVGGTGTMGRRIVRACLAEGHETYVLQQPETRVDIEKVQLLYSYKRLGARLIEASFSDHQSLVSAVK
QVDIVVAAMSGVHFRSHSILVQLKLVEAIKEAGNIKRFLPSEFGMDPSRMGHAMPPGRETFDQKLEVRNAIEAAGIPHTY
VVGACFAAYFAGNLSQMGTLIPPKKKVNIYGDGNVKVVYVDEDDIAEYTAKTLDDPRTINKTVYVRPTENVLTQMELVQI
WEKLTGKELEKTNISANDFLADIEDKEIPHQAGLGHFYHIFYEGCLTDHEVGDDEEASKLYPDVKYTRMDEYLKIFL
;
_entity_poly.pdbx_strand_id   E,A,F,D,C,B
#
loop_
_chem_comp.id
_chem_comp.type
_chem_comp.name
_chem_comp.formula
GEC non-polymer 4-[(3S,3aR,6S,6aR)-6-(3-methoxy-4-oxidanyl-phenyl)-1,3,3a,4,6,6a-hexahydrofuro[3,4-c]furan-3-yl]-2-methoxy-phenol 'C20 H22 O6'
NDP non-polymer 'NADPH DIHYDRO-NICOTINAMIDE-ADENINE-DINUCLEOTIDE PHOSPHATE' 'C21 H30 N7 O17 P3'
#
# COMPACT_ATOMS: atom_id res chain seq x y z
N GLY A 7 1.48 -18.42 -30.91
CA GLY A 7 0.68 -18.16 -29.72
C GLY A 7 -0.69 -18.78 -29.82
N GLU A 8 -1.45 -18.40 -30.84
CA GLU A 8 -2.73 -19.02 -31.15
C GLU A 8 -2.61 -20.15 -32.17
N LYS A 9 -1.41 -20.40 -32.70
CA LYS A 9 -1.22 -21.40 -33.73
C LYS A 9 -1.48 -22.80 -33.20
N THR A 10 -2.06 -23.64 -34.06
CA THR A 10 -2.09 -25.08 -33.83
C THR A 10 -0.66 -25.61 -33.88
N ARG A 11 -0.30 -26.45 -32.92
CA ARG A 11 0.98 -27.13 -32.96
C ARG A 11 0.81 -28.53 -33.55
N VAL A 12 1.56 -28.82 -34.59
CA VAL A 12 1.39 -30.04 -35.37
C VAL A 12 2.69 -30.83 -35.34
N LEU A 13 2.58 -32.12 -35.10
CA LEU A 13 3.70 -33.04 -35.26
C LEU A 13 3.48 -33.83 -36.54
N VAL A 14 4.38 -33.69 -37.50
CA VAL A 14 4.37 -34.48 -38.71
C VAL A 14 5.26 -35.70 -38.50
N VAL A 15 4.68 -36.89 -38.67
CA VAL A 15 5.39 -38.16 -38.57
C VAL A 15 5.52 -38.69 -39.98
N GLY A 16 6.75 -39.01 -40.38
CA GLY A 16 7.04 -39.27 -41.77
C GLY A 16 7.49 -38.05 -42.53
N GLY A 17 8.09 -37.08 -41.85
CA GLY A 17 8.36 -35.79 -42.42
C GLY A 17 9.26 -35.75 -43.64
N THR A 18 10.08 -36.79 -43.86
CA THR A 18 10.98 -36.77 -45.00
C THR A 18 10.44 -37.55 -46.19
N GLY A 19 9.22 -38.10 -46.10
CA GLY A 19 8.63 -38.87 -47.17
C GLY A 19 8.09 -37.99 -48.27
N THR A 20 7.54 -38.65 -49.29
CA THR A 20 6.98 -37.94 -50.43
C THR A 20 5.86 -37.01 -50.01
N MET A 21 4.85 -37.58 -49.35
CA MET A 21 3.74 -36.78 -48.86
C MET A 21 4.16 -35.98 -47.62
N GLY A 22 4.95 -36.60 -46.74
CA GLY A 22 5.29 -35.96 -45.48
C GLY A 22 6.03 -34.64 -45.64
N ARG A 23 6.99 -34.58 -46.56
CA ARG A 23 7.74 -33.34 -46.75
C ARG A 23 6.83 -32.21 -47.20
N ARG A 24 5.83 -32.53 -48.02
CA ARG A 24 4.88 -31.51 -48.46
C ARG A 24 3.96 -31.10 -47.34
N ILE A 25 3.61 -32.02 -46.45
CA ILE A 25 2.77 -31.67 -45.32
C ILE A 25 3.53 -30.76 -44.34
N VAL A 26 4.81 -31.04 -44.15
CA VAL A 26 5.66 -30.16 -43.34
C VAL A 26 5.61 -28.74 -43.86
N ARG A 27 5.90 -28.57 -45.15
CA ARG A 27 5.88 -27.25 -45.76
C ARG A 27 4.47 -26.65 -45.74
N ALA A 28 3.46 -27.45 -46.07
CA ALA A 28 2.11 -26.90 -46.11
C ALA A 28 1.64 -26.48 -44.71
N CYS A 29 2.13 -27.14 -43.66
CA CYS A 29 1.79 -26.72 -42.31
C CYS A 29 2.48 -25.41 -41.95
N LEU A 30 3.76 -25.26 -42.28
CA LEU A 30 4.42 -23.98 -42.09
C LEU A 30 3.74 -22.87 -42.87
N ALA A 31 3.30 -23.19 -44.10
CA ALA A 31 2.68 -22.17 -44.93
C ALA A 31 1.30 -21.78 -44.41
N GLU A 32 0.63 -22.65 -43.66
CA GLU A 32 -0.60 -22.28 -42.99
C GLU A 32 -0.37 -21.41 -41.77
N GLY A 33 0.87 -21.34 -41.27
CA GLY A 33 1.12 -20.70 -40.01
C GLY A 33 1.09 -21.63 -38.82
N HIS A 34 1.11 -22.93 -39.04
CA HIS A 34 1.09 -23.85 -37.92
C HIS A 34 2.49 -23.89 -37.31
N GLU A 35 2.54 -23.89 -35.99
CA GLU A 35 3.79 -24.19 -35.30
C GLU A 35 4.09 -25.67 -35.54
N THR A 36 5.13 -25.95 -36.31
CA THR A 36 5.29 -27.22 -36.97
C THR A 36 6.46 -27.99 -36.37
N TYR A 37 6.19 -29.24 -35.99
CA TYR A 37 7.20 -30.12 -35.41
C TYR A 37 7.36 -31.33 -36.32
N VAL A 38 8.57 -31.83 -36.42
CA VAL A 38 8.87 -32.97 -37.28
C VAL A 38 9.55 -34.04 -36.45
N LEU A 39 9.00 -35.25 -36.49
CA LEU A 39 9.63 -36.37 -35.80
C LEU A 39 10.96 -36.71 -36.44
N GLN A 40 12.00 -36.81 -35.62
CA GLN A 40 13.33 -37.16 -36.12
C GLN A 40 13.66 -38.53 -35.60
N GLN A 41 13.67 -39.42 -36.41
CA GLN A 41 13.98 -40.77 -36.01
C GLN A 41 15.49 -41.00 -36.08
N PRO A 42 16.00 -41.93 -35.28
CA PRO A 42 17.42 -42.30 -35.39
C PRO A 42 17.79 -42.68 -36.82
N GLU A 43 18.96 -42.22 -37.24
CA GLU A 43 19.46 -42.59 -38.55
C GLU A 43 19.63 -44.10 -38.64
N THR A 44 19.13 -44.68 -39.72
CA THR A 44 19.32 -46.11 -39.98
C THR A 44 20.53 -46.39 -40.85
N ARG A 45 21.17 -45.33 -41.35
CA ARG A 45 22.27 -45.42 -42.29
C ARG A 45 22.86 -44.02 -42.42
N VAL A 46 23.90 -43.91 -43.24
CA VAL A 46 24.40 -42.62 -43.71
C VAL A 46 23.50 -42.20 -44.88
N ASP A 47 22.62 -41.22 -44.64
CA ASP A 47 21.59 -40.82 -45.60
C ASP A 47 21.58 -39.30 -45.67
N ILE A 48 22.31 -38.75 -46.63
CA ILE A 48 22.60 -37.32 -46.60
C ILE A 48 21.41 -36.51 -47.09
N GLU A 49 20.64 -37.05 -48.05
CA GLU A 49 19.48 -36.33 -48.51
C GLU A 49 18.39 -36.30 -47.44
N LYS A 50 18.25 -37.37 -46.68
CA LYS A 50 17.24 -37.39 -45.62
C LYS A 50 17.60 -36.41 -44.50
N VAL A 51 18.83 -36.48 -44.01
CA VAL A 51 19.30 -35.59 -42.95
C VAL A 51 19.16 -34.14 -43.37
N GLN A 52 19.56 -33.83 -44.59
CA GLN A 52 19.56 -32.43 -45.00
C GLN A 52 18.16 -31.91 -45.27
N LEU A 53 17.26 -32.76 -45.74
CA LEU A 53 15.85 -32.40 -45.78
C LEU A 53 15.32 -32.07 -44.39
N LEU A 54 15.59 -32.94 -43.43
CA LEU A 54 15.12 -32.69 -42.06
C LEU A 54 15.58 -31.34 -41.55
N TYR A 55 16.89 -31.06 -41.65
CA TYR A 55 17.42 -29.82 -41.08
C TYR A 55 17.04 -28.60 -41.88
N SER A 56 16.75 -28.75 -43.16
CA SER A 56 16.24 -27.63 -43.94
C SER A 56 14.92 -27.10 -43.38
N TYR A 57 14.14 -27.95 -42.72
CA TYR A 57 12.88 -27.51 -42.15
C TYR A 57 13.09 -26.48 -41.04
N LYS A 58 14.14 -26.65 -40.24
CA LYS A 58 14.43 -25.69 -39.17
C LYS A 58 14.57 -24.29 -39.73
N ARG A 59 15.26 -24.16 -40.88
CA ARG A 59 15.44 -22.85 -41.50
C ARG A 59 14.12 -22.18 -41.82
N LEU A 60 13.07 -22.98 -42.06
CA LEU A 60 11.75 -22.44 -42.32
C LEU A 60 10.94 -22.24 -41.07
N GLY A 61 11.47 -22.58 -39.91
CA GLY A 61 10.77 -22.41 -38.66
C GLY A 61 10.33 -23.69 -37.97
N ALA A 62 10.49 -24.84 -38.60
CA ALA A 62 10.05 -26.06 -37.94
C ALA A 62 11.01 -26.43 -36.82
N ARG A 63 10.56 -27.31 -35.93
CA ARG A 63 11.42 -27.87 -34.91
C ARG A 63 11.47 -29.39 -35.04
N LEU A 64 12.61 -29.94 -34.66
CA LEU A 64 12.83 -31.36 -34.71
C LEU A 64 12.65 -31.93 -33.31
N ILE A 65 11.90 -33.02 -33.22
CA ILE A 65 11.75 -33.77 -31.98
C ILE A 65 12.26 -35.17 -32.24
N GLU A 66 13.24 -35.59 -31.46
CA GLU A 66 13.81 -36.92 -31.58
C GLU A 66 12.97 -37.91 -30.79
N ALA A 67 12.66 -39.03 -31.43
CA ALA A 67 11.99 -40.12 -30.75
C ALA A 67 12.16 -41.34 -31.64
N SER A 68 11.81 -42.49 -31.09
CA SER A 68 11.90 -43.74 -31.81
C SER A 68 10.65 -44.56 -31.56
N PHE A 69 10.18 -45.26 -32.59
CA PHE A 69 9.04 -46.15 -32.38
C PHE A 69 9.40 -47.34 -31.48
N SER A 70 10.68 -47.68 -31.36
CA SER A 70 11.09 -48.74 -30.45
C SER A 70 11.00 -48.32 -28.99
N ASP A 71 10.86 -47.02 -28.73
CA ASP A 71 10.95 -46.42 -27.41
C ASP A 71 9.60 -45.75 -27.11
N HIS A 72 8.67 -46.53 -26.56
CA HIS A 72 7.34 -46.03 -26.28
C HIS A 72 7.36 -44.67 -25.58
N GLN A 73 8.23 -44.53 -24.58
CA GLN A 73 8.18 -43.31 -23.77
C GLN A 73 8.67 -42.11 -24.56
N SER A 74 9.57 -42.31 -25.52
CA SER A 74 10.02 -41.20 -26.35
C SER A 74 8.91 -40.75 -27.30
N LEU A 75 8.01 -41.66 -27.66
CA LEU A 75 6.86 -41.27 -28.46
C LEU A 75 5.86 -40.50 -27.62
N VAL A 76 5.56 -40.98 -26.43
CA VAL A 76 4.70 -40.23 -25.53
C VAL A 76 5.26 -38.83 -25.30
N SER A 77 6.58 -38.74 -25.12
CA SER A 77 7.19 -37.45 -24.84
C SER A 77 7.05 -36.50 -26.03
N ALA A 78 7.28 -36.99 -27.24
CA ALA A 78 7.10 -36.17 -28.44
C ALA A 78 5.68 -35.60 -28.53
N VAL A 79 4.66 -36.45 -28.45
CA VAL A 79 3.32 -35.97 -28.77
C VAL A 79 2.73 -35.11 -27.67
N LYS A 80 3.27 -35.18 -26.47
CA LYS A 80 2.89 -34.23 -25.43
C LYS A 80 3.25 -32.79 -25.80
N GLN A 81 4.14 -32.58 -26.77
CA GLN A 81 4.58 -31.23 -27.10
C GLN A 81 3.75 -30.58 -28.18
N VAL A 82 2.75 -31.27 -28.71
CA VAL A 82 1.95 -30.75 -29.81
C VAL A 82 0.48 -30.89 -29.48
N ASP A 83 -0.34 -30.35 -30.36
CA ASP A 83 -1.80 -30.47 -30.30
C ASP A 83 -2.35 -31.49 -31.27
N ILE A 84 -1.73 -31.64 -32.44
CA ILE A 84 -2.22 -32.45 -33.53
C ILE A 84 -1.05 -33.21 -34.13
N VAL A 85 -1.27 -34.48 -34.48
CA VAL A 85 -0.28 -35.32 -35.15
C VAL A 85 -0.79 -35.67 -36.53
N VAL A 86 0.07 -35.53 -37.53
CA VAL A 86 -0.21 -36.03 -38.87
C VAL A 86 0.84 -37.07 -39.21
N ALA A 87 0.39 -38.22 -39.67
CA ALA A 87 1.27 -39.32 -40.06
C ALA A 87 1.17 -39.55 -41.55
N ALA A 88 2.32 -39.79 -42.18
CA ALA A 88 2.40 -40.07 -43.61
C ALA A 88 3.53 -41.08 -43.82
N MET A 89 3.38 -42.24 -43.20
CA MET A 89 4.35 -43.33 -43.25
C MET A 89 4.28 -44.04 -44.59
N SER A 90 5.35 -44.76 -44.90
CA SER A 90 5.44 -45.59 -46.10
C SER A 90 4.20 -46.44 -46.31
N GLY A 91 3.72 -46.48 -47.54
CA GLY A 91 2.65 -47.40 -47.87
C GLY A 91 3.02 -48.31 -49.03
N SER A 98 4.56 -51.12 -41.78
CA SER A 98 5.00 -49.72 -41.81
C SER A 98 3.84 -48.80 -41.45
N ILE A 99 2.74 -48.96 -42.18
CA ILE A 99 1.48 -48.39 -41.70
C ILE A 99 1.22 -48.85 -40.28
N LEU A 100 1.50 -50.12 -39.98
CA LEU A 100 1.24 -50.64 -38.64
C LEU A 100 2.15 -50.04 -37.57
N VAL A 101 3.29 -49.47 -37.96
CA VAL A 101 4.09 -48.76 -36.96
C VAL A 101 3.25 -47.71 -36.25
N GLN A 102 2.18 -47.24 -36.89
CA GLN A 102 1.32 -46.23 -36.28
C GLN A 102 0.60 -46.75 -35.04
N LEU A 103 0.49 -48.07 -34.86
CA LEU A 103 -0.15 -48.57 -33.66
C LEU A 103 0.62 -48.16 -32.40
N LYS A 104 1.95 -48.21 -32.45
CA LYS A 104 2.73 -47.61 -31.37
C LYS A 104 2.37 -46.15 -31.18
N LEU A 105 2.21 -45.42 -32.28
CA LEU A 105 1.86 -44.01 -32.19
C LEU A 105 0.49 -43.81 -31.53
N VAL A 106 -0.45 -44.71 -31.78
CA VAL A 106 -1.77 -44.58 -31.17
C VAL A 106 -1.70 -44.79 -29.66
N GLU A 107 -1.01 -45.85 -29.23
CA GLU A 107 -0.86 -46.08 -27.80
C GLU A 107 -0.18 -44.91 -27.11
N ALA A 108 0.82 -44.31 -27.77
CA ALA A 108 1.50 -43.13 -27.24
C ALA A 108 0.54 -41.96 -27.12
N ILE A 109 -0.26 -41.72 -28.16
CA ILE A 109 -1.25 -40.64 -28.11
C ILE A 109 -2.28 -40.93 -27.03
N LYS A 110 -2.72 -42.19 -26.92
CA LYS A 110 -3.72 -42.54 -25.92
C LYS A 110 -3.21 -42.27 -24.50
N GLU A 111 -1.96 -42.67 -24.20
CA GLU A 111 -1.39 -42.42 -22.88
C GLU A 111 -1.15 -40.93 -22.67
N ALA A 112 -0.73 -40.20 -23.70
CA ALA A 112 -0.41 -38.78 -23.53
C ALA A 112 -1.66 -38.00 -23.14
N GLY A 113 -2.76 -38.20 -23.86
CA GLY A 113 -4.03 -37.61 -23.51
C GLY A 113 -4.25 -36.19 -23.97
N ASN A 114 -3.25 -35.52 -24.53
CA ASN A 114 -3.37 -34.10 -24.84
C ASN A 114 -3.75 -33.81 -26.29
N ILE A 115 -3.85 -34.83 -27.14
CA ILE A 115 -3.93 -34.61 -28.57
C ILE A 115 -5.37 -34.31 -28.97
N LYS A 116 -5.56 -33.22 -29.69
CA LYS A 116 -6.87 -32.83 -30.17
C LYS A 116 -7.26 -33.53 -31.46
N ARG A 117 -6.29 -33.87 -32.33
CA ARG A 117 -6.63 -34.63 -33.52
C ARG A 117 -5.42 -35.40 -34.01
N PHE A 118 -5.68 -36.57 -34.59
CA PHE A 118 -4.69 -37.40 -35.23
C PHE A 118 -5.15 -37.66 -36.65
N LEU A 119 -4.31 -37.33 -37.62
CA LEU A 119 -4.58 -37.68 -39.01
C LEU A 119 -3.65 -38.83 -39.38
N PRO A 120 -4.14 -40.06 -39.45
CA PRO A 120 -3.28 -41.19 -39.81
C PRO A 120 -2.90 -41.16 -41.28
N SER A 121 -1.98 -42.06 -41.63
CA SER A 121 -1.38 -42.11 -42.96
C SER A 121 -2.38 -42.74 -43.93
N GLU A 122 -3.06 -41.90 -44.68
CA GLU A 122 -4.12 -42.32 -45.56
C GLU A 122 -3.84 -41.90 -47.00
N PHE A 123 -4.35 -40.74 -47.40
CA PHE A 123 -3.91 -40.04 -48.61
C PHE A 123 -4.08 -40.86 -49.88
N GLY A 124 -5.04 -41.77 -49.90
CA GLY A 124 -5.28 -42.50 -51.13
C GLY A 124 -6.62 -43.21 -51.17
N MET A 125 -6.59 -44.48 -51.53
CA MET A 125 -7.81 -45.26 -51.62
C MET A 125 -8.44 -45.42 -50.25
N ASP A 126 -9.78 -45.36 -50.23
CA ASP A 126 -10.54 -45.56 -49.01
C ASP A 126 -10.45 -47.02 -48.58
N PRO A 127 -9.79 -47.33 -47.46
CA PRO A 127 -9.64 -48.72 -47.07
C PRO A 127 -10.85 -49.31 -46.37
N SER A 128 -11.98 -48.61 -46.37
CA SER A 128 -13.15 -49.03 -45.63
C SER A 128 -14.22 -49.64 -46.52
N ARG A 129 -13.93 -49.80 -47.81
CA ARG A 129 -14.88 -50.43 -48.72
C ARG A 129 -14.94 -51.95 -48.55
N ASP A 142 -6.69 -55.00 -44.43
CA ASP A 142 -5.92 -53.77 -44.66
C ASP A 142 -5.20 -53.31 -43.39
N GLN A 143 -3.95 -52.87 -43.53
CA GLN A 143 -3.28 -52.26 -42.39
C GLN A 143 -3.91 -50.92 -42.02
N LYS A 144 -4.38 -50.15 -42.99
CA LYS A 144 -4.93 -48.83 -42.68
C LYS A 144 -6.19 -48.94 -41.84
N LEU A 145 -7.08 -49.87 -42.18
CA LEU A 145 -8.30 -50.04 -41.40
C LEU A 145 -8.00 -50.47 -39.97
N GLU A 146 -6.96 -51.27 -39.79
CA GLU A 146 -6.57 -51.66 -38.45
C GLU A 146 -6.10 -50.45 -37.65
N VAL A 147 -5.43 -49.51 -38.30
CA VAL A 147 -5.05 -48.29 -37.63
C VAL A 147 -6.30 -47.49 -37.27
N ARG A 148 -7.21 -47.35 -38.23
CA ARG A 148 -8.48 -46.68 -37.97
C ARG A 148 -9.15 -47.24 -36.73
N ASN A 149 -9.27 -48.57 -36.65
CA ASN A 149 -10.01 -49.16 -35.54
C ASN A 149 -9.34 -48.87 -34.21
N ALA A 150 -8.00 -48.86 -34.17
CA ALA A 150 -7.29 -48.58 -32.94
C ALA A 150 -7.41 -47.11 -32.55
N ILE A 151 -7.37 -46.20 -33.54
CA ILE A 151 -7.64 -44.79 -33.29
C ILE A 151 -9.02 -44.63 -32.66
N GLU A 152 -10.01 -45.31 -33.22
CA GLU A 152 -11.38 -45.12 -32.77
C GLU A 152 -11.63 -45.84 -31.46
N ALA A 153 -11.05 -47.03 -31.29
CA ALA A 153 -11.11 -47.69 -29.99
C ALA A 153 -10.61 -46.78 -28.87
N ALA A 154 -9.50 -46.07 -29.10
CA ALA A 154 -8.90 -45.20 -28.10
C ALA A 154 -9.64 -43.88 -27.95
N GLY A 155 -10.69 -43.66 -28.74
CA GLY A 155 -11.42 -42.40 -28.65
C GLY A 155 -10.59 -41.18 -29.02
N ILE A 156 -9.69 -41.32 -29.99
CA ILE A 156 -8.85 -40.21 -30.43
C ILE A 156 -9.55 -39.52 -31.59
N PRO A 157 -9.85 -38.23 -31.50
CA PRO A 157 -10.48 -37.56 -32.63
C PRO A 157 -9.58 -37.61 -33.85
N HIS A 158 -10.19 -37.79 -35.02
CA HIS A 158 -9.42 -38.08 -36.21
C HIS A 158 -9.98 -37.32 -37.40
N THR A 159 -9.17 -37.27 -38.46
CA THR A 159 -9.63 -36.95 -39.80
C THR A 159 -8.94 -37.88 -40.77
N TYR A 160 -9.71 -38.45 -41.70
CA TYR A 160 -9.21 -39.34 -42.74
C TYR A 160 -9.25 -38.61 -44.08
N VAL A 161 -8.08 -38.36 -44.66
CA VAL A 161 -7.92 -37.67 -45.93
C VAL A 161 -7.64 -38.71 -47.02
N VAL A 162 -8.54 -38.82 -47.99
CA VAL A 162 -8.56 -39.95 -48.92
C VAL A 162 -9.11 -39.47 -50.25
N GLY A 163 -8.96 -40.29 -51.27
CA GLY A 163 -9.77 -40.21 -52.45
C GLY A 163 -9.12 -39.74 -53.72
N ALA A 164 -7.80 -39.58 -53.76
CA ALA A 164 -7.16 -39.07 -54.96
C ALA A 164 -5.91 -39.88 -55.29
N CYS A 165 -5.58 -39.92 -56.58
CA CYS A 165 -4.31 -40.41 -57.08
C CYS A 165 -3.26 -39.30 -57.06
N PHE A 166 -2.11 -39.58 -56.46
CA PHE A 166 -0.97 -38.68 -56.57
C PHE A 166 -0.69 -38.42 -58.04
N ALA A 167 -0.57 -37.14 -58.40
CA ALA A 167 -0.39 -36.79 -59.80
C ALA A 167 0.94 -37.31 -60.33
N ALA A 168 1.96 -37.41 -59.47
CA ALA A 168 3.25 -37.88 -59.93
C ALA A 168 3.26 -39.36 -60.23
N TYR A 169 2.39 -40.11 -59.57
CA TYR A 169 2.32 -41.54 -59.77
C TYR A 169 1.37 -41.95 -60.89
N PHE A 170 0.41 -41.10 -61.25
CA PHE A 170 -0.68 -41.49 -62.12
C PHE A 170 -1.00 -40.51 -63.24
N ALA A 171 -0.63 -39.25 -63.12
CA ALA A 171 -0.95 -38.31 -64.20
C ALA A 171 0.24 -38.03 -65.11
N GLY A 172 1.44 -37.88 -64.54
CA GLY A 172 2.59 -37.48 -65.34
C GLY A 172 3.07 -38.56 -66.27
N ASN A 173 2.76 -39.81 -65.94
CA ASN A 173 3.03 -40.96 -66.77
C ASN A 173 1.83 -41.36 -67.62
N LEU A 174 0.75 -40.56 -67.60
CA LEU A 174 -0.49 -40.96 -68.25
C LEU A 174 -0.92 -42.34 -67.77
N SER A 175 -0.69 -42.59 -66.49
CA SER A 175 -1.16 -43.78 -65.80
C SER A 175 -0.50 -45.05 -66.29
N GLN A 176 0.61 -44.94 -66.98
CA GLN A 176 1.39 -46.10 -67.35
C GLN A 176 2.19 -46.59 -66.16
N MET A 177 2.52 -47.87 -66.18
CA MET A 177 3.26 -48.45 -65.07
C MET A 177 4.75 -48.43 -65.37
N GLY A 178 5.54 -48.37 -64.30
CA GLY A 178 6.97 -48.47 -64.43
C GLY A 178 7.67 -47.22 -64.88
N THR A 179 6.96 -46.13 -65.14
CA THR A 179 7.59 -44.87 -65.54
C THR A 179 6.85 -43.74 -64.85
N LEU A 180 7.54 -42.60 -64.69
CA LEU A 180 6.91 -41.43 -64.10
C LEU A 180 6.81 -40.27 -65.06
N ILE A 181 7.15 -40.47 -66.33
CA ILE A 181 7.08 -39.39 -67.32
C ILE A 181 6.21 -39.86 -68.48
N PRO A 182 5.78 -38.93 -69.32
CA PRO A 182 4.89 -39.29 -70.40
C PRO A 182 5.59 -40.21 -71.39
N PRO A 183 4.86 -41.14 -72.01
CA PRO A 183 5.44 -41.99 -73.03
C PRO A 183 5.55 -41.26 -74.36
N LYS A 184 6.45 -41.74 -75.20
CA LYS A 184 6.73 -40.99 -76.41
C LYS A 184 5.83 -41.38 -77.56
N LYS A 185 5.49 -42.65 -77.68
CA LYS A 185 4.66 -42.96 -78.84
C LYS A 185 3.43 -43.80 -78.53
N LYS A 186 3.50 -44.70 -77.56
CA LYS A 186 2.43 -45.64 -77.28
C LYS A 186 1.98 -45.52 -75.84
N VAL A 187 0.77 -45.98 -75.58
CA VAL A 187 0.16 -45.88 -74.27
C VAL A 187 -0.88 -47.00 -74.13
N ASN A 188 -0.92 -47.60 -72.95
CA ASN A 188 -1.91 -48.61 -72.63
C ASN A 188 -3.14 -47.93 -72.02
N ILE A 189 -4.31 -48.23 -72.55
CA ILE A 189 -5.59 -47.74 -72.05
C ILE A 189 -6.23 -48.90 -71.29
N TYR A 190 -6.78 -48.62 -70.10
CA TYR A 190 -7.35 -49.68 -69.27
C TYR A 190 -8.84 -49.81 -69.57
N GLY A 191 -9.24 -50.97 -70.09
CA GLY A 191 -10.56 -51.06 -70.63
C GLY A 191 -10.67 -50.11 -71.81
N ASP A 192 -11.78 -49.38 -71.88
CA ASP A 192 -11.87 -48.30 -72.84
C ASP A 192 -11.42 -46.97 -72.25
N GLY A 193 -10.91 -47.00 -71.02
CA GLY A 193 -10.44 -45.81 -70.36
C GLY A 193 -11.50 -44.74 -70.28
N ASN A 194 -12.72 -45.11 -69.86
CA ASN A 194 -13.76 -44.14 -69.60
C ASN A 194 -14.31 -44.25 -68.19
N VAL A 195 -13.57 -44.91 -67.32
CA VAL A 195 -13.76 -44.86 -65.88
C VAL A 195 -13.13 -43.60 -65.32
N LYS A 196 -13.88 -42.88 -64.49
CA LYS A 196 -13.43 -41.60 -63.95
C LYS A 196 -12.46 -41.83 -62.79
N VAL A 197 -11.41 -41.02 -62.77
CA VAL A 197 -10.30 -41.10 -61.83
C VAL A 197 -10.05 -39.70 -61.25
N VAL A 198 -9.44 -39.65 -60.08
CA VAL A 198 -9.18 -38.38 -59.40
C VAL A 198 -7.67 -38.15 -59.41
N TYR A 199 -7.20 -37.24 -60.24
CA TYR A 199 -5.79 -36.89 -60.31
C TYR A 199 -5.53 -35.59 -59.56
N VAL A 200 -4.62 -35.62 -58.59
CA VAL A 200 -4.36 -34.44 -57.78
C VAL A 200 -2.88 -34.27 -57.51
N ASP A 201 -2.37 -33.07 -57.77
CA ASP A 201 -1.05 -32.65 -57.34
C ASP A 201 -0.85 -32.92 -55.86
N GLU A 202 0.25 -33.57 -55.52
CA GLU A 202 0.54 -33.86 -54.12
C GLU A 202 0.64 -32.60 -53.26
N ASP A 203 1.04 -31.46 -53.83
CA ASP A 203 1.09 -30.23 -53.05
C ASP A 203 -0.30 -29.81 -52.62
N ASP A 204 -1.29 -29.98 -53.50
CA ASP A 204 -2.68 -29.66 -53.15
C ASP A 204 -3.20 -30.61 -52.07
N ILE A 205 -2.90 -31.89 -52.19
CA ILE A 205 -3.25 -32.81 -51.11
C ILE A 205 -2.69 -32.33 -49.79
N ALA A 206 -1.42 -31.91 -49.79
CA ALA A 206 -0.80 -31.46 -48.56
C ALA A 206 -1.44 -30.16 -48.06
N GLU A 207 -1.75 -29.23 -48.96
CA GLU A 207 -2.38 -28.00 -48.54
C GLU A 207 -3.76 -28.25 -47.94
N TYR A 208 -4.58 -29.08 -48.59
CA TYR A 208 -5.88 -29.44 -48.02
C TYR A 208 -5.72 -30.10 -46.65
N THR A 209 -4.73 -30.98 -46.50
CA THR A 209 -4.43 -31.58 -45.21
C THR A 209 -4.12 -30.54 -44.15
N ALA A 210 -3.28 -29.55 -44.50
CA ALA A 210 -2.91 -28.54 -43.52
C ALA A 210 -4.08 -27.65 -43.14
N LYS A 211 -5.00 -27.41 -44.08
CA LYS A 211 -6.16 -26.59 -43.80
C LYS A 211 -7.21 -27.35 -42.99
N THR A 212 -7.31 -28.66 -43.18
CA THR A 212 -8.39 -29.43 -42.60
C THR A 212 -8.09 -29.90 -41.19
N LEU A 213 -6.82 -29.93 -40.78
CA LEU A 213 -6.47 -30.62 -39.55
C LEU A 213 -6.96 -29.91 -38.30
N ASP A 214 -7.23 -28.60 -38.36
CA ASP A 214 -7.81 -27.90 -37.23
C ASP A 214 -9.15 -27.28 -37.59
N ASP A 215 -9.76 -27.75 -38.67
CA ASP A 215 -11.07 -27.28 -39.09
C ASP A 215 -12.16 -27.99 -38.30
N PRO A 216 -12.97 -27.26 -37.54
CA PRO A 216 -14.08 -27.90 -36.80
C PRO A 216 -14.99 -28.78 -37.65
N ARG A 217 -15.19 -28.44 -38.91
CA ARG A 217 -16.17 -29.13 -39.74
C ARG A 217 -15.76 -30.53 -40.15
N THR A 218 -14.52 -30.95 -39.87
CA THR A 218 -14.03 -32.23 -40.37
C THR A 218 -13.55 -33.10 -39.22
N ILE A 219 -13.95 -32.78 -38.00
CA ILE A 219 -13.51 -33.60 -36.89
C ILE A 219 -14.27 -34.93 -36.93
N ASN A 220 -13.54 -36.02 -36.76
CA ASN A 220 -14.09 -37.37 -36.91
C ASN A 220 -14.85 -37.54 -38.23
N LYS A 221 -14.32 -36.95 -39.30
CA LYS A 221 -14.88 -37.10 -40.63
C LYS A 221 -13.85 -37.65 -41.58
N THR A 222 -14.34 -38.29 -42.64
CA THR A 222 -13.54 -38.51 -43.83
C THR A 222 -13.65 -37.28 -44.71
N VAL A 223 -12.52 -36.85 -45.25
CA VAL A 223 -12.43 -35.74 -46.18
C VAL A 223 -11.99 -36.33 -47.52
N TYR A 224 -12.82 -36.14 -48.54
CA TYR A 224 -12.52 -36.62 -49.88
C TYR A 224 -11.86 -35.50 -50.67
N VAL A 225 -10.65 -35.77 -51.17
CA VAL A 225 -9.94 -34.81 -52.00
C VAL A 225 -10.33 -35.12 -53.44
N ARG A 226 -11.37 -34.43 -53.92
CA ARG A 226 -11.91 -34.67 -55.25
C ARG A 226 -12.17 -33.33 -55.92
N PRO A 227 -11.11 -32.60 -56.27
CA PRO A 227 -11.29 -31.33 -56.96
C PRO A 227 -12.01 -31.56 -58.28
N THR A 228 -13.09 -30.79 -58.50
CA THR A 228 -14.06 -31.14 -59.52
C THR A 228 -13.41 -31.27 -60.90
N GLU A 229 -12.64 -30.28 -61.31
CA GLU A 229 -12.12 -30.33 -62.67
C GLU A 229 -11.06 -31.41 -62.88
N ASN A 230 -10.57 -32.04 -61.82
CA ASN A 230 -9.56 -33.07 -61.93
C ASN A 230 -10.13 -34.49 -61.83
N VAL A 231 -11.46 -34.62 -61.89
CA VAL A 231 -12.10 -35.91 -62.02
C VAL A 231 -12.16 -36.23 -63.50
N LEU A 232 -11.32 -37.16 -63.95
CA LEU A 232 -11.08 -37.34 -65.36
C LEU A 232 -10.90 -38.82 -65.63
N THR A 233 -11.33 -39.25 -66.81
CA THR A 233 -10.99 -40.58 -67.26
C THR A 233 -9.55 -40.62 -67.73
N GLN A 234 -8.98 -41.83 -67.77
CA GLN A 234 -7.64 -41.96 -68.32
C GLN A 234 -7.60 -41.44 -69.75
N MET A 235 -8.64 -41.69 -70.52
CA MET A 235 -8.65 -41.21 -71.88
C MET A 235 -8.70 -39.68 -71.92
N GLU A 236 -9.48 -39.07 -71.04
CA GLU A 236 -9.49 -37.61 -70.95
C GLU A 236 -8.12 -37.08 -70.52
N LEU A 237 -7.46 -37.76 -69.61
CA LEU A 237 -6.08 -37.40 -69.27
C LEU A 237 -5.19 -37.49 -70.51
N VAL A 238 -5.20 -38.63 -71.20
CA VAL A 238 -4.39 -38.76 -72.41
C VAL A 238 -4.71 -37.66 -73.40
N GLN A 239 -5.99 -37.34 -73.58
CA GLN A 239 -6.34 -36.34 -74.57
C GLN A 239 -5.87 -34.95 -74.17
N ILE A 240 -5.80 -34.66 -72.87
CA ILE A 240 -5.19 -33.42 -72.39
C ILE A 240 -3.76 -33.32 -72.89
N TRP A 241 -3.02 -34.41 -72.79
CA TRP A 241 -1.62 -34.43 -73.18
C TRP A 241 -1.48 -34.31 -74.70
N GLU A 242 -2.17 -35.16 -75.46
CA GLU A 242 -2.08 -35.09 -76.92
C GLU A 242 -2.37 -33.68 -77.42
N LYS A 243 -3.21 -32.95 -76.71
CA LYS A 243 -3.55 -31.60 -77.13
C LYS A 243 -2.45 -30.62 -76.81
N LEU A 244 -1.75 -30.82 -75.69
CA LEU A 244 -0.58 -30.01 -75.38
C LEU A 244 0.54 -30.29 -76.38
N THR A 245 0.77 -31.55 -76.73
CA THR A 245 1.84 -31.94 -77.65
C THR A 245 1.44 -31.85 -79.12
N GLY A 246 0.15 -31.77 -79.44
CA GLY A 246 -0.26 -31.89 -80.83
C GLY A 246 0.10 -33.22 -81.48
N LYS A 247 0.34 -34.26 -80.71
CA LYS A 247 0.70 -35.59 -81.23
C LYS A 247 -0.24 -36.65 -80.69
N GLU A 248 -0.79 -37.45 -81.59
CA GLU A 248 -1.68 -38.54 -81.22
C GLU A 248 -0.84 -39.74 -80.82
N LEU A 249 -1.20 -40.39 -79.72
CA LEU A 249 -0.46 -41.54 -79.25
C LEU A 249 -1.14 -42.84 -79.69
N GLU A 250 -0.35 -43.87 -79.92
CA GLU A 250 -0.87 -45.16 -80.35
C GLU A 250 -1.42 -45.90 -79.15
N LYS A 251 -2.72 -46.23 -79.19
CA LYS A 251 -3.42 -46.73 -78.02
C LYS A 251 -3.73 -48.21 -78.12
N THR A 252 -3.55 -48.91 -77.01
CA THR A 252 -3.85 -50.33 -76.91
C THR A 252 -4.76 -50.52 -75.72
N ASN A 253 -5.98 -50.99 -75.97
CA ASN A 253 -6.95 -51.19 -74.91
C ASN A 253 -6.72 -52.55 -74.27
N ILE A 254 -6.66 -52.58 -72.95
CA ILE A 254 -6.39 -53.79 -72.19
C ILE A 254 -7.65 -54.13 -71.41
N SER A 255 -8.22 -55.30 -71.69
CA SER A 255 -9.48 -55.69 -71.09
C SER A 255 -9.28 -56.09 -69.63
N ALA A 256 -10.40 -56.17 -68.91
CA ALA A 256 -10.34 -56.53 -67.51
C ALA A 256 -9.64 -57.87 -67.30
N ASN A 257 -10.00 -58.90 -68.06
CA ASN A 257 -9.38 -60.20 -67.82
C ASN A 257 -7.92 -60.20 -68.22
N ASP A 258 -7.58 -59.59 -69.35
CA ASP A 258 -6.17 -59.53 -69.71
C ASP A 258 -5.35 -58.78 -68.67
N PHE A 259 -5.99 -57.91 -67.89
CA PHE A 259 -5.33 -57.31 -66.73
C PHE A 259 -5.32 -58.28 -65.57
N LEU A 260 -6.46 -58.90 -65.26
CA LEU A 260 -6.48 -59.95 -64.24
C LEU A 260 -5.59 -61.14 -64.61
N ALA A 261 -5.03 -61.18 -65.81
CA ALA A 261 -3.96 -62.11 -66.11
C ALA A 261 -2.63 -61.52 -65.63
N GLN A 271 4.38 -58.50 -59.82
CA GLN A 271 4.47 -57.10 -60.21
C GLN A 271 3.69 -56.21 -59.24
N ALA A 272 4.38 -55.23 -58.68
CA ALA A 272 3.80 -54.39 -57.65
C ALA A 272 2.72 -53.48 -58.21
N GLY A 273 1.63 -53.32 -57.44
CA GLY A 273 0.64 -52.31 -57.70
C GLY A 273 -0.50 -52.69 -58.61
N LEU A 274 -0.55 -53.93 -59.09
CA LEU A 274 -1.59 -54.30 -60.06
C LEU A 274 -2.98 -54.26 -59.43
N GLY A 275 -3.12 -54.73 -58.19
CA GLY A 275 -4.40 -54.65 -57.52
C GLY A 275 -4.92 -53.23 -57.42
N HIS A 276 -4.01 -52.27 -57.19
CA HIS A 276 -4.40 -50.87 -57.08
C HIS A 276 -4.93 -50.34 -58.42
N PHE A 277 -4.11 -50.41 -59.46
CA PHE A 277 -4.56 -49.98 -60.77
C PHE A 277 -5.90 -50.62 -61.14
N TYR A 278 -6.10 -51.89 -60.78
CA TYR A 278 -7.35 -52.53 -61.14
C TYR A 278 -8.54 -51.87 -60.44
N HIS A 279 -8.42 -51.63 -59.13
CA HIS A 279 -9.53 -51.01 -58.39
C HIS A 279 -9.76 -49.57 -58.86
N ILE A 280 -8.70 -48.85 -59.21
CA ILE A 280 -8.82 -47.46 -59.64
C ILE A 280 -9.41 -47.40 -61.04
N PHE A 281 -8.80 -48.12 -61.97
CA PHE A 281 -9.07 -47.91 -63.38
C PHE A 281 -10.16 -48.80 -63.96
N TYR A 282 -10.35 -50.01 -63.45
CA TYR A 282 -11.48 -50.80 -63.96
C TYR A 282 -12.73 -50.65 -63.10
N GLU A 283 -12.61 -50.67 -61.78
CA GLU A 283 -13.78 -50.54 -60.92
C GLU A 283 -14.18 -49.11 -60.60
N GLY A 284 -13.32 -48.12 -60.86
CA GLY A 284 -13.64 -46.74 -60.53
C GLY A 284 -13.87 -46.49 -59.05
N CYS A 285 -13.10 -47.13 -58.19
CA CYS A 285 -13.30 -47.00 -56.76
C CYS A 285 -13.11 -45.57 -56.24
N LEU A 286 -12.45 -44.70 -56.99
CA LEU A 286 -12.28 -43.32 -56.51
C LEU A 286 -13.49 -42.45 -56.81
N THR A 287 -14.38 -42.86 -57.70
CA THR A 287 -15.44 -42.01 -58.19
C THR A 287 -16.82 -42.65 -58.23
N ASP A 288 -17.00 -43.87 -57.71
CA ASP A 288 -18.31 -44.47 -57.90
C ASP A 288 -19.33 -43.97 -56.89
N HIS A 289 -18.91 -43.37 -55.79
CA HIS A 289 -19.80 -42.78 -54.81
C HIS A 289 -19.66 -41.28 -54.82
N GLU A 290 -20.77 -40.57 -54.99
CA GLU A 290 -20.69 -39.13 -54.94
C GLU A 290 -20.42 -38.67 -53.51
N VAL A 291 -19.94 -37.44 -53.38
CA VAL A 291 -19.47 -36.92 -52.11
C VAL A 291 -20.06 -35.54 -51.92
N GLY A 292 -20.47 -35.24 -50.70
CA GLY A 292 -21.13 -33.98 -50.42
C GLY A 292 -20.16 -32.85 -50.23
N ASP A 293 -20.64 -31.64 -50.45
CA ASP A 293 -19.80 -30.46 -50.30
C ASP A 293 -19.22 -30.34 -48.92
N ASP A 294 -19.94 -30.79 -47.89
CA ASP A 294 -19.43 -30.68 -46.53
C ASP A 294 -18.31 -31.66 -46.22
N GLU A 295 -17.90 -32.50 -47.19
CA GLU A 295 -16.87 -33.50 -46.95
C GLU A 295 -15.90 -33.59 -48.11
N GLU A 296 -15.91 -32.67 -49.05
CA GLU A 296 -15.02 -32.71 -50.19
C GLU A 296 -14.10 -31.50 -50.11
N ALA A 297 -12.81 -31.76 -50.27
CA ALA A 297 -11.80 -30.78 -49.93
C ALA A 297 -11.94 -29.50 -50.76
N SER A 298 -12.20 -29.63 -52.04
CA SER A 298 -12.17 -28.43 -52.86
C SER A 298 -13.31 -27.48 -52.52
N LYS A 299 -14.42 -27.99 -52.00
CA LYS A 299 -15.51 -27.13 -51.56
C LYS A 299 -15.32 -26.64 -50.14
N LEU A 300 -14.79 -27.50 -49.25
CA LEU A 300 -14.45 -27.05 -47.91
C LEU A 300 -13.51 -25.87 -47.97
N TYR A 301 -12.56 -25.92 -48.88
CA TYR A 301 -11.48 -24.95 -48.95
C TYR A 301 -11.41 -24.45 -50.38
N PRO A 302 -12.36 -23.61 -50.79
CA PRO A 302 -12.39 -23.15 -52.19
C PRO A 302 -11.29 -22.17 -52.53
N ASP A 303 -10.53 -21.70 -51.53
CA ASP A 303 -9.46 -20.76 -51.80
C ASP A 303 -8.21 -21.45 -52.36
N VAL A 304 -8.12 -22.78 -52.24
CA VAL A 304 -7.02 -23.56 -52.80
C VAL A 304 -7.19 -23.64 -54.32
N LYS A 305 -6.39 -22.87 -55.05
CA LYS A 305 -6.43 -22.89 -56.52
C LYS A 305 -5.64 -24.11 -56.99
N TYR A 306 -6.29 -25.27 -56.89
CA TYR A 306 -5.60 -26.52 -57.16
C TYR A 306 -5.11 -26.58 -58.60
N THR A 307 -4.02 -27.31 -58.81
CA THR A 307 -3.46 -27.48 -60.14
C THR A 307 -4.35 -28.38 -61.00
N ARG A 308 -4.83 -27.87 -62.14
CA ARG A 308 -5.49 -28.75 -63.08
C ARG A 308 -4.43 -29.49 -63.91
N MET A 309 -4.84 -30.61 -64.51
CA MET A 309 -3.86 -31.47 -65.14
C MET A 309 -3.29 -30.91 -66.43
N ASP A 310 -3.98 -29.98 -67.10
CA ASP A 310 -3.32 -29.34 -68.25
C ASP A 310 -2.13 -28.53 -67.79
N GLU A 311 -2.23 -27.87 -66.63
CA GLU A 311 -1.08 -27.17 -66.09
C GLU A 311 -0.05 -28.13 -65.51
N TYR A 312 -0.49 -29.19 -64.82
CA TYR A 312 0.44 -30.14 -64.23
C TYR A 312 1.34 -30.78 -65.28
N LEU A 313 0.79 -31.10 -66.44
CA LEU A 313 1.56 -31.80 -67.46
C LEU A 313 2.49 -30.89 -68.23
N LYS A 314 2.33 -29.57 -68.11
CA LYS A 314 3.14 -28.64 -68.90
C LYS A 314 4.64 -28.80 -68.61
N ILE A 315 5.01 -29.13 -67.38
CA ILE A 315 6.40 -29.27 -67.02
C ILE A 315 7.11 -30.38 -67.80
N PHE A 316 6.38 -31.29 -68.43
CA PHE A 316 7.02 -32.38 -69.17
C PHE A 316 7.23 -32.04 -70.64
N LEU A 317 6.69 -30.94 -71.11
CA LEU A 317 6.68 -30.67 -72.55
C LEU A 317 8.08 -30.46 -73.10
N GLY B 7 22.99 41.01 43.44
CA GLY B 7 23.18 42.38 42.96
C GLY B 7 24.63 42.67 42.59
N GLU B 8 25.55 42.23 43.46
CA GLU B 8 26.97 42.24 43.19
C GLU B 8 27.49 40.85 42.86
N LYS B 9 26.58 39.87 42.79
CA LYS B 9 26.95 38.52 42.41
C LYS B 9 27.25 38.46 40.93
N THR B 10 28.32 37.73 40.58
CA THR B 10 28.56 37.34 39.21
C THR B 10 27.42 36.44 38.74
N ARG B 11 26.94 36.67 37.52
CA ARG B 11 25.91 35.84 36.93
C ARG B 11 26.55 34.84 35.97
N VAL B 12 26.16 33.57 36.10
CA VAL B 12 26.79 32.50 35.37
C VAL B 12 25.73 31.68 34.64
N LEU B 13 25.95 31.45 33.36
CA LEU B 13 25.19 30.50 32.58
C LEU B 13 26.00 29.22 32.46
N VAL B 14 25.42 28.09 32.86
CA VAL B 14 26.04 26.79 32.72
C VAL B 14 25.38 26.08 31.55
N VAL B 15 26.19 25.61 30.61
CA VAL B 15 25.73 24.91 29.41
C VAL B 15 26.24 23.49 29.55
N GLY B 16 25.38 22.51 29.32
CA GLY B 16 25.71 21.17 29.75
C GLY B 16 25.33 20.91 31.18
N GLY B 17 24.23 21.50 31.65
CA GLY B 17 23.86 21.49 33.06
C GLY B 17 23.52 20.13 33.64
N THR B 18 23.07 19.18 32.83
CA THR B 18 22.67 17.87 33.33
C THR B 18 23.73 16.80 33.09
N GLY B 19 24.88 17.18 32.54
CA GLY B 19 26.01 16.28 32.40
C GLY B 19 26.72 16.04 33.71
N THR B 20 27.66 15.10 33.67
CA THR B 20 28.35 14.70 34.88
C THR B 20 29.05 15.88 35.54
N MET B 21 29.94 16.57 34.81
CA MET B 21 30.58 17.76 35.36
C MET B 21 29.63 18.96 35.36
N GLY B 22 28.69 18.98 34.39
CA GLY B 22 27.74 20.08 34.30
C GLY B 22 26.93 20.26 35.58
N ARG B 23 26.41 19.15 36.13
CA ARG B 23 25.52 19.26 37.28
C ARG B 23 26.26 19.72 38.52
N ARG B 24 27.54 19.35 38.63
CA ARG B 24 28.35 19.75 39.78
C ARG B 24 28.77 21.21 39.70
N ILE B 25 29.01 21.71 38.50
CA ILE B 25 29.31 23.12 38.30
C ILE B 25 28.09 23.96 38.65
N VAL B 26 26.90 23.51 38.24
CA VAL B 26 25.67 24.20 38.62
C VAL B 26 25.59 24.34 40.14
N ARG B 27 25.75 23.23 40.84
CA ARG B 27 25.64 23.26 42.29
C ARG B 27 26.77 24.06 42.91
N ALA B 28 27.99 23.94 42.36
CA ALA B 28 29.14 24.68 42.88
C ALA B 28 28.99 26.18 42.65
N CYS B 29 28.46 26.58 41.51
CA CYS B 29 28.17 27.99 41.30
C CYS B 29 27.18 28.52 42.34
N LEU B 30 26.13 27.76 42.66
CA LEU B 30 25.18 28.25 43.65
C LEU B 30 25.83 28.36 45.02
N ALA B 31 26.62 27.35 45.40
CA ALA B 31 27.32 27.37 46.66
C ALA B 31 28.28 28.56 46.79
N GLU B 32 28.75 29.10 45.68
CA GLU B 32 29.59 30.30 45.74
C GLU B 32 28.79 31.59 45.84
N GLY B 33 27.48 31.54 45.71
CA GLY B 33 26.69 32.76 45.73
C GLY B 33 26.50 33.41 44.38
N HIS B 34 26.92 32.76 43.31
CA HIS B 34 26.61 33.26 41.99
C HIS B 34 25.14 33.06 41.67
N GLU B 35 24.56 34.05 41.01
CA GLU B 35 23.24 33.88 40.40
C GLU B 35 23.40 32.94 39.22
N THR B 36 22.91 31.72 39.35
CA THR B 36 23.25 30.66 38.42
C THR B 36 22.10 30.39 37.47
N TYR B 37 22.39 30.44 36.18
CA TYR B 37 21.44 30.12 35.12
C TYR B 37 21.92 28.84 34.44
N VAL B 38 20.97 27.98 34.11
CA VAL B 38 21.22 26.70 33.45
C VAL B 38 20.51 26.74 32.12
N LEU B 39 21.21 26.39 31.05
CA LEU B 39 20.60 26.33 29.73
C LEU B 39 19.70 25.10 29.62
N GLN B 40 18.49 25.30 29.12
CA GLN B 40 17.50 24.24 28.98
C GLN B 40 17.28 24.03 27.50
N GLN B 41 17.85 22.96 26.97
CA GLN B 41 17.64 22.59 25.59
C GLN B 41 16.29 21.89 25.40
N PRO B 42 15.76 21.91 24.18
CA PRO B 42 14.51 21.18 23.89
C PRO B 42 14.68 19.71 24.16
N GLU B 43 13.62 19.08 24.67
CA GLU B 43 13.67 17.64 24.89
C GLU B 43 13.80 16.94 23.55
N THR B 44 14.70 15.96 23.49
CA THR B 44 14.86 15.11 22.34
C THR B 44 14.12 13.79 22.48
N ARG B 45 13.55 13.55 23.65
CA ARG B 45 12.90 12.30 24.01
C ARG B 45 12.22 12.51 25.36
N VAL B 46 11.51 11.48 25.82
CA VAL B 46 10.99 11.48 27.18
C VAL B 46 12.11 10.98 28.09
N ASP B 47 12.61 11.85 28.95
CA ASP B 47 13.83 11.63 29.73
C ASP B 47 13.59 12.13 31.15
N ILE B 48 13.04 11.26 31.98
CA ILE B 48 12.62 11.66 33.32
C ILE B 48 13.81 12.16 34.12
N GLU B 49 14.94 11.46 34.06
CA GLU B 49 16.08 11.82 34.89
C GLU B 49 16.62 13.20 34.53
N LYS B 50 16.74 13.50 33.24
CA LYS B 50 17.27 14.80 32.82
C LYS B 50 16.32 15.93 33.18
N VAL B 51 15.03 15.79 32.87
CA VAL B 51 14.05 16.82 33.23
C VAL B 51 14.01 17.03 34.74
N GLN B 52 14.05 15.96 35.52
CA GLN B 52 13.90 16.17 36.96
C GLN B 52 15.15 16.79 37.55
N LEU B 53 16.32 16.43 37.01
CA LEU B 53 17.56 17.09 37.39
C LEU B 53 17.49 18.58 37.09
N LEU B 54 17.11 18.93 35.87
CA LEU B 54 17.01 20.33 35.50
C LEU B 54 16.13 21.10 36.48
N TYR B 55 14.94 20.59 36.76
CA TYR B 55 14.04 21.37 37.61
C TYR B 55 14.47 21.32 39.07
N SER B 56 15.25 20.32 39.48
CA SER B 56 15.76 20.37 40.83
C SER B 56 16.71 21.56 41.06
N TYR B 57 17.35 22.08 40.01
CA TYR B 57 18.16 23.29 40.17
C TYR B 57 17.32 24.49 40.63
N LYS B 58 16.09 24.61 40.13
CA LYS B 58 15.25 25.73 40.54
C LYS B 58 15.04 25.76 42.04
N ARG B 59 14.87 24.59 42.66
CA ARG B 59 14.68 24.54 44.11
C ARG B 59 15.90 25.02 44.85
N LEU B 60 17.07 24.95 44.24
CA LEU B 60 18.27 25.45 44.86
C LEU B 60 18.51 26.92 44.55
N GLY B 61 17.69 27.54 43.71
CA GLY B 61 17.80 28.95 43.42
C GLY B 61 18.25 29.26 42.02
N ALA B 62 18.67 28.27 41.23
CA ALA B 62 19.07 28.52 39.86
C ALA B 62 17.86 28.81 38.98
N ARG B 63 18.13 29.35 37.79
CA ARG B 63 17.12 29.69 36.81
C ARG B 63 17.38 28.98 35.50
N LEU B 64 16.33 28.48 34.86
CA LEU B 64 16.45 27.80 33.59
C LEU B 64 16.22 28.82 32.48
N ILE B 65 17.09 28.81 31.48
CA ILE B 65 16.89 29.56 30.27
C ILE B 65 16.71 28.57 29.13
N GLU B 66 15.60 28.68 28.42
CA GLU B 66 15.34 27.82 27.28
C GLU B 66 16.01 28.41 26.06
N ALA B 67 16.85 27.62 25.42
CA ALA B 67 17.48 28.00 24.16
C ALA B 67 17.85 26.71 23.47
N SER B 68 18.25 26.83 22.22
CA SER B 68 18.49 25.68 21.36
C SER B 68 19.66 26.03 20.46
N PHE B 69 20.64 25.14 20.38
CA PHE B 69 21.83 25.45 19.60
C PHE B 69 21.54 25.65 18.12
N SER B 70 20.40 25.19 17.62
CA SER B 70 20.01 25.46 16.24
C SER B 70 19.21 26.74 16.10
N ASP B 71 19.26 27.62 17.10
CA ASP B 71 18.49 28.87 17.12
C ASP B 71 19.42 29.95 17.62
N HIS B 72 20.17 30.56 16.70
CA HIS B 72 21.21 31.51 17.09
C HIS B 72 20.66 32.59 18.02
N GLN B 73 19.50 33.14 17.69
CA GLN B 73 18.94 34.23 18.49
C GLN B 73 18.59 33.78 19.90
N SER B 74 18.20 32.52 20.10
CA SER B 74 17.93 32.05 21.45
C SER B 74 19.22 31.93 22.26
N LEU B 75 20.34 31.61 21.60
CA LEU B 75 21.63 31.62 22.27
C LEU B 75 22.03 33.02 22.66
N VAL B 76 21.95 33.96 21.70
CA VAL B 76 22.34 35.34 22.01
C VAL B 76 21.54 35.84 23.20
N SER B 77 20.22 35.63 23.16
CA SER B 77 19.38 36.10 24.25
C SER B 77 19.79 35.48 25.57
N ALA B 78 20.12 34.19 25.57
CA ALA B 78 20.51 33.56 26.84
C ALA B 78 21.77 34.19 27.39
N VAL B 79 22.79 34.38 26.55
CA VAL B 79 24.04 34.89 27.08
C VAL B 79 23.93 36.36 27.43
N LYS B 80 22.93 37.08 26.90
CA LYS B 80 22.82 38.49 27.24
C LYS B 80 22.51 38.70 28.71
N GLN B 81 21.90 37.70 29.35
CA GLN B 81 21.43 37.84 30.72
C GLN B 81 22.48 37.50 31.77
N VAL B 82 23.68 37.08 31.38
CA VAL B 82 24.66 36.67 32.36
C VAL B 82 25.96 37.42 32.09
N ASP B 83 26.91 37.24 33.01
CA ASP B 83 28.25 37.80 32.89
C ASP B 83 29.26 36.77 32.45
N ILE B 84 29.07 35.49 32.80
CA ILE B 84 30.05 34.44 32.58
C ILE B 84 29.34 33.20 32.07
N VAL B 85 30.00 32.49 31.15
CA VAL B 85 29.47 31.25 30.60
C VAL B 85 30.47 30.13 30.85
N VAL B 86 29.99 29.02 31.41
CA VAL B 86 30.75 27.78 31.54
C VAL B 86 30.03 26.69 30.76
N ALA B 87 30.77 25.91 29.99
CA ALA B 87 30.20 24.79 29.25
C ALA B 87 30.92 23.51 29.61
N ALA B 88 30.17 22.42 29.67
CA ALA B 88 30.66 21.10 30.05
C ALA B 88 29.91 20.04 29.25
N MET B 89 29.93 20.18 27.92
CA MET B 89 29.39 19.19 27.03
C MET B 89 30.24 17.94 27.06
N SER B 90 29.67 16.85 26.57
CA SER B 90 30.37 15.58 26.48
C SER B 90 31.46 15.67 25.42
N GLY B 91 32.54 14.94 25.66
CA GLY B 91 33.62 14.82 24.69
C GLY B 91 33.76 13.40 24.17
N HIS B 97 30.86 16.64 16.17
CA HIS B 97 30.43 16.05 17.43
C HIS B 97 30.16 17.14 18.49
N SER B 98 29.94 16.73 19.76
CA SER B 98 29.29 17.63 20.71
C SER B 98 30.19 18.76 21.21
N ILE B 99 31.50 18.55 21.33
CA ILE B 99 32.40 19.65 21.67
C ILE B 99 32.25 20.79 20.67
N LEU B 100 32.14 20.45 19.38
CA LEU B 100 32.15 21.46 18.33
C LEU B 100 30.91 22.32 18.36
N VAL B 101 29.88 21.89 19.09
CA VAL B 101 28.66 22.66 19.24
C VAL B 101 28.90 24.00 19.93
N GLN B 102 30.01 24.12 20.66
CA GLN B 102 30.33 25.37 21.35
C GLN B 102 30.74 26.47 20.38
N LEU B 103 31.06 26.13 19.14
CA LEU B 103 31.31 27.15 18.14
C LEU B 103 30.09 28.04 17.95
N LYS B 104 28.90 27.46 17.95
CA LYS B 104 27.70 28.28 17.93
C LYS B 104 27.60 29.13 19.17
N LEU B 105 28.00 28.58 20.31
CA LEU B 105 27.97 29.36 21.54
C LEU B 105 28.93 30.55 21.44
N VAL B 106 30.12 30.33 20.91
CA VAL B 106 31.10 31.41 20.79
C VAL B 106 30.56 32.52 19.90
N GLU B 107 29.91 32.17 18.79
CA GLU B 107 29.42 33.21 17.91
C GLU B 107 28.21 33.95 18.47
N ALA B 108 27.42 33.31 19.34
CA ALA B 108 26.39 34.05 20.08
C ALA B 108 27.00 34.97 21.12
N ILE B 109 28.01 34.50 21.84
CA ILE B 109 28.69 35.34 22.82
C ILE B 109 29.35 36.52 22.12
N LYS B 110 30.02 36.26 21.00
CA LYS B 110 30.65 37.35 20.25
C LYS B 110 29.62 38.41 19.89
N GLU B 111 28.46 38.00 19.39
CA GLU B 111 27.45 38.98 19.00
C GLU B 111 26.87 39.69 20.22
N ALA B 112 26.65 38.99 21.33
CA ALA B 112 26.06 39.64 22.49
C ALA B 112 26.99 40.68 23.10
N GLY B 113 28.29 40.45 23.04
CA GLY B 113 29.27 41.41 23.52
C GLY B 113 29.39 41.60 25.02
N ASN B 114 28.45 41.12 25.81
CA ASN B 114 28.42 41.45 27.23
C ASN B 114 29.20 40.49 28.12
N ILE B 115 29.88 39.49 27.58
CA ILE B 115 30.33 38.35 28.36
C ILE B 115 31.77 38.55 28.81
N LYS B 116 32.01 38.48 30.12
CA LYS B 116 33.29 38.82 30.71
C LYS B 116 34.27 37.64 30.75
N ARG B 117 33.77 36.43 30.59
CA ARG B 117 34.67 35.28 30.53
C ARG B 117 33.86 34.06 30.11
N PHE B 118 34.45 33.25 29.25
CA PHE B 118 33.88 31.98 28.80
C PHE B 118 34.86 30.87 29.19
N LEU B 119 34.41 29.93 30.03
CA LEU B 119 35.16 28.70 30.27
C LEU B 119 34.59 27.60 29.39
N PRO B 120 35.32 27.12 28.40
CA PRO B 120 34.80 26.06 27.53
C PRO B 120 34.91 24.69 28.20
N SER B 121 34.40 23.68 27.50
CA SER B 121 34.30 22.33 28.02
C SER B 121 35.67 21.66 27.94
N GLU B 122 36.44 21.81 29.02
CA GLU B 122 37.77 21.26 29.07
C GLU B 122 37.83 20.11 30.10
N PHE B 123 38.18 20.45 31.34
CA PHE B 123 38.11 19.55 32.50
C PHE B 123 38.81 18.22 32.31
N GLY B 124 39.89 18.19 31.54
CA GLY B 124 40.64 16.95 31.39
C GLY B 124 42.04 17.19 30.90
N MET B 125 42.53 16.26 30.11
CA MET B 125 43.85 16.41 29.50
C MET B 125 43.91 17.71 28.72
N ASP B 126 45.06 18.36 28.77
CA ASP B 126 45.23 19.59 28.01
C ASP B 126 45.32 19.26 26.52
N PRO B 127 44.36 19.68 25.69
CA PRO B 127 44.44 19.34 24.27
C PRO B 127 45.63 19.96 23.54
N SER B 128 46.38 20.85 24.17
CA SER B 128 47.54 21.50 23.55
C SER B 128 48.78 20.57 23.45
N ASP B 142 41.63 17.51 16.96
CA ASP B 142 41.22 17.84 18.31
C ASP B 142 40.19 18.97 18.32
N GLN B 143 38.97 18.63 18.76
CA GLN B 143 37.86 19.59 18.67
C GLN B 143 38.02 20.71 19.71
N LYS B 144 38.56 20.40 20.88
CA LYS B 144 38.70 21.43 21.90
C LYS B 144 39.62 22.56 21.43
N LEU B 145 40.74 22.20 20.80
CA LEU B 145 41.62 23.22 20.21
C LEU B 145 40.85 24.11 19.27
N GLU B 146 40.06 23.50 18.39
CA GLU B 146 39.26 24.27 17.47
C GLU B 146 38.35 25.23 18.20
N VAL B 147 37.81 24.81 19.34
CA VAL B 147 36.97 25.72 20.10
C VAL B 147 37.83 26.78 20.75
N ARG B 148 38.97 26.40 21.28
CA ARG B 148 39.93 27.38 21.77
C ARG B 148 40.26 28.41 20.70
N ASN B 149 40.57 27.97 19.48
CA ASN B 149 40.96 28.93 18.44
C ASN B 149 39.85 29.94 18.20
N ALA B 150 38.59 29.48 18.14
CA ALA B 150 37.48 30.37 17.85
C ALA B 150 37.23 31.33 19.00
N ILE B 151 37.38 30.88 20.25
CA ILE B 151 37.29 31.77 21.39
C ILE B 151 38.30 32.91 21.26
N GLU B 152 39.58 32.56 21.09
CA GLU B 152 40.64 33.55 21.08
C GLU B 152 40.52 34.48 19.87
N ALA B 153 40.30 33.92 18.69
CA ALA B 153 40.08 34.76 17.51
C ALA B 153 38.94 35.75 17.73
N ALA B 154 37.91 35.37 18.47
CA ALA B 154 36.82 36.30 18.76
C ALA B 154 37.17 37.30 19.84
N GLY B 155 38.27 37.12 20.54
CA GLY B 155 38.60 38.04 21.61
C GLY B 155 37.82 37.84 22.87
N ILE B 156 37.22 36.67 23.05
CA ILE B 156 36.43 36.42 24.25
C ILE B 156 37.41 36.01 25.34
N PRO B 157 37.43 36.70 26.47
CA PRO B 157 38.30 36.25 27.57
C PRO B 157 37.90 34.84 28.01
N HIS B 158 38.88 34.09 28.49
CA HIS B 158 38.71 32.67 28.69
C HIS B 158 39.47 32.26 29.93
N THR B 159 39.14 31.06 30.39
CA THR B 159 39.94 30.31 31.35
C THR B 159 39.77 28.85 30.97
N TYR B 160 40.87 28.13 30.84
CA TYR B 160 40.85 26.71 30.51
C TYR B 160 41.20 25.93 31.77
N VAL B 161 40.25 25.14 32.27
CA VAL B 161 40.48 24.27 33.43
C VAL B 161 40.84 22.86 32.96
N VAL B 162 42.03 22.40 33.32
CA VAL B 162 42.60 21.16 32.78
C VAL B 162 43.42 20.46 33.86
N GLY B 163 43.81 19.24 33.56
CA GLY B 163 44.93 18.60 34.21
C GLY B 163 44.64 17.52 35.22
N ALA B 164 43.42 16.97 35.24
CA ALA B 164 43.08 16.01 36.28
C ALA B 164 42.23 14.88 35.72
N CYS B 165 42.38 13.71 36.34
CA CYS B 165 41.52 12.58 36.11
C CYS B 165 40.32 12.66 37.06
N PHE B 166 39.11 12.50 36.51
CA PHE B 166 37.93 12.34 37.35
C PHE B 166 38.12 11.14 38.25
N ALA B 167 38.03 11.35 39.56
CA ALA B 167 38.22 10.26 40.50
C ALA B 167 37.24 9.12 40.25
N ALA B 168 36.05 9.40 39.71
CA ALA B 168 35.05 8.35 39.51
C ALA B 168 35.43 7.40 38.40
N TYR B 169 36.05 7.92 37.33
CA TYR B 169 36.46 7.10 36.20
C TYR B 169 37.83 6.46 36.38
N PHE B 170 38.63 6.93 37.36
CA PHE B 170 40.02 6.50 37.50
C PHE B 170 40.44 6.13 38.93
N ALA B 171 39.90 6.76 39.96
CA ALA B 171 40.29 6.38 41.31
C ALA B 171 39.42 5.23 41.84
N GLY B 172 38.10 5.33 41.68
CA GLY B 172 37.18 4.40 42.32
C GLY B 172 37.33 2.97 41.84
N ASN B 173 37.72 2.78 40.60
CA ASN B 173 38.00 1.46 40.04
C ASN B 173 39.50 1.10 40.08
N LEU B 174 40.32 1.84 40.83
CA LEU B 174 41.76 1.62 40.78
C LEU B 174 42.26 1.62 39.35
N SER B 175 41.68 2.48 38.53
CA SER B 175 42.08 2.71 37.14
C SER B 175 41.97 1.47 36.28
N GLN B 176 41.14 0.53 36.71
CA GLN B 176 40.72 -0.56 35.86
C GLN B 176 39.68 -0.06 34.86
N MET B 177 39.75 -0.55 33.64
CA MET B 177 38.74 -0.21 32.64
C MET B 177 37.52 -1.13 32.74
N GLY B 178 36.42 -0.67 32.15
CA GLY B 178 35.20 -1.45 32.12
C GLY B 178 34.38 -1.43 33.39
N THR B 179 34.91 -0.90 34.48
CA THR B 179 34.22 -0.87 35.75
C THR B 179 34.51 0.45 36.45
N LEU B 180 33.72 0.72 37.49
CA LEU B 180 33.84 1.92 38.29
C LEU B 180 33.97 1.62 39.77
N ILE B 181 34.04 0.35 40.14
CA ILE B 181 34.19 -0.02 41.56
C ILE B 181 35.50 -0.78 41.70
N PRO B 182 36.01 -0.89 42.91
CA PRO B 182 37.28 -1.58 43.11
C PRO B 182 37.15 -3.04 42.76
N PRO B 183 38.07 -3.58 41.96
CA PRO B 183 38.10 -5.04 41.79
C PRO B 183 38.26 -5.69 43.15
N LYS B 184 37.64 -6.86 43.31
CA LYS B 184 37.69 -7.49 44.62
C LYS B 184 38.98 -8.25 44.84
N LYS B 185 39.66 -8.70 43.78
CA LYS B 185 40.85 -9.49 44.07
C LYS B 185 42.09 -9.20 43.23
N LYS B 186 41.96 -8.77 41.97
CA LYS B 186 43.04 -8.94 40.99
C LYS B 186 43.05 -7.72 40.08
N VAL B 187 44.11 -6.91 40.17
CA VAL B 187 44.20 -5.60 39.54
C VAL B 187 45.25 -5.64 38.45
N ASN B 188 44.93 -5.06 37.29
CA ASN B 188 45.94 -4.82 36.26
C ASN B 188 46.75 -3.57 36.60
N ILE B 189 48.08 -3.68 36.53
CA ILE B 189 48.97 -2.52 36.65
C ILE B 189 49.51 -2.18 35.27
N TYR B 190 49.62 -0.88 34.99
CA TYR B 190 50.09 -0.41 33.70
C TYR B 190 51.58 -0.09 33.82
N GLY B 191 52.39 -0.72 32.97
CA GLY B 191 53.81 -0.67 33.23
C GLY B 191 54.09 -1.12 34.64
N ASP B 192 55.01 -0.43 35.29
CA ASP B 192 55.33 -0.69 36.69
C ASP B 192 54.49 0.14 37.64
N GLY B 193 53.47 0.82 37.12
CA GLY B 193 52.59 1.59 37.98
C GLY B 193 53.33 2.61 38.83
N ASN B 194 54.40 3.19 38.29
CA ASN B 194 55.14 4.24 38.98
C ASN B 194 55.03 5.58 38.25
N VAL B 195 54.10 5.69 37.31
CA VAL B 195 53.87 6.92 36.55
C VAL B 195 52.91 7.82 37.33
N LYS B 196 53.31 9.07 37.54
CA LYS B 196 52.50 10.00 38.31
C LYS B 196 51.23 10.39 37.56
N VAL B 197 50.12 10.39 38.28
CA VAL B 197 48.77 10.65 37.78
C VAL B 197 48.11 11.57 38.79
N VAL B 198 47.06 12.28 38.36
CA VAL B 198 46.37 13.24 39.23
C VAL B 198 44.91 12.82 39.37
N TYR B 199 44.54 12.42 40.58
CA TYR B 199 43.22 11.88 40.87
C TYR B 199 42.43 12.92 41.66
N VAL B 200 41.33 13.41 41.08
CA VAL B 200 40.58 14.48 41.73
C VAL B 200 39.08 14.18 41.73
N ASP B 201 38.48 14.39 42.88
CA ASP B 201 37.03 14.37 43.03
C ASP B 201 36.40 15.41 42.09
N GLU B 202 35.44 14.96 41.29
CA GLU B 202 34.74 15.86 40.36
C GLU B 202 34.09 17.02 41.09
N ASP B 203 33.68 16.82 42.34
CA ASP B 203 33.10 17.93 43.08
C ASP B 203 34.15 19.00 43.38
N ASP B 204 35.42 18.60 43.59
CA ASP B 204 36.47 19.58 43.81
C ASP B 204 36.83 20.32 42.53
N ILE B 205 36.88 19.62 41.40
CA ILE B 205 37.05 20.27 40.10
C ILE B 205 35.99 21.33 39.89
N ALA B 206 34.76 21.06 40.32
CA ALA B 206 33.68 22.01 40.09
C ALA B 206 33.81 23.19 41.04
N GLU B 207 34.16 22.93 42.29
CA GLU B 207 34.39 24.01 43.23
C GLU B 207 35.53 24.91 42.74
N TYR B 208 36.65 24.32 42.32
CA TYR B 208 37.73 25.11 41.73
C TYR B 208 37.22 25.92 40.54
N THR B 209 36.41 25.29 39.69
CA THR B 209 35.83 25.99 38.57
C THR B 209 34.96 27.16 39.02
N ALA B 210 34.10 26.94 40.02
CA ALA B 210 33.24 28.02 40.47
C ALA B 210 34.05 29.15 41.09
N LYS B 211 35.23 28.84 41.62
CA LYS B 211 36.04 29.83 42.29
C LYS B 211 36.93 30.59 41.33
N THR B 212 37.36 29.95 40.25
CA THR B 212 38.23 30.63 39.30
C THR B 212 37.46 31.50 38.31
N LEU B 213 36.18 31.24 38.05
CA LEU B 213 35.55 31.84 36.88
C LEU B 213 35.42 33.35 36.97
N ASP B 214 35.58 33.96 38.13
CA ASP B 214 35.64 35.42 38.18
C ASP B 214 36.84 35.90 38.98
N ASP B 215 37.83 35.05 39.16
CA ASP B 215 39.10 35.41 39.75
C ASP B 215 39.91 36.25 38.76
N PRO B 216 40.30 37.47 39.12
CA PRO B 216 41.16 38.26 38.23
C PRO B 216 42.44 37.55 37.87
N ARG B 217 43.00 36.75 38.78
CA ARG B 217 44.28 36.13 38.54
C ARG B 217 44.26 35.14 37.40
N THR B 218 43.11 34.65 36.98
CA THR B 218 43.13 33.54 36.03
C THR B 218 42.52 33.90 34.69
N ILE B 219 42.25 35.16 34.45
CA ILE B 219 41.63 35.51 33.18
C ILE B 219 42.64 35.28 32.07
N ASN B 220 42.17 34.71 30.97
CA ASN B 220 43.00 34.36 29.82
C ASN B 220 44.19 33.49 30.22
N LYS B 221 43.97 32.64 31.22
CA LYS B 221 44.98 31.67 31.65
C LYS B 221 44.41 30.24 31.61
N THR B 222 45.32 29.28 31.59
CA THR B 222 45.02 27.89 31.88
C THR B 222 45.21 27.66 33.38
N VAL B 223 44.20 27.06 34.01
CA VAL B 223 44.30 26.65 35.42
C VAL B 223 44.47 25.14 35.46
N TYR B 224 45.50 24.69 36.16
CA TYR B 224 45.76 23.29 36.36
C TYR B 224 45.15 22.86 37.68
N VAL B 225 44.44 21.75 37.66
CA VAL B 225 43.87 21.17 38.86
C VAL B 225 44.81 20.02 39.21
N ARG B 226 45.71 20.26 40.14
CA ARG B 226 46.73 19.28 40.52
C ARG B 226 46.95 19.40 42.01
N PRO B 227 45.94 19.02 42.81
CA PRO B 227 46.09 19.07 44.27
C PRO B 227 47.21 18.13 44.69
N THR B 228 48.17 18.65 45.45
CA THR B 228 49.47 18.00 45.44
C THR B 228 49.42 16.60 46.07
N GLU B 229 48.58 16.38 47.10
CA GLU B 229 48.56 15.08 47.75
C GLU B 229 47.85 14.02 46.92
N ASN B 230 47.16 14.44 45.85
CA ASN B 230 46.47 13.55 44.95
C ASN B 230 47.26 13.25 43.69
N VAL B 231 48.46 13.79 43.58
CA VAL B 231 49.41 13.31 42.58
C VAL B 231 49.96 11.98 43.07
N LEU B 232 49.54 10.89 42.43
CA LEU B 232 49.84 9.55 42.89
C LEU B 232 50.10 8.66 41.70
N THR B 233 51.07 7.77 41.83
CA THR B 233 51.13 6.70 40.87
C THR B 233 49.94 5.77 41.06
N GLN B 234 49.65 5.00 40.02
CA GLN B 234 48.61 3.99 40.19
C GLN B 234 48.90 3.10 41.39
N MET B 235 50.12 2.55 41.48
CA MET B 235 50.35 1.63 42.58
C MET B 235 50.31 2.35 43.92
N GLU B 236 50.52 3.65 43.95
CA GLU B 236 50.20 4.38 45.16
C GLU B 236 48.71 4.28 45.46
N LEU B 237 47.88 4.56 44.46
CA LEU B 237 46.43 4.53 44.66
C LEU B 237 45.96 3.19 45.20
N VAL B 238 46.31 2.11 44.52
CA VAL B 238 45.93 0.79 45.00
C VAL B 238 46.47 0.53 46.39
N GLN B 239 47.70 0.96 46.68
CA GLN B 239 48.23 0.71 48.01
C GLN B 239 47.47 1.46 49.08
N ILE B 240 46.76 2.53 48.74
CA ILE B 240 45.88 3.15 49.72
C ILE B 240 44.60 2.35 49.86
N TRP B 241 44.08 1.82 48.75
CA TRP B 241 42.99 0.86 48.86
C TRP B 241 43.43 -0.34 49.69
N GLU B 242 44.57 -0.93 49.32
CA GLU B 242 45.08 -2.08 50.06
C GLU B 242 45.26 -1.77 51.54
N LYS B 243 45.52 -0.52 51.89
CA LYS B 243 45.68 -0.21 53.30
C LYS B 243 44.34 -0.10 54.00
N LEU B 244 43.28 0.27 53.27
CA LEU B 244 41.95 0.35 53.87
C LEU B 244 41.32 -1.03 53.94
N THR B 245 41.48 -1.83 52.89
CA THR B 245 41.02 -3.21 52.85
C THR B 245 41.74 -4.09 53.86
N GLY B 246 43.04 -3.84 54.06
CA GLY B 246 43.86 -4.77 54.80
C GLY B 246 44.25 -6.01 54.04
N LYS B 247 44.10 -6.02 52.71
CA LYS B 247 44.37 -7.23 51.94
C LYS B 247 45.11 -6.87 50.67
N GLU B 248 46.29 -7.44 50.50
CA GLU B 248 47.03 -7.28 49.26
C GLU B 248 46.17 -7.74 48.11
N LEU B 249 45.86 -6.84 47.18
CA LEU B 249 45.46 -7.35 45.89
C LEU B 249 46.67 -7.99 45.23
N GLU B 250 46.37 -8.80 44.24
CA GLU B 250 47.28 -9.47 43.36
C GLU B 250 47.45 -8.57 42.14
N LYS B 251 48.66 -8.53 41.55
CA LYS B 251 48.92 -7.56 40.48
C LYS B 251 49.45 -8.23 39.21
N THR B 252 49.27 -7.53 38.09
CA THR B 252 49.65 -8.04 36.78
C THR B 252 50.09 -6.88 35.92
N ASN B 253 51.38 -6.82 35.61
CA ASN B 253 52.05 -5.59 35.16
C ASN B 253 52.02 -5.43 33.64
N ILE B 254 50.81 -5.27 33.10
CA ILE B 254 50.63 -5.00 31.67
C ILE B 254 51.70 -4.05 31.15
N SER B 255 52.39 -4.46 30.09
CA SER B 255 53.48 -3.67 29.53
C SER B 255 52.96 -2.65 28.52
N ALA B 256 53.81 -1.67 28.22
CA ALA B 256 53.46 -0.69 27.21
C ALA B 256 53.12 -1.37 25.89
N ASN B 257 53.98 -2.30 25.45
CA ASN B 257 53.88 -2.80 24.07
C ASN B 257 52.56 -3.53 23.85
N ASP B 258 52.20 -4.43 24.76
CA ASP B 258 50.96 -5.19 24.60
C ASP B 258 49.75 -4.44 25.15
N PHE B 259 49.90 -3.17 25.51
CA PHE B 259 48.71 -2.39 25.79
C PHE B 259 47.98 -2.04 24.49
N LEU B 260 48.73 -1.67 23.46
CA LEU B 260 48.15 -1.16 22.21
C LEU B 260 47.49 -2.31 21.47
N ALA B 261 46.17 -2.44 21.61
CA ALA B 261 45.45 -3.60 21.08
C ALA B 261 44.52 -3.24 19.91
N ALA B 272 37.00 1.37 23.80
CA ALA B 272 36.90 2.82 23.97
C ALA B 272 37.86 3.37 25.02
N GLY B 273 38.46 4.52 24.73
CA GLY B 273 39.28 5.23 25.70
C GLY B 273 40.67 4.69 25.92
N LEU B 274 41.12 3.74 25.12
CA LEU B 274 42.46 3.18 25.29
C LEU B 274 43.54 4.21 25.00
N GLY B 275 43.31 5.10 24.02
CA GLY B 275 44.28 6.16 23.77
C GLY B 275 44.49 7.05 24.98
N HIS B 276 43.40 7.38 25.69
CA HIS B 276 43.50 8.23 26.87
C HIS B 276 44.29 7.54 27.98
N PHE B 277 43.93 6.30 28.29
CA PHE B 277 44.63 5.59 29.36
C PHE B 277 46.12 5.52 29.06
N TYR B 278 46.48 5.27 27.80
CA TYR B 278 47.87 5.17 27.42
C TYR B 278 48.60 6.47 27.69
N HIS B 279 48.04 7.58 27.20
CA HIS B 279 48.64 8.88 27.45
C HIS B 279 48.82 9.12 28.94
N ILE B 280 47.84 8.73 29.74
CA ILE B 280 47.87 9.07 31.15
C ILE B 280 48.85 8.18 31.90
N PHE B 281 48.74 6.87 31.75
CA PHE B 281 49.44 5.95 32.63
C PHE B 281 50.76 5.45 32.08
N TYR B 282 51.02 5.66 30.79
CA TYR B 282 52.31 5.27 30.20
C TYR B 282 53.18 6.47 29.88
N GLU B 283 52.65 7.44 29.13
CA GLU B 283 53.38 8.67 28.88
C GLU B 283 53.32 9.63 30.05
N GLY B 284 52.41 9.43 31.00
CA GLY B 284 52.35 10.31 32.16
C GLY B 284 52.04 11.75 31.82
N CYS B 285 51.16 11.98 30.85
CA CYS B 285 50.91 13.29 30.28
C CYS B 285 50.35 14.32 31.27
N LEU B 286 49.87 13.89 32.43
CA LEU B 286 49.32 14.83 33.40
C LEU B 286 50.37 15.35 34.37
N THR B 287 51.57 14.81 34.37
CA THR B 287 52.56 15.20 35.36
C THR B 287 53.93 15.49 34.77
N ASP B 288 54.07 15.51 33.44
CA ASP B 288 55.38 15.66 32.85
C ASP B 288 55.79 17.11 32.67
N HIS B 289 54.92 18.06 33.03
CA HIS B 289 55.25 19.48 33.16
C HIS B 289 55.25 19.87 34.64
N GLU B 290 56.05 20.86 35.01
CA GLU B 290 55.77 21.50 36.29
C GLU B 290 54.77 22.63 36.04
N VAL B 291 54.03 22.99 37.08
CA VAL B 291 53.03 24.05 37.02
C VAL B 291 53.24 24.98 38.19
N GLY B 292 53.23 26.29 37.93
CA GLY B 292 53.42 27.25 38.99
C GLY B 292 52.21 27.40 39.88
N ASP B 293 52.47 27.88 41.09
CA ASP B 293 51.38 28.12 42.04
C ASP B 293 50.39 29.15 41.53
N ASP B 294 50.80 30.06 40.68
CA ASP B 294 49.85 31.07 40.21
C ASP B 294 48.93 30.54 39.12
N GLU B 295 49.12 29.27 38.72
CA GLU B 295 48.28 28.61 37.74
C GLU B 295 47.80 27.23 38.20
N GLU B 296 47.91 26.93 39.50
CA GLU B 296 47.49 25.64 40.00
C GLU B 296 46.34 25.85 40.98
N ALA B 297 45.28 25.05 40.82
CA ALA B 297 44.03 25.33 41.54
C ALA B 297 44.19 25.20 43.04
N SER B 298 44.92 24.18 43.51
CA SER B 298 44.96 23.99 44.96
C SER B 298 45.71 25.11 45.64
N LYS B 299 46.65 25.77 44.95
CA LYS B 299 47.36 26.91 45.52
C LYS B 299 46.56 28.20 45.35
N LEU B 300 45.91 28.37 44.20
CA LEU B 300 45.05 29.54 44.01
C LEU B 300 43.94 29.58 45.05
N TYR B 301 43.39 28.41 45.39
CA TYR B 301 42.21 28.28 46.24
C TYR B 301 42.55 27.31 47.36
N PRO B 302 43.34 27.75 48.34
CA PRO B 302 43.79 26.85 49.39
C PRO B 302 42.70 26.53 50.37
N ASP B 303 41.62 27.32 50.38
CA ASP B 303 40.51 27.07 51.27
C ASP B 303 39.70 25.83 50.88
N VAL B 304 39.86 25.34 49.65
CA VAL B 304 39.14 24.18 49.15
C VAL B 304 39.77 22.93 49.73
N LYS B 305 39.06 22.25 50.63
CA LYS B 305 39.55 21.08 51.34
C LYS B 305 39.35 19.85 50.48
N TYR B 306 40.18 19.72 49.46
CA TYR B 306 39.94 18.72 48.45
C TYR B 306 39.97 17.33 49.06
N THR B 307 39.31 16.40 48.39
CA THR B 307 39.21 15.04 48.89
C THR B 307 40.51 14.31 48.54
N ARG B 308 41.20 13.83 49.56
CA ARG B 308 42.29 12.90 49.31
C ARG B 308 41.71 11.55 48.95
N MET B 309 42.46 10.81 48.16
CA MET B 309 41.92 9.57 47.64
C MET B 309 41.62 8.56 48.75
N ASP B 310 42.32 8.65 49.88
CA ASP B 310 42.03 7.71 50.96
C ASP B 310 40.60 7.89 51.45
N GLU B 311 40.21 9.13 51.71
CA GLU B 311 38.82 9.41 52.04
C GLU B 311 37.90 9.08 50.87
N TYR B 312 38.28 9.44 49.65
CA TYR B 312 37.41 9.19 48.50
C TYR B 312 37.07 7.71 48.37
N LEU B 313 38.02 6.84 48.68
CA LEU B 313 37.84 5.41 48.45
C LEU B 313 37.09 4.72 49.58
N LYS B 314 36.84 5.42 50.68
CA LYS B 314 36.18 4.81 51.82
C LYS B 314 34.73 4.42 51.53
N ILE B 315 34.08 5.05 50.55
CA ILE B 315 32.67 4.76 50.31
C ILE B 315 32.48 3.37 49.69
N PHE B 316 33.52 2.79 49.09
CA PHE B 316 33.42 1.45 48.52
C PHE B 316 33.69 0.35 49.53
N LEU B 317 34.09 0.68 50.75
CA LEU B 317 34.44 -0.35 51.70
C LEU B 317 33.23 -1.22 52.06
N GLY C 7 -17.11 12.67 -15.37
CA GLY C 7 -15.97 11.86 -14.93
C GLY C 7 -14.81 12.69 -14.38
N GLU C 8 -14.23 13.51 -15.26
CA GLU C 8 -13.22 14.49 -14.87
C GLU C 8 -13.81 15.86 -14.63
N LYS C 9 -15.11 16.02 -14.83
CA LYS C 9 -15.81 17.24 -14.47
C LYS C 9 -15.45 17.65 -13.05
N THR C 10 -15.29 18.95 -12.84
CA THR C 10 -15.43 19.49 -11.50
C THR C 10 -16.91 19.50 -11.12
N ARG C 11 -17.22 19.08 -9.90
CA ARG C 11 -18.61 19.06 -9.46
C ARG C 11 -18.87 20.26 -8.57
N VAL C 12 -19.87 21.05 -8.95
CA VAL C 12 -20.16 22.32 -8.30
C VAL C 12 -21.59 22.29 -7.76
N LEU C 13 -21.74 22.75 -6.53
CA LEU C 13 -23.02 22.99 -5.90
C LEU C 13 -23.30 24.48 -5.89
N VAL C 14 -24.43 24.89 -6.45
CA VAL C 14 -24.80 26.30 -6.44
C VAL C 14 -25.89 26.49 -5.39
N VAL C 15 -25.66 27.44 -4.50
CA VAL C 15 -26.52 27.75 -3.38
C VAL C 15 -27.08 29.14 -3.64
N GLY C 16 -28.40 29.26 -3.60
CA GLY C 16 -29.03 30.45 -4.12
C GLY C 16 -29.26 30.39 -5.61
N GLY C 17 -29.58 29.21 -6.13
CA GLY C 17 -29.66 28.97 -7.56
C GLY C 17 -30.80 29.65 -8.31
N THR C 18 -31.87 30.11 -7.62
CA THR C 18 -32.92 30.84 -8.31
C THR C 18 -32.80 32.37 -8.15
N GLY C 19 -31.72 32.83 -7.49
CA GLY C 19 -31.44 34.24 -7.39
C GLY C 19 -30.99 34.84 -8.71
N THR C 20 -30.87 36.17 -8.70
CA THR C 20 -30.50 36.89 -9.93
C THR C 20 -29.16 36.40 -10.45
N MET C 21 -28.13 36.37 -9.59
CA MET C 21 -26.83 35.86 -9.97
C MET C 21 -26.81 34.34 -9.94
N GLY C 22 -27.50 33.74 -8.98
CA GLY C 22 -27.48 32.30 -8.85
C GLY C 22 -27.97 31.58 -10.10
N ARG C 23 -29.05 32.08 -10.71
CA ARG C 23 -29.58 31.41 -11.88
C ARG C 23 -28.57 31.43 -13.02
N ARG C 24 -27.82 32.55 -13.14
CA ARG C 24 -26.79 32.70 -14.15
C ARG C 24 -25.56 31.88 -13.84
N ILE C 25 -25.23 31.72 -12.56
CA ILE C 25 -24.11 30.87 -12.24
C ILE C 25 -24.44 29.40 -12.54
N VAL C 26 -25.70 29.01 -12.33
CA VAL C 26 -26.09 27.64 -12.65
C VAL C 26 -25.85 27.35 -14.12
N ARG C 27 -26.35 28.22 -15.00
CA ARG C 27 -26.22 27.93 -16.43
C ARG C 27 -24.79 28.03 -16.90
N ALA C 28 -24.00 28.90 -16.25
CA ALA C 28 -22.61 29.10 -16.66
C ALA C 28 -21.75 27.92 -16.25
N CYS C 29 -22.01 27.33 -15.09
CA CYS C 29 -21.37 26.09 -14.75
C CYS C 29 -21.71 24.99 -15.75
N LEU C 30 -22.98 24.88 -16.11
CA LEU C 30 -23.37 23.91 -17.13
C LEU C 30 -22.67 24.21 -18.44
N ALA C 31 -22.67 25.48 -18.87
CA ALA C 31 -22.05 25.84 -20.14
C ALA C 31 -20.59 25.42 -20.18
N GLU C 32 -19.88 25.55 -19.06
CA GLU C 32 -18.49 25.16 -18.92
C GLU C 32 -18.30 23.67 -18.77
N GLY C 33 -19.36 22.88 -18.64
CA GLY C 33 -19.25 21.45 -18.59
C GLY C 33 -19.06 20.86 -17.21
N HIS C 34 -19.21 21.66 -16.18
CA HIS C 34 -19.23 21.11 -14.83
C HIS C 34 -20.48 20.26 -14.61
N GLU C 35 -20.34 19.20 -13.84
CA GLU C 35 -21.51 18.53 -13.31
C GLU C 35 -22.09 19.42 -12.23
N THR C 36 -23.29 19.93 -12.47
CA THR C 36 -23.83 21.05 -11.71
C THR C 36 -25.02 20.62 -10.85
N TYR C 37 -24.93 20.90 -9.58
CA TYR C 37 -25.94 20.61 -8.57
C TYR C 37 -26.45 21.92 -7.99
N VAL C 38 -27.75 22.04 -7.84
CA VAL C 38 -28.40 23.23 -7.30
C VAL C 38 -29.08 22.89 -5.99
N LEU C 39 -28.88 23.72 -4.99
CA LEU C 39 -29.53 23.48 -3.72
C LEU C 39 -31.03 23.74 -3.83
N GLN C 40 -31.82 22.78 -3.38
CA GLN C 40 -33.28 22.91 -3.36
C GLN C 40 -33.74 23.02 -1.91
N GLN C 41 -34.06 24.23 -1.50
CA GLN C 41 -34.61 24.54 -0.19
C GLN C 41 -36.12 24.27 -0.14
N PRO C 42 -36.62 23.89 1.03
CA PRO C 42 -38.07 23.72 1.18
C PRO C 42 -38.80 24.98 0.78
N GLU C 43 -40.01 24.79 0.25
CA GLU C 43 -40.83 25.93 -0.13
C GLU C 43 -41.31 26.66 1.11
N THR C 44 -41.21 27.98 1.08
CA THR C 44 -41.79 28.83 2.12
C THR C 44 -43.14 29.39 1.71
N ARG C 45 -43.50 29.30 0.43
CA ARG C 45 -44.75 29.79 -0.11
C ARG C 45 -45.10 28.94 -1.33
N VAL C 46 -46.27 29.20 -1.90
CA VAL C 46 -46.58 28.70 -3.24
C VAL C 46 -45.92 29.67 -4.21
N ASP C 47 -44.84 29.25 -4.84
CA ASP C 47 -43.97 30.14 -5.62
C ASP C 47 -43.69 29.47 -6.96
N ILE C 48 -44.59 29.65 -7.91
CA ILE C 48 -44.49 28.91 -9.16
C ILE C 48 -43.21 29.26 -9.89
N GLU C 49 -42.82 30.54 -9.88
CA GLU C 49 -41.67 30.98 -10.65
C GLU C 49 -40.39 30.35 -10.12
N LYS C 50 -40.24 30.30 -8.80
CA LYS C 50 -39.05 29.70 -8.23
C LYS C 50 -38.99 28.20 -8.54
N VAL C 51 -40.11 27.49 -8.35
CA VAL C 51 -40.15 26.05 -8.58
C VAL C 51 -39.85 25.74 -10.04
N GLN C 52 -40.51 26.45 -10.94
CA GLN C 52 -40.31 26.13 -12.35
C GLN C 52 -38.90 26.45 -12.80
N LEU C 53 -38.31 27.52 -12.25
CA LEU C 53 -36.90 27.81 -12.54
C LEU C 53 -36.00 26.68 -12.07
N LEU C 54 -36.17 26.24 -10.83
CA LEU C 54 -35.32 25.16 -10.32
C LEU C 54 -35.43 23.92 -11.18
N TYR C 55 -36.64 23.58 -11.63
CA TYR C 55 -36.82 22.36 -12.38
C TYR C 55 -36.42 22.51 -13.83
N SER C 56 -36.41 23.73 -14.37
CA SER C 56 -35.85 23.91 -15.70
C SER C 56 -34.37 23.57 -15.73
N TYR C 57 -33.65 23.73 -14.61
CA TYR C 57 -32.24 23.34 -14.56
C TYR C 57 -32.05 21.86 -14.83
N LYS C 58 -32.99 21.01 -14.41
CA LYS C 58 -32.85 19.58 -14.62
C LYS C 58 -32.82 19.25 -16.10
N ARG C 59 -33.63 19.96 -16.89
CA ARG C 59 -33.70 19.74 -18.33
C ARG C 59 -32.40 20.14 -19.00
N LEU C 60 -31.66 21.09 -18.43
CA LEU C 60 -30.35 21.44 -18.94
C LEU C 60 -29.25 20.53 -18.43
N GLY C 61 -29.58 19.56 -17.60
CA GLY C 61 -28.59 18.60 -17.14
C GLY C 61 -28.13 18.76 -15.71
N ALA C 62 -28.68 19.71 -14.97
CA ALA C 62 -28.32 19.88 -13.57
C ALA C 62 -29.09 18.89 -12.70
N ARG C 63 -28.59 18.67 -11.49
CA ARG C 63 -29.25 17.90 -10.46
C ARG C 63 -29.67 18.81 -9.31
N LEU C 64 -30.79 18.47 -8.69
CA LEU C 64 -31.24 19.15 -7.49
C LEU C 64 -30.86 18.32 -6.28
N ILE C 65 -30.41 18.99 -5.23
CA ILE C 65 -30.23 18.37 -3.93
C ILE C 65 -31.06 19.16 -2.93
N GLU C 66 -32.02 18.49 -2.32
CA GLU C 66 -32.80 19.07 -1.26
C GLU C 66 -31.97 19.13 0.01
N ALA C 67 -31.98 20.29 0.64
CA ALA C 67 -31.35 20.49 1.93
C ALA C 67 -31.97 21.73 2.53
N SER C 68 -31.70 21.93 3.80
CA SER C 68 -32.27 23.04 4.53
C SER C 68 -31.17 23.57 5.43
N PHE C 69 -31.00 24.91 5.46
CA PHE C 69 -30.02 25.51 6.35
C PHE C 69 -30.37 25.29 7.82
N SER C 70 -31.64 24.93 8.11
CA SER C 70 -32.07 24.58 9.45
C SER C 70 -31.67 23.16 9.83
N ASP C 71 -31.13 22.39 8.91
CA ASP C 71 -30.81 20.99 9.13
C ASP C 71 -29.35 20.82 8.75
N HIS C 72 -28.49 20.85 9.76
CA HIS C 72 -27.06 20.81 9.53
C HIS C 72 -26.65 19.57 8.75
N GLN C 73 -27.24 18.42 9.06
CA GLN C 73 -26.81 17.20 8.40
C GLN C 73 -27.29 17.12 6.96
N SER C 74 -28.32 17.89 6.59
CA SER C 74 -28.69 17.94 5.19
C SER C 74 -27.72 18.81 4.40
N LEU C 75 -27.17 19.86 5.03
CA LEU C 75 -26.10 20.62 4.40
C LEU C 75 -24.87 19.77 4.21
N VAL C 76 -24.48 19.04 5.26
CA VAL C 76 -23.29 18.20 5.15
C VAL C 76 -23.44 17.20 4.01
N SER C 77 -24.61 16.56 3.89
CA SER C 77 -24.76 15.53 2.87
C SER C 77 -24.70 16.11 1.47
N ALA C 78 -25.26 17.31 1.28
CA ALA C 78 -25.22 17.93 -0.03
C ALA C 78 -23.78 18.21 -0.45
N VAL C 79 -23.01 18.87 0.42
CA VAL C 79 -21.66 19.29 0.03
C VAL C 79 -20.70 18.12 -0.15
N LYS C 80 -20.95 17.00 0.50
CA LYS C 80 -20.14 15.82 0.27
C LYS C 80 -20.27 15.27 -1.13
N GLN C 81 -21.24 15.73 -1.91
CA GLN C 81 -21.40 15.17 -3.24
C GLN C 81 -20.69 16.00 -4.29
N VAL C 82 -20.07 17.11 -3.92
CA VAL C 82 -19.47 18.02 -4.87
C VAL C 82 -18.03 18.32 -4.49
N ASP C 83 -17.33 18.92 -5.44
CA ASP C 83 -15.98 19.39 -5.19
C ASP C 83 -15.93 20.87 -4.87
N ILE C 84 -16.87 21.66 -5.38
CA ILE C 84 -16.82 23.09 -5.22
C ILE C 84 -18.21 23.64 -4.93
N VAL C 85 -18.28 24.59 -4.00
CA VAL C 85 -19.52 25.26 -3.64
C VAL C 85 -19.44 26.72 -4.03
N VAL C 86 -20.47 27.22 -4.68
CA VAL C 86 -20.65 28.64 -4.97
C VAL C 86 -21.99 29.07 -4.40
N ALA C 87 -21.99 30.16 -3.64
CA ALA C 87 -23.18 30.69 -3.00
C ALA C 87 -23.47 32.09 -3.53
N ALA C 88 -24.75 32.42 -3.73
CA ALA C 88 -25.14 33.73 -4.25
C ALA C 88 -26.44 34.18 -3.56
N MET C 89 -26.39 34.32 -2.24
CA MET C 89 -27.57 34.67 -1.46
C MET C 89 -27.90 36.15 -1.64
N SER C 90 -29.12 36.48 -1.24
CA SER C 90 -29.59 37.86 -1.27
C SER C 90 -28.67 38.76 -0.48
N GLY C 91 -28.63 40.02 -0.89
CA GLY C 91 -28.01 41.07 -0.10
C GLY C 91 -28.46 42.44 -0.56
N SER C 98 -29.55 37.71 4.39
CA SER C 98 -29.35 36.38 3.85
C SER C 98 -27.87 35.95 3.84
N ILE C 99 -26.95 36.91 3.84
CA ILE C 99 -25.51 36.62 3.79
C ILE C 99 -25.09 35.72 4.95
N LEU C 100 -25.49 36.05 6.17
CA LEU C 100 -25.05 35.33 7.35
C LEU C 100 -25.52 33.88 7.36
N VAL C 101 -26.49 33.51 6.54
CA VAL C 101 -26.87 32.11 6.48
C VAL C 101 -25.72 31.24 5.98
N GLN C 102 -24.74 31.84 5.29
CA GLN C 102 -23.62 31.05 4.82
C GLN C 102 -22.77 30.51 5.96
N LEU C 103 -22.89 31.11 7.15
CA LEU C 103 -22.18 30.56 8.29
C LEU C 103 -22.56 29.10 8.52
N LYS C 104 -23.84 28.78 8.44
CA LYS C 104 -24.26 27.38 8.55
C LYS C 104 -23.66 26.56 7.43
N LEU C 105 -23.56 27.15 6.23
CA LEU C 105 -22.97 26.46 5.09
C LEU C 105 -21.47 26.24 5.29
N VAL C 106 -20.79 27.22 5.88
CA VAL C 106 -19.36 27.06 6.16
C VAL C 106 -19.15 25.93 7.17
N GLU C 107 -19.95 25.92 8.24
CA GLU C 107 -19.85 24.84 9.21
C GLU C 107 -19.98 23.46 8.54
N ALA C 108 -20.90 23.35 7.59
CA ALA C 108 -21.09 22.07 6.89
C ALA C 108 -19.86 21.71 6.06
N ILE C 109 -19.28 22.69 5.37
CA ILE C 109 -18.13 22.42 4.52
C ILE C 109 -16.96 21.96 5.36
N LYS C 110 -16.71 22.64 6.49
CA LYS C 110 -15.67 22.24 7.42
C LYS C 110 -15.82 20.79 7.84
N GLU C 111 -17.03 20.39 8.24
CA GLU C 111 -17.26 19.01 8.67
C GLU C 111 -17.13 18.03 7.51
N ALA C 112 -17.72 18.36 6.36
CA ALA C 112 -17.63 17.47 5.21
C ALA C 112 -16.17 17.18 4.85
N GLY C 113 -15.37 18.24 4.73
CA GLY C 113 -13.96 18.07 4.53
C GLY C 113 -13.52 17.79 3.11
N ASN C 114 -14.44 17.61 2.17
CA ASN C 114 -14.06 17.25 0.81
C ASN C 114 -14.06 18.43 -0.16
N ILE C 115 -14.43 19.62 0.29
CA ILE C 115 -14.63 20.73 -0.63
C ILE C 115 -13.29 21.38 -0.97
N LYS C 116 -12.93 21.34 -2.26
CA LYS C 116 -11.71 21.95 -2.78
C LYS C 116 -11.78 23.46 -2.87
N ARG C 117 -12.96 24.06 -2.96
CA ARG C 117 -13.02 25.51 -2.91
C ARG C 117 -14.45 25.98 -2.66
N PHE C 118 -14.55 27.13 -2.00
CA PHE C 118 -15.83 27.76 -1.71
C PHE C 118 -15.81 29.20 -2.21
N LEU C 119 -16.75 29.54 -3.09
CA LEU C 119 -16.96 30.92 -3.49
C LEU C 119 -18.20 31.48 -2.81
N PRO C 120 -18.05 32.34 -1.83
CA PRO C 120 -19.19 32.89 -1.11
C PRO C 120 -19.85 34.03 -1.88
N SER C 121 -21.00 34.48 -1.34
CA SER C 121 -21.84 35.45 -2.04
C SER C 121 -21.21 36.83 -1.95
N GLU C 122 -20.45 37.18 -2.98
CA GLU C 122 -19.81 38.48 -3.05
C GLU C 122 -20.38 39.29 -4.21
N PHE C 123 -19.73 39.16 -5.38
CA PHE C 123 -20.15 39.74 -6.65
C PHE C 123 -20.53 41.20 -6.61
N GLY C 124 -19.91 41.98 -5.75
CA GLY C 124 -20.19 43.41 -5.66
C GLY C 124 -18.98 44.17 -5.18
N MET C 125 -19.23 45.29 -4.51
CA MET C 125 -18.13 46.05 -3.93
C MET C 125 -17.28 45.14 -3.06
N ASP C 126 -15.97 45.30 -3.12
CA ASP C 126 -15.17 44.54 -2.18
C ASP C 126 -15.42 45.07 -0.78
N PRO C 127 -16.12 44.33 0.09
CA PRO C 127 -16.45 44.88 1.40
C PRO C 127 -15.23 45.21 2.24
N SER C 128 -14.08 44.56 1.98
CA SER C 128 -12.87 44.78 2.75
C SER C 128 -12.12 46.05 2.32
N ARG C 129 -12.77 46.96 1.62
CA ARG C 129 -12.20 48.27 1.32
C ARG C 129 -13.19 49.38 1.65
N MET C 130 -14.23 49.05 2.41
CA MET C 130 -15.30 49.99 2.74
C MET C 130 -15.29 50.39 4.21
N GLY C 131 -14.13 50.35 4.85
CA GLY C 131 -14.01 50.86 6.21
C GLY C 131 -13.92 52.37 6.27
N ASP C 142 -19.94 44.41 9.06
CA ASP C 142 -20.35 43.99 7.73
C ASP C 142 -20.33 42.46 7.58
N GLN C 143 -21.44 41.92 7.07
CA GLN C 143 -21.71 40.48 7.13
C GLN C 143 -20.87 39.66 6.14
N LYS C 144 -20.50 40.24 5.00
CA LYS C 144 -19.65 39.52 4.06
C LYS C 144 -18.27 39.24 4.63
N LEU C 145 -17.72 40.19 5.40
CA LEU C 145 -16.42 39.95 6.01
C LEU C 145 -16.52 38.90 7.12
N GLU C 146 -17.63 38.92 7.86
CA GLU C 146 -17.87 37.89 8.85
C GLU C 146 -17.89 36.53 8.19
N VAL C 147 -18.46 36.44 6.99
CA VAL C 147 -18.46 35.17 6.29
C VAL C 147 -17.05 34.81 5.83
N ARG C 148 -16.32 35.80 5.28
CA ARG C 148 -14.92 35.57 4.91
C ARG C 148 -14.13 35.04 6.10
N ASN C 149 -14.26 35.70 7.25
CA ASN C 149 -13.47 35.30 8.40
C ASN C 149 -13.75 33.84 8.78
N ALA C 150 -15.00 33.42 8.70
CA ALA C 150 -15.33 32.02 8.98
C ALA C 150 -14.72 31.08 7.95
N ILE C 151 -14.80 31.44 6.67
CA ILE C 151 -14.18 30.59 5.64
C ILE C 151 -12.72 30.37 5.97
N GLU C 152 -12.00 31.45 6.27
CA GLU C 152 -10.55 31.34 6.41
C GLU C 152 -10.16 30.74 7.75
N ALA C 153 -10.92 31.02 8.82
CA ALA C 153 -10.62 30.35 10.08
C ALA C 153 -10.76 28.83 9.94
N ALA C 154 -11.68 28.38 9.10
CA ALA C 154 -11.88 26.95 8.93
C ALA C 154 -10.91 26.34 7.93
N GLY C 155 -10.10 27.16 7.28
CA GLY C 155 -9.17 26.63 6.32
C GLY C 155 -9.79 26.18 5.03
N ILE C 156 -10.92 26.74 4.65
CA ILE C 156 -11.59 26.39 3.41
C ILE C 156 -10.99 27.24 2.29
N PRO C 157 -10.36 26.63 1.29
CA PRO C 157 -9.87 27.40 0.14
C PRO C 157 -10.99 28.20 -0.50
N HIS C 158 -10.66 29.40 -0.97
CA HIS C 158 -11.70 30.34 -1.37
C HIS C 158 -11.26 31.15 -2.60
N THR C 159 -12.27 31.72 -3.27
CA THR C 159 -12.07 32.78 -4.24
C THR C 159 -13.18 33.79 -4.01
N TYR C 160 -12.82 35.06 -4.00
CA TYR C 160 -13.76 36.15 -3.81
C TYR C 160 -13.87 36.93 -5.10
N VAL C 161 -15.04 36.92 -5.71
CA VAL C 161 -15.29 37.61 -6.97
C VAL C 161 -15.98 38.93 -6.67
N VAL C 162 -15.30 40.04 -6.98
CA VAL C 162 -15.75 41.38 -6.61
C VAL C 162 -15.49 42.34 -7.76
N GLY C 163 -15.94 43.58 -7.59
CA GLY C 163 -15.46 44.70 -8.36
C GLY C 163 -16.37 45.30 -9.40
N ALA C 164 -17.60 44.79 -9.59
CA ALA C 164 -18.45 45.23 -10.70
C ALA C 164 -19.85 45.62 -10.24
N CYS C 165 -20.37 46.68 -10.84
CA CYS C 165 -21.80 46.98 -10.85
C CYS C 165 -22.49 46.07 -11.84
N PHE C 166 -23.59 45.45 -11.42
CA PHE C 166 -24.46 44.72 -12.34
C PHE C 166 -24.99 45.67 -13.38
N ALA C 167 -24.85 45.31 -14.65
CA ALA C 167 -25.27 46.22 -15.70
C ALA C 167 -26.76 46.47 -15.65
N ALA C 168 -27.54 45.50 -15.17
CA ALA C 168 -28.99 45.66 -15.13
C ALA C 168 -29.40 46.71 -14.11
N TYR C 169 -28.68 46.76 -12.99
CA TYR C 169 -28.99 47.70 -11.92
C TYR C 169 -28.35 49.08 -12.12
N PHE C 170 -27.29 49.21 -12.94
CA PHE C 170 -26.57 50.47 -13.07
C PHE C 170 -26.38 50.98 -14.49
N ALA C 171 -26.43 50.13 -15.51
CA ALA C 171 -26.21 50.57 -16.88
C ALA C 171 -27.50 50.80 -17.66
N GLY C 172 -28.44 49.85 -17.62
CA GLY C 172 -29.65 49.97 -18.41
C GLY C 172 -30.48 51.18 -18.05
N ASN C 173 -30.36 51.65 -16.82
CA ASN C 173 -31.04 52.85 -16.34
C ASN C 173 -30.12 54.08 -16.40
N LEU C 174 -28.94 53.96 -17.01
CA LEU C 174 -27.97 55.06 -17.00
C LEU C 174 -27.73 55.55 -15.57
N SER C 175 -27.69 54.60 -14.63
CA SER C 175 -27.36 54.84 -13.24
C SER C 175 -28.40 55.71 -12.53
N GLN C 176 -29.62 55.81 -13.06
CA GLN C 176 -30.70 56.44 -12.30
C GLN C 176 -31.32 55.45 -11.33
N MET C 177 -31.79 55.97 -10.20
CA MET C 177 -32.42 55.13 -9.19
C MET C 177 -33.92 55.02 -9.45
N GLY C 178 -34.52 54.00 -8.85
CA GLY C 178 -35.95 53.78 -8.98
C GLY C 178 -36.41 53.22 -10.31
N THR C 179 -35.51 52.94 -11.24
CA THR C 179 -35.89 52.41 -12.53
C THR C 179 -34.79 51.52 -13.03
N LEU C 180 -35.10 50.77 -14.09
CA LEU C 180 -34.14 49.87 -14.72
C LEU C 180 -34.06 50.11 -16.22
N ILE C 181 -34.73 51.12 -16.74
CA ILE C 181 -34.68 51.40 -18.17
C ILE C 181 -34.16 52.81 -18.41
N PRO C 182 -33.78 53.13 -19.63
CA PRO C 182 -33.26 54.44 -19.95
C PRO C 182 -34.30 55.52 -19.80
N PRO C 183 -33.94 56.67 -19.24
CA PRO C 183 -34.85 57.81 -19.21
C PRO C 183 -35.24 58.29 -20.61
N LYS C 184 -36.42 58.89 -20.67
CA LYS C 184 -36.91 59.49 -21.91
C LYS C 184 -36.23 60.83 -22.20
N LYS C 185 -36.01 61.65 -21.17
CA LYS C 185 -35.66 63.04 -21.38
C LYS C 185 -34.58 63.51 -20.42
N LYS C 186 -34.77 63.24 -19.13
CA LYS C 186 -34.02 63.85 -18.06
C LYS C 186 -33.17 62.79 -17.37
N VAL C 187 -31.98 63.19 -16.94
CA VAL C 187 -31.03 62.27 -16.31
C VAL C 187 -30.20 63.03 -15.29
N ASN C 188 -30.13 62.51 -14.07
CA ASN C 188 -29.28 63.08 -13.06
C ASN C 188 -27.84 62.57 -13.20
N ILE C 189 -26.89 63.50 -13.09
CA ILE C 189 -25.46 63.20 -13.17
C ILE C 189 -24.89 63.40 -11.79
N TYR C 190 -24.31 62.34 -11.23
CA TYR C 190 -23.74 62.43 -9.89
C TYR C 190 -22.41 63.17 -9.97
N GLY C 191 -22.30 64.25 -9.21
CA GLY C 191 -21.15 65.12 -9.36
C GLY C 191 -21.03 65.59 -10.78
N ASP C 192 -19.82 65.55 -11.32
CA ASP C 192 -19.59 65.88 -12.71
C ASP C 192 -19.73 64.67 -13.63
N GLY C 193 -20.06 63.49 -13.08
CA GLY C 193 -20.12 62.30 -13.90
C GLY C 193 -18.78 61.91 -14.49
N ASN C 194 -17.70 62.21 -13.79
CA ASN C 194 -16.35 61.96 -14.26
C ASN C 194 -15.62 60.92 -13.42
N VAL C 195 -16.32 60.29 -12.48
CA VAL C 195 -15.76 59.20 -11.68
C VAL C 195 -15.92 57.89 -12.44
N LYS C 196 -14.85 57.11 -12.54
CA LYS C 196 -14.90 55.86 -13.29
C LYS C 196 -15.61 54.78 -12.48
N VAL C 197 -16.53 54.10 -13.14
CA VAL C 197 -17.33 53.02 -12.57
C VAL C 197 -17.13 51.80 -13.47
N VAL C 198 -17.41 50.61 -12.92
CA VAL C 198 -17.24 49.35 -13.65
C VAL C 198 -18.62 48.75 -13.93
N TYR C 199 -19.03 48.74 -15.19
CA TYR C 199 -20.34 48.23 -15.59
C TYR C 199 -20.17 46.87 -16.27
N VAL C 200 -20.75 45.82 -15.66
CA VAL C 200 -20.57 44.48 -16.20
C VAL C 200 -21.89 43.73 -16.29
N ASP C 201 -22.11 43.14 -17.44
CA ASP C 201 -23.24 42.27 -17.66
C ASP C 201 -23.17 41.07 -16.74
N GLU C 202 -24.24 40.86 -15.97
CA GLU C 202 -24.25 39.78 -14.98
C GLU C 202 -23.94 38.42 -15.59
N ASP C 203 -24.33 38.18 -16.85
CA ASP C 203 -23.92 36.95 -17.52
C ASP C 203 -22.41 36.79 -17.49
N ASP C 204 -21.69 37.88 -17.80
CA ASP C 204 -20.22 37.82 -17.84
C ASP C 204 -19.64 37.60 -16.45
N ILE C 205 -20.22 38.24 -15.44
CA ILE C 205 -19.81 37.94 -14.07
C ILE C 205 -20.01 36.46 -13.77
N ALA C 206 -21.13 35.89 -14.22
CA ALA C 206 -21.36 34.47 -13.97
C ALA C 206 -20.39 33.61 -14.77
N GLU C 207 -20.11 33.98 -16.01
CA GLU C 207 -19.16 33.18 -16.80
C GLU C 207 -17.76 33.27 -16.21
N TYR C 208 -17.31 34.47 -15.84
CA TYR C 208 -16.05 34.59 -15.13
C TYR C 208 -16.01 33.70 -13.89
N THR C 209 -17.09 33.70 -13.11
CA THR C 209 -17.17 32.87 -11.91
C THR C 209 -17.04 31.39 -12.26
N ALA C 210 -17.70 30.95 -13.32
CA ALA C 210 -17.63 29.53 -13.66
C ALA C 210 -16.25 29.13 -14.14
N LYS C 211 -15.54 30.05 -14.81
CA LYS C 211 -14.20 29.77 -15.29
C LYS C 211 -13.18 29.82 -14.16
N THR C 212 -13.43 30.62 -13.14
CA THR C 212 -12.41 30.83 -12.12
C THR C 212 -12.45 29.78 -11.00
N LEU C 213 -13.59 29.11 -10.80
CA LEU C 213 -13.79 28.33 -9.59
C LEU C 213 -12.92 27.09 -9.51
N ASP C 214 -12.34 26.63 -10.61
CA ASP C 214 -11.35 25.56 -10.52
C ASP C 214 -10.02 25.95 -11.18
N ASP C 215 -9.77 27.25 -11.32
CA ASP C 215 -8.55 27.75 -11.89
C ASP C 215 -7.48 27.78 -10.81
N PRO C 216 -6.41 27.01 -10.95
CA PRO C 216 -5.39 27.00 -9.89
C PRO C 216 -4.78 28.36 -9.64
N ARG C 217 -4.84 29.28 -10.61
CA ARG C 217 -4.27 30.60 -10.43
C ARG C 217 -5.06 31.48 -9.46
N THR C 218 -6.33 31.15 -9.20
CA THR C 218 -7.16 32.02 -8.38
C THR C 218 -7.48 31.42 -7.02
N ILE C 219 -6.89 30.29 -6.65
CA ILE C 219 -7.24 29.73 -5.35
C ILE C 219 -6.72 30.63 -4.24
N ASN C 220 -7.60 30.96 -3.31
CA ASN C 220 -7.26 31.80 -2.18
C ASN C 220 -6.92 33.21 -2.63
N LYS C 221 -7.58 33.66 -3.69
CA LYS C 221 -7.40 35.00 -4.19
C LYS C 221 -8.76 35.68 -4.30
N THR C 222 -8.71 37.02 -4.26
CA THR C 222 -9.79 37.86 -4.75
C THR C 222 -9.62 38.06 -6.25
N VAL C 223 -10.69 37.85 -7.01
CA VAL C 223 -10.67 38.10 -8.45
C VAL C 223 -11.48 39.34 -8.73
N TYR C 224 -10.88 40.30 -9.43
CA TYR C 224 -11.58 41.54 -9.78
C TYR C 224 -12.13 41.42 -11.18
N VAL C 225 -13.45 41.62 -11.30
CA VAL C 225 -14.12 41.65 -12.59
C VAL C 225 -14.12 43.10 -13.07
N ARG C 226 -13.14 43.44 -13.91
CA ARG C 226 -12.98 44.81 -14.40
C ARG C 226 -12.61 44.79 -15.87
N PRO C 227 -13.50 44.31 -16.73
CA PRO C 227 -13.18 44.31 -18.16
C PRO C 227 -12.80 45.70 -18.60
N THR C 228 -11.68 45.81 -19.30
CA THR C 228 -11.03 47.11 -19.46
C THR C 228 -11.95 48.11 -20.13
N GLU C 229 -12.63 47.71 -21.21
CA GLU C 229 -13.42 48.67 -21.97
C GLU C 229 -14.70 49.04 -21.27
N ASN C 230 -15.04 48.40 -20.16
CA ASN C 230 -16.26 48.67 -19.44
C ASN C 230 -16.03 49.52 -18.20
N VAL C 231 -14.83 50.07 -18.05
CA VAL C 231 -14.55 51.03 -17.00
C VAL C 231 -14.89 52.40 -17.57
N LEU C 232 -16.01 52.96 -17.12
CA LEU C 232 -16.62 54.13 -17.74
C LEU C 232 -17.09 55.05 -16.64
N THR C 233 -17.05 56.35 -16.91
CA THR C 233 -17.75 57.29 -16.05
C THR C 233 -19.22 57.30 -16.43
N GLN C 234 -20.04 57.75 -15.49
CA GLN C 234 -21.47 57.86 -15.77
C GLN C 234 -21.71 58.71 -16.99
N MET C 235 -21.01 59.83 -17.09
CA MET C 235 -21.18 60.69 -18.26
C MET C 235 -20.73 59.98 -19.53
N GLU C 236 -19.74 59.09 -19.44
CA GLU C 236 -19.41 58.26 -20.59
C GLU C 236 -20.55 57.30 -20.92
N LEU C 237 -21.16 56.68 -19.91
CA LEU C 237 -22.26 55.76 -20.20
C LEU C 237 -23.43 56.49 -20.82
N VAL C 238 -23.78 57.64 -20.28
CA VAL C 238 -24.88 58.42 -20.85
C VAL C 238 -24.58 58.78 -22.28
N GLN C 239 -23.32 59.01 -22.61
CA GLN C 239 -23.00 59.40 -23.97
C GLN C 239 -22.96 58.21 -24.93
N ILE C 240 -22.71 57.00 -24.42
CA ILE C 240 -22.94 55.82 -25.23
C ILE C 240 -24.41 55.76 -25.65
N TRP C 241 -25.30 56.08 -24.73
CA TRP C 241 -26.72 55.99 -25.00
C TRP C 241 -27.19 57.13 -25.89
N GLU C 242 -26.74 58.35 -25.60
CA GLU C 242 -27.07 59.46 -26.49
C GLU C 242 -26.57 59.19 -27.90
N LYS C 243 -25.46 58.48 -28.04
CA LYS C 243 -24.99 58.16 -29.39
C LYS C 243 -25.87 57.13 -30.08
N LEU C 244 -26.49 56.23 -29.31
CA LEU C 244 -27.39 55.22 -29.89
C LEU C 244 -28.76 55.80 -30.24
N THR C 245 -29.27 56.71 -29.42
CA THR C 245 -30.57 57.32 -29.70
C THR C 245 -30.47 58.57 -30.58
N GLY C 246 -29.30 59.20 -30.66
CA GLY C 246 -29.15 60.44 -31.38
C GLY C 246 -29.75 61.64 -30.70
N LYS C 247 -30.20 61.50 -29.46
CA LYS C 247 -30.84 62.58 -28.71
C LYS C 247 -30.00 62.86 -27.48
N GLU C 248 -29.77 64.14 -27.22
CA GLU C 248 -29.13 64.55 -25.99
C GLU C 248 -30.14 64.58 -24.87
N LEU C 249 -29.76 64.08 -23.72
CA LEU C 249 -30.62 64.15 -22.57
C LEU C 249 -30.32 65.43 -21.81
N GLU C 250 -31.36 65.96 -21.14
CA GLU C 250 -31.20 67.08 -20.24
C GLU C 250 -30.61 66.58 -18.92
N LYS C 251 -29.41 67.06 -18.59
CA LYS C 251 -28.67 66.61 -17.42
C LYS C 251 -28.71 67.67 -16.33
N THR C 252 -28.93 67.22 -15.09
CA THR C 252 -28.73 68.06 -13.92
C THR C 252 -27.77 67.34 -12.98
N ASN C 253 -26.69 68.02 -12.59
CA ASN C 253 -25.68 67.44 -11.72
C ASN C 253 -26.08 67.61 -10.27
N ILE C 254 -25.73 66.61 -9.46
CA ILE C 254 -26.06 66.59 -8.04
C ILE C 254 -24.74 66.62 -7.26
N SER C 255 -24.63 67.58 -6.35
CA SER C 255 -23.44 67.70 -5.53
C SER C 255 -23.41 66.61 -4.46
N ALA C 256 -22.22 66.36 -3.92
CA ALA C 256 -22.10 65.39 -2.84
C ALA C 256 -22.98 65.80 -1.66
N ASN C 257 -22.93 67.07 -1.26
CA ASN C 257 -23.71 67.51 -0.11
C ASN C 257 -25.20 67.36 -0.38
N ASP C 258 -25.65 67.82 -1.54
CA ASP C 258 -27.06 67.68 -1.88
C ASP C 258 -27.45 66.22 -2.02
N PHE C 259 -26.58 65.39 -2.61
CA PHE C 259 -26.83 63.96 -2.61
C PHE C 259 -26.90 63.42 -1.19
N LEU C 260 -26.07 63.95 -0.29
CA LEU C 260 -26.03 63.48 1.08
C LEU C 260 -27.10 64.12 1.96
N ALA C 261 -27.92 65.01 1.42
CA ALA C 261 -28.87 65.77 2.23
C ALA C 261 -29.81 64.91 3.07
N GLN C 271 -34.30 55.89 1.33
CA GLN C 271 -33.44 55.02 2.12
C GLN C 271 -32.61 54.07 1.24
N ALA C 272 -33.27 53.44 0.26
CA ALA C 272 -32.81 52.20 -0.36
C ALA C 272 -31.57 52.40 -1.23
N GLY C 273 -30.42 51.95 -0.73
CA GLY C 273 -29.21 51.86 -1.51
C GLY C 273 -28.42 53.14 -1.68
N LEU C 274 -28.87 54.26 -1.12
CA LEU C 274 -28.22 55.53 -1.39
C LEU C 274 -26.76 55.54 -0.99
N GLY C 275 -26.37 54.75 0.00
CA GLY C 275 -24.97 54.66 0.40
C GLY C 275 -24.10 54.05 -0.68
N HIS C 276 -24.43 52.82 -1.09
CA HIS C 276 -23.74 52.19 -2.22
C HIS C 276 -23.51 53.17 -3.37
N PHE C 277 -24.56 53.87 -3.79
CA PHE C 277 -24.42 54.81 -4.89
C PHE C 277 -23.34 55.85 -4.61
N TYR C 278 -23.29 56.33 -3.37
CA TYR C 278 -22.34 57.38 -3.03
C TYR C 278 -20.90 56.89 -3.17
N HIS C 279 -20.60 55.73 -2.58
CA HIS C 279 -19.26 55.16 -2.71
C HIS C 279 -18.89 54.93 -4.18
N ILE C 280 -19.82 54.40 -4.96
CA ILE C 280 -19.53 54.07 -6.35
C ILE C 280 -19.28 55.34 -7.17
N PHE C 281 -20.19 56.30 -7.08
CA PHE C 281 -20.23 57.41 -8.02
C PHE C 281 -19.58 58.68 -7.50
N TYR C 282 -19.51 58.86 -6.19
CA TYR C 282 -18.77 60.00 -5.64
C TYR C 282 -17.37 59.60 -5.18
N GLU C 283 -17.26 58.60 -4.32
CA GLU C 283 -15.95 58.13 -3.88
C GLU C 283 -15.23 57.29 -4.93
N GLY C 284 -15.94 56.74 -5.90
CA GLY C 284 -15.30 55.97 -6.94
C GLY C 284 -14.62 54.71 -6.43
N CYS C 285 -15.24 54.04 -5.45
CA CYS C 285 -14.64 52.89 -4.79
C CYS C 285 -14.31 51.74 -5.73
N LEU C 286 -14.94 51.65 -6.90
CA LEU C 286 -14.64 50.52 -7.76
C LEU C 286 -13.39 50.72 -8.60
N THR C 287 -12.85 51.94 -8.67
CA THR C 287 -11.75 52.24 -9.59
C THR C 287 -10.59 52.98 -8.91
N ASP C 288 -10.62 53.18 -7.59
CA ASP C 288 -9.60 53.95 -6.89
C ASP C 288 -8.35 53.14 -6.56
N HIS C 289 -8.28 51.91 -7.01
CA HIS C 289 -7.15 51.03 -6.82
C HIS C 289 -6.85 50.40 -8.16
N GLU C 290 -5.60 50.04 -8.39
CA GLU C 290 -5.33 49.29 -9.60
C GLU C 290 -5.35 47.80 -9.27
N VAL C 291 -5.51 46.98 -10.29
CA VAL C 291 -5.58 45.53 -10.13
C VAL C 291 -4.67 44.88 -11.16
N GLY C 292 -3.94 43.86 -10.75
CA GLY C 292 -3.04 43.20 -11.66
C GLY C 292 -3.75 42.22 -12.58
N ASP C 293 -3.12 41.96 -13.72
CA ASP C 293 -3.69 41.06 -14.71
C ASP C 293 -3.82 39.63 -14.18
N ASP C 294 -3.06 39.27 -13.16
CA ASP C 294 -3.15 37.94 -12.57
C ASP C 294 -4.29 37.84 -11.57
N GLU C 295 -4.97 38.94 -11.32
CA GLU C 295 -6.16 38.95 -10.47
C GLU C 295 -7.35 39.61 -11.17
N GLU C 296 -7.29 39.88 -12.47
CA GLU C 296 -8.41 40.51 -13.16
C GLU C 296 -9.06 39.53 -14.12
N ALA C 297 -10.38 39.45 -14.04
CA ALA C 297 -11.10 38.37 -14.73
C ALA C 297 -10.90 38.44 -16.24
N SER C 298 -10.91 39.65 -16.81
CA SER C 298 -10.91 39.74 -18.26
C SER C 298 -9.53 39.45 -18.83
N LYS C 299 -8.51 39.51 -18.01
CA LYS C 299 -7.15 39.14 -18.38
C LYS C 299 -6.88 37.67 -18.08
N LEU C 300 -7.37 37.19 -16.93
CA LEU C 300 -7.32 35.76 -16.65
C LEU C 300 -8.08 34.96 -17.70
N TYR C 301 -9.18 35.49 -18.23
CA TYR C 301 -10.08 34.73 -19.11
C TYR C 301 -10.38 35.54 -20.36
N PRO C 302 -9.39 35.65 -21.25
CA PRO C 302 -9.49 36.58 -22.38
C PRO C 302 -10.46 36.12 -23.45
N ASP C 303 -10.83 34.84 -23.46
CA ASP C 303 -11.74 34.29 -24.44
C ASP C 303 -13.19 34.63 -24.14
N VAL C 304 -13.50 35.16 -22.96
CA VAL C 304 -14.83 35.67 -22.66
C VAL C 304 -14.98 37.01 -23.37
N LYS C 305 -15.75 37.04 -24.46
CA LYS C 305 -16.03 38.28 -25.18
C LYS C 305 -17.13 39.02 -24.42
N TYR C 306 -16.72 39.71 -23.35
CA TYR C 306 -17.69 40.34 -22.49
C TYR C 306 -18.49 41.38 -23.25
N THR C 307 -19.71 41.62 -22.78
CA THR C 307 -20.63 42.54 -23.43
C THR C 307 -20.22 43.96 -23.11
N ARG C 308 -19.95 44.76 -24.14
CA ARG C 308 -19.69 46.17 -23.94
C ARG C 308 -21.02 46.90 -23.80
N MET C 309 -20.97 48.07 -23.18
CA MET C 309 -22.21 48.75 -22.82
C MET C 309 -22.93 49.35 -24.01
N ASP C 310 -22.26 49.56 -25.14
CA ASP C 310 -22.99 49.99 -26.32
C ASP C 310 -23.82 48.84 -26.88
N GLU C 311 -23.33 47.61 -26.75
CA GLU C 311 -24.13 46.46 -27.14
C GLU C 311 -25.20 46.15 -26.08
N TYR C 312 -24.84 46.23 -24.80
CA TYR C 312 -25.80 45.99 -23.74
C TYR C 312 -27.02 46.91 -23.85
N LEU C 313 -26.81 48.18 -24.15
CA LEU C 313 -27.91 49.13 -24.18
C LEU C 313 -28.78 49.00 -25.42
N LYS C 314 -28.37 48.24 -26.44
CA LYS C 314 -29.17 48.18 -27.65
C LYS C 314 -30.55 47.57 -27.39
N ILE C 315 -30.65 46.66 -26.42
CA ILE C 315 -31.93 46.00 -26.15
C ILE C 315 -33.03 47.02 -25.87
N PHE C 316 -32.67 48.19 -25.34
CA PHE C 316 -33.67 49.15 -24.90
C PHE C 316 -34.12 50.09 -25.99
N LEU C 317 -33.51 50.04 -27.16
CA LEU C 317 -33.82 50.99 -28.21
C LEU C 317 -35.23 50.79 -28.75
N GLY D 7 8.54 -17.79 -33.80
CA GLY D 7 9.56 -18.68 -34.32
C GLY D 7 10.95 -18.35 -33.82
N GLU D 8 11.25 -17.05 -33.81
CA GLU D 8 12.45 -16.52 -33.19
C GLU D 8 12.19 -16.10 -31.75
N LYS D 9 10.94 -16.19 -31.31
CA LYS D 9 10.59 -15.85 -29.94
C LYS D 9 11.30 -16.79 -28.98
N THR D 10 11.72 -16.25 -27.84
CA THR D 10 11.99 -17.11 -26.70
C THR D 10 10.68 -17.67 -26.17
N ARG D 11 10.74 -18.91 -25.69
CA ARG D 11 9.58 -19.56 -25.12
C ARG D 11 9.76 -19.59 -23.61
N VAL D 12 8.82 -18.99 -22.88
CA VAL D 12 8.93 -18.81 -21.44
C VAL D 12 7.77 -19.54 -20.77
N LEU D 13 8.09 -20.35 -19.77
CA LEU D 13 7.10 -20.97 -18.89
C LEU D 13 7.09 -20.23 -17.56
N VAL D 14 5.97 -19.62 -17.24
CA VAL D 14 5.79 -18.94 -15.96
C VAL D 14 5.19 -19.94 -14.97
N VAL D 15 5.78 -20.02 -13.79
CA VAL D 15 5.35 -20.90 -12.72
C VAL D 15 4.93 -20.00 -11.58
N GLY D 16 3.75 -20.25 -11.00
CA GLY D 16 3.17 -19.27 -10.11
C GLY D 16 2.39 -18.21 -10.84
N GLY D 17 1.82 -18.56 -12.00
CA GLY D 17 1.23 -17.59 -12.90
C GLY D 17 0.03 -16.83 -12.37
N THR D 18 -0.67 -17.34 -11.33
CA THR D 18 -1.78 -16.61 -10.75
C THR D 18 -1.41 -15.83 -9.49
N GLY D 19 -0.15 -15.92 -9.04
CA GLY D 19 0.36 -15.05 -7.98
C GLY D 19 0.37 -13.58 -8.36
N THR D 20 0.58 -12.74 -7.35
CA THR D 20 0.47 -11.31 -7.64
C THR D 20 1.62 -10.86 -8.53
N MET D 21 2.81 -11.43 -8.34
CA MET D 21 3.90 -11.13 -9.26
C MET D 21 3.82 -12.01 -10.50
N GLY D 22 3.37 -13.26 -10.32
CA GLY D 22 3.30 -14.16 -11.45
C GLY D 22 2.39 -13.66 -12.55
N ARG D 23 1.25 -13.09 -12.19
CA ARG D 23 0.28 -12.68 -13.19
C ARG D 23 0.85 -11.56 -14.05
N ARG D 24 1.57 -10.64 -13.40
CA ARG D 24 2.25 -9.54 -14.09
C ARG D 24 3.41 -10.04 -14.95
N ILE D 25 4.12 -11.07 -14.50
CA ILE D 25 5.16 -11.65 -15.33
C ILE D 25 4.56 -12.31 -16.57
N VAL D 26 3.41 -12.98 -16.42
CA VAL D 26 2.72 -13.53 -17.59
C VAL D 26 2.43 -12.43 -18.60
N ARG D 27 1.80 -11.36 -18.14
CA ARG D 27 1.41 -10.33 -19.08
C ARG D 27 2.61 -9.64 -19.70
N ALA D 28 3.71 -9.49 -18.92
CA ALA D 28 4.88 -8.78 -19.42
C ALA D 28 5.66 -9.62 -20.43
N CYS D 29 5.73 -10.93 -20.22
CA CYS D 29 6.31 -11.81 -21.23
C CYS D 29 5.56 -11.69 -22.56
N LEU D 30 4.23 -11.76 -22.52
CA LEU D 30 3.43 -11.52 -23.71
C LEU D 30 3.75 -10.17 -24.34
N ALA D 31 3.80 -9.11 -23.55
CA ALA D 31 4.02 -7.78 -24.10
C ALA D 31 5.40 -7.67 -24.75
N GLU D 32 6.39 -8.43 -24.28
CA GLU D 32 7.70 -8.47 -24.92
C GLU D 32 7.75 -9.36 -26.15
N GLY D 33 6.67 -10.07 -26.46
CA GLY D 33 6.64 -10.92 -27.63
C GLY D 33 7.09 -12.34 -27.39
N HIS D 34 7.27 -12.78 -26.16
CA HIS D 34 7.63 -14.18 -25.93
C HIS D 34 6.42 -15.08 -26.15
N GLU D 35 6.70 -16.28 -26.64
CA GLU D 35 5.72 -17.35 -26.58
C GLU D 35 5.60 -17.79 -25.14
N THR D 36 4.50 -17.42 -24.48
CA THR D 36 4.39 -17.51 -23.03
C THR D 36 3.49 -18.69 -22.65
N TYR D 37 3.99 -19.49 -21.72
CA TYR D 37 3.32 -20.68 -21.24
C TYR D 37 3.12 -20.53 -19.74
N VAL D 38 1.97 -20.95 -19.24
CA VAL D 38 1.66 -20.83 -17.83
C VAL D 38 1.44 -22.23 -17.27
N LEU D 39 2.04 -22.52 -16.13
CA LEU D 39 1.81 -23.79 -15.48
C LEU D 39 0.42 -23.84 -14.88
N GLN D 40 -0.36 -24.85 -15.24
CA GLN D 40 -1.70 -25.07 -14.72
C GLN D 40 -1.66 -26.26 -13.77
N GLN D 41 -1.67 -25.97 -12.50
CA GLN D 41 -1.73 -27.00 -11.48
C GLN D 41 -3.16 -27.49 -11.27
N PRO D 42 -3.31 -28.74 -10.83
CA PRO D 42 -4.64 -29.24 -10.47
C PRO D 42 -5.31 -28.29 -9.49
N GLU D 43 -6.64 -28.21 -9.60
CA GLU D 43 -7.40 -27.44 -8.63
C GLU D 43 -7.43 -28.18 -7.30
N THR D 44 -7.29 -27.43 -6.21
CA THR D 44 -7.37 -27.98 -4.87
C THR D 44 -8.67 -27.61 -4.18
N ARG D 45 -9.55 -26.90 -4.89
CA ARG D 45 -10.79 -26.35 -4.36
C ARG D 45 -11.47 -25.68 -5.54
N VAL D 46 -12.75 -25.35 -5.35
CA VAL D 46 -13.46 -24.49 -6.29
C VAL D 46 -12.95 -23.09 -6.06
N ASP D 47 -12.20 -22.55 -7.03
CA ASP D 47 -11.54 -21.25 -6.93
C ASP D 47 -11.76 -20.53 -8.25
N ILE D 48 -12.84 -19.74 -8.32
CA ILE D 48 -13.21 -19.16 -9.60
C ILE D 48 -12.24 -18.04 -9.97
N GLU D 49 -11.74 -17.29 -9.00
CA GLU D 49 -10.80 -16.22 -9.29
C GLU D 49 -9.56 -16.75 -9.96
N LYS D 50 -9.09 -17.91 -9.51
CA LYS D 50 -7.84 -18.46 -10.01
C LYS D 50 -8.01 -19.09 -11.38
N VAL D 51 -9.14 -19.77 -11.60
CA VAL D 51 -9.42 -20.37 -12.90
C VAL D 51 -9.65 -19.28 -13.94
N GLN D 52 -10.39 -18.25 -13.58
CA GLN D 52 -10.72 -17.26 -14.59
C GLN D 52 -9.49 -16.43 -14.96
N LEU D 53 -8.62 -16.16 -13.99
CA LEU D 53 -7.35 -15.53 -14.29
C LEU D 53 -6.51 -16.39 -15.24
N LEU D 54 -6.29 -17.66 -14.88
CA LEU D 54 -5.58 -18.57 -15.75
C LEU D 54 -6.11 -18.53 -17.18
N TYR D 55 -7.41 -18.72 -17.35
CA TYR D 55 -7.94 -18.82 -18.70
C TYR D 55 -7.98 -17.48 -19.40
N SER D 56 -7.94 -16.36 -18.68
CA SER D 56 -7.81 -15.07 -19.32
C SER D 56 -6.48 -14.94 -20.06
N TYR D 57 -5.46 -15.69 -19.66
CA TYR D 57 -4.18 -15.59 -20.37
C TYR D 57 -4.27 -16.19 -21.76
N LYS D 58 -5.12 -17.19 -21.96
CA LYS D 58 -5.30 -17.75 -23.29
C LYS D 58 -5.81 -16.71 -24.26
N ARG D 59 -6.70 -15.82 -23.80
CA ARG D 59 -7.22 -14.78 -24.66
C ARG D 59 -6.13 -13.84 -25.12
N LEU D 60 -5.09 -13.66 -24.32
CA LEU D 60 -3.99 -12.78 -24.67
C LEU D 60 -2.93 -13.47 -25.52
N GLY D 61 -3.06 -14.77 -25.74
CA GLY D 61 -2.10 -15.51 -26.52
C GLY D 61 -1.20 -16.44 -25.75
N ALA D 62 -1.37 -16.59 -24.44
CA ALA D 62 -0.57 -17.56 -23.71
C ALA D 62 -1.16 -18.96 -23.87
N ARG D 63 -0.34 -19.96 -23.53
CA ARG D 63 -0.75 -21.35 -23.47
C ARG D 63 -0.69 -21.85 -22.03
N LEU D 64 -1.63 -22.71 -21.68
CA LEU D 64 -1.62 -23.42 -20.41
C LEU D 64 -0.99 -24.78 -20.62
N ILE D 65 -0.17 -25.20 -19.65
CA ILE D 65 0.34 -26.55 -19.60
C ILE D 65 -0.03 -27.13 -18.25
N GLU D 66 -0.82 -28.18 -18.26
CA GLU D 66 -1.18 -28.89 -17.05
C GLU D 66 0.00 -29.71 -16.55
N ALA D 67 0.34 -29.52 -15.28
CA ALA D 67 1.39 -30.27 -14.63
C ALA D 67 1.22 -30.13 -13.13
N SER D 68 1.80 -31.05 -12.40
CA SER D 68 1.70 -31.10 -10.96
C SER D 68 3.08 -31.29 -10.38
N PHE D 69 3.39 -30.54 -9.33
CA PHE D 69 4.66 -30.70 -8.63
C PHE D 69 4.83 -32.10 -8.04
N SER D 70 3.73 -32.79 -7.77
CA SER D 70 3.78 -34.15 -7.26
C SER D 70 4.08 -35.16 -8.36
N ASP D 71 4.17 -34.73 -9.61
CA ASP D 71 4.31 -35.61 -10.77
C ASP D 71 5.56 -35.17 -11.54
N HIS D 72 6.70 -35.76 -11.19
CA HIS D 72 7.97 -35.35 -11.77
C HIS D 72 7.91 -35.33 -13.29
N GLN D 73 7.26 -36.34 -13.88
CA GLN D 73 7.24 -36.45 -15.33
C GLN D 73 6.39 -35.36 -15.97
N SER D 74 5.39 -34.85 -15.27
CA SER D 74 4.63 -33.75 -15.84
C SER D 74 5.46 -32.47 -15.83
N LEU D 75 6.30 -32.27 -14.81
CA LEU D 75 7.21 -31.13 -14.79
C LEU D 75 8.20 -31.22 -15.94
N VAL D 76 8.85 -32.38 -16.10
CA VAL D 76 9.80 -32.57 -17.19
C VAL D 76 9.14 -32.27 -18.52
N SER D 77 7.93 -32.77 -18.74
CA SER D 77 7.27 -32.54 -20.01
C SER D 77 6.93 -31.08 -20.23
N ALA D 78 6.67 -30.33 -19.15
CA ALA D 78 6.35 -28.93 -19.33
C ALA D 78 7.58 -28.13 -19.72
N VAL D 79 8.71 -28.35 -19.04
CA VAL D 79 9.88 -27.54 -19.35
C VAL D 79 10.47 -27.94 -20.70
N LYS D 80 10.32 -29.19 -21.12
CA LYS D 80 10.78 -29.57 -22.45
C LYS D 80 10.25 -28.65 -23.54
N GLN D 81 9.12 -28.00 -23.32
CA GLN D 81 8.46 -27.24 -24.38
C GLN D 81 8.87 -25.78 -24.40
N VAL D 82 9.77 -25.33 -23.53
CA VAL D 82 10.15 -23.94 -23.49
C VAL D 82 11.67 -23.80 -23.48
N ASP D 83 12.12 -22.55 -23.58
CA ASP D 83 13.53 -22.20 -23.49
C ASP D 83 13.92 -21.62 -22.14
N ILE D 84 12.97 -21.03 -21.43
CA ILE D 84 13.25 -20.29 -20.22
C ILE D 84 12.10 -20.47 -19.24
N VAL D 85 12.43 -20.58 -17.96
CA VAL D 85 11.47 -20.79 -16.88
C VAL D 85 11.64 -19.68 -15.86
N VAL D 86 10.52 -19.00 -15.55
CA VAL D 86 10.43 -18.05 -14.45
C VAL D 86 9.47 -18.62 -13.41
N ALA D 87 9.87 -18.56 -12.13
CA ALA D 87 9.06 -19.01 -11.00
C ALA D 87 8.68 -17.82 -10.10
N ALA D 88 7.45 -17.81 -9.60
CA ALA D 88 6.97 -16.70 -8.77
C ALA D 88 6.09 -17.20 -7.63
N MET D 89 6.53 -18.23 -6.92
CA MET D 89 5.77 -18.77 -5.79
C MET D 89 5.70 -17.77 -4.66
N SER D 90 4.76 -17.98 -3.75
CA SER D 90 4.62 -17.12 -2.58
C SER D 90 5.82 -17.27 -1.66
N GLY D 91 6.11 -16.20 -0.91
CA GLY D 91 7.26 -16.16 -0.01
C GLY D 91 7.28 -17.25 1.04
N HIS D 97 7.44 -23.28 2.77
CA HIS D 97 7.13 -24.53 2.09
C HIS D 97 6.86 -24.28 0.60
N SER D 98 6.30 -23.11 0.29
CA SER D 98 6.04 -22.78 -1.10
C SER D 98 7.32 -22.63 -1.90
N ILE D 99 8.33 -21.96 -1.34
CA ILE D 99 9.57 -21.71 -2.06
C ILE D 99 10.28 -23.04 -2.39
N LEU D 100 10.37 -23.92 -1.40
CA LEU D 100 11.09 -25.18 -1.60
C LEU D 100 10.44 -26.09 -2.63
N VAL D 101 9.21 -25.81 -3.08
CA VAL D 101 8.64 -26.60 -4.16
C VAL D 101 9.47 -26.48 -5.43
N GLN D 102 10.29 -25.43 -5.54
CA GLN D 102 11.07 -25.25 -6.76
C GLN D 102 12.19 -26.28 -6.89
N LEU D 103 12.56 -26.96 -5.80
CA LEU D 103 13.59 -27.98 -5.90
C LEU D 103 13.16 -29.08 -6.86
N LYS D 104 11.91 -29.50 -6.78
CA LYS D 104 11.37 -30.42 -7.78
C LYS D 104 11.41 -29.78 -9.17
N LEU D 105 11.17 -28.48 -9.24
CA LEU D 105 11.26 -27.80 -10.52
C LEU D 105 12.69 -27.81 -11.06
N VAL D 106 13.68 -27.75 -10.17
CA VAL D 106 15.07 -27.80 -10.58
C VAL D 106 15.43 -29.18 -11.10
N GLU D 107 15.02 -30.22 -10.39
CA GLU D 107 15.29 -31.58 -10.84
C GLU D 107 14.72 -31.82 -12.24
N ALA D 108 13.49 -31.36 -12.48
CA ALA D 108 12.91 -31.48 -13.81
C ALA D 108 13.75 -30.75 -14.85
N ILE D 109 14.17 -29.53 -14.54
CA ILE D 109 14.93 -28.77 -15.54
C ILE D 109 16.23 -29.48 -15.85
N LYS D 110 16.89 -30.02 -14.82
CA LYS D 110 18.11 -30.77 -15.02
C LYS D 110 17.87 -31.99 -15.91
N GLU D 111 16.76 -32.70 -15.69
CA GLU D 111 16.52 -33.89 -16.49
C GLU D 111 16.16 -33.54 -17.93
N ALA D 112 15.38 -32.47 -18.11
CA ALA D 112 15.02 -32.05 -19.46
C ALA D 112 16.26 -31.62 -20.23
N GLY D 113 17.09 -30.79 -19.62
CA GLY D 113 18.34 -30.40 -20.19
C GLY D 113 18.28 -29.32 -21.26
N ASN D 114 17.10 -28.86 -21.63
CA ASN D 114 16.96 -27.91 -22.73
C ASN D 114 16.82 -26.47 -22.27
N ILE D 115 16.83 -26.20 -20.98
CA ILE D 115 16.48 -24.88 -20.48
C ILE D 115 17.70 -23.96 -20.53
N LYS D 116 17.56 -22.83 -21.21
CA LYS D 116 18.65 -21.86 -21.34
C LYS D 116 18.75 -20.91 -20.15
N ARG D 117 17.69 -20.76 -19.35
CA ARG D 117 17.82 -19.96 -18.14
C ARG D 117 16.63 -20.23 -17.23
N PHE D 118 16.90 -20.18 -15.92
CA PHE D 118 15.88 -20.31 -14.89
C PHE D 118 15.96 -19.10 -13.97
N LEU D 119 14.88 -18.32 -13.94
CA LEU D 119 14.76 -17.27 -12.94
C LEU D 119 13.88 -17.75 -11.80
N PRO D 120 14.43 -18.06 -10.64
CA PRO D 120 13.63 -18.59 -9.55
C PRO D 120 12.87 -17.46 -8.85
N SER D 121 12.16 -17.83 -7.79
CA SER D 121 11.23 -16.90 -7.17
C SER D 121 11.97 -16.01 -6.17
N GLU D 122 12.40 -14.85 -6.66
CA GLU D 122 13.20 -13.96 -5.84
C GLU D 122 12.43 -12.67 -5.56
N PHE D 123 12.58 -11.67 -6.44
CA PHE D 123 11.81 -10.43 -6.46
C PHE D 123 11.68 -9.71 -5.12
N GLY D 124 12.68 -9.83 -4.25
CA GLY D 124 12.66 -9.16 -2.96
C GLY D 124 14.05 -8.80 -2.47
N MET D 125 14.21 -8.76 -1.15
CA MET D 125 15.54 -8.58 -0.56
C MET D 125 16.46 -9.69 -1.03
N ASP D 126 17.70 -9.34 -1.37
CA ASP D 126 18.66 -10.38 -1.70
C ASP D 126 18.85 -11.30 -0.50
N PRO D 127 18.43 -12.57 -0.60
CA PRO D 127 18.51 -13.47 0.56
C PRO D 127 19.93 -13.89 0.91
N SER D 128 20.90 -13.71 0.01
CA SER D 128 22.31 -13.88 0.31
C SER D 128 22.91 -12.63 0.95
N ARG D 129 22.09 -11.90 1.69
CA ARG D 129 22.26 -10.46 1.88
C ARG D 129 22.98 -9.87 0.69
N ASP D 142 17.54 -20.62 5.19
CA ASP D 142 16.75 -19.78 4.30
C ASP D 142 16.44 -20.49 2.99
N GLN D 143 15.15 -20.55 2.66
CA GLN D 143 14.70 -21.43 1.58
C GLN D 143 15.16 -20.94 0.20
N LYS D 144 15.26 -19.63 0.01
CA LYS D 144 15.69 -19.14 -1.31
C LYS D 144 17.15 -19.47 -1.59
N LEU D 145 18.01 -19.42 -0.58
CA LEU D 145 19.38 -19.85 -0.77
C LEU D 145 19.44 -21.33 -1.15
N GLU D 146 18.66 -22.15 -0.47
CA GLU D 146 18.64 -23.57 -0.77
C GLU D 146 18.26 -23.84 -2.22
N VAL D 147 17.42 -22.98 -2.80
CA VAL D 147 17.04 -23.12 -4.20
C VAL D 147 18.16 -22.65 -5.11
N ARG D 148 18.81 -21.55 -4.75
CA ARG D 148 19.98 -21.08 -5.48
C ARG D 148 21.08 -22.14 -5.54
N ASN D 149 21.39 -22.76 -4.40
CA ASN D 149 22.44 -23.78 -4.42
C ASN D 149 22.07 -24.92 -5.35
N ALA D 150 20.83 -25.39 -5.29
CA ALA D 150 20.42 -26.47 -6.18
C ALA D 150 20.46 -26.03 -7.64
N ILE D 151 20.02 -24.82 -7.96
CA ILE D 151 20.12 -24.35 -9.34
C ILE D 151 21.58 -24.41 -9.80
N GLU D 152 22.47 -23.83 -9.02
CA GLU D 152 23.86 -23.73 -9.43
C GLU D 152 24.53 -25.10 -9.42
N ALA D 153 24.30 -25.90 -8.38
CA ALA D 153 24.79 -27.27 -8.39
C ALA D 153 24.38 -28.01 -9.65
N ALA D 154 23.11 -27.89 -10.06
CA ALA D 154 22.70 -28.56 -11.30
C ALA D 154 23.33 -27.94 -12.55
N GLY D 155 24.03 -26.82 -12.43
CA GLY D 155 24.58 -26.19 -13.59
C GLY D 155 23.58 -25.47 -14.46
N ILE D 156 22.42 -25.12 -13.93
CA ILE D 156 21.39 -24.44 -14.71
C ILE D 156 21.73 -22.95 -14.77
N PRO D 157 21.81 -22.36 -15.95
CA PRO D 157 22.01 -20.90 -16.01
C PRO D 157 20.82 -20.17 -15.38
N HIS D 158 21.12 -19.04 -14.72
CA HIS D 158 20.12 -18.38 -13.90
C HIS D 158 20.24 -16.87 -14.01
N THR D 159 19.26 -16.19 -13.44
CA THR D 159 19.25 -14.76 -13.15
C THR D 159 18.44 -14.59 -11.87
N TYR D 160 18.93 -13.77 -10.96
CA TYR D 160 18.22 -13.49 -9.71
C TYR D 160 17.81 -12.03 -9.73
N VAL D 161 16.50 -11.77 -9.68
CA VAL D 161 15.97 -10.40 -9.70
C VAL D 161 15.66 -9.97 -8.28
N VAL D 162 16.38 -8.94 -7.81
CA VAL D 162 16.45 -8.60 -6.40
C VAL D 162 16.29 -7.10 -6.22
N GLY D 163 16.10 -6.69 -4.97
CA GLY D 163 16.45 -5.37 -4.52
C GLY D 163 15.35 -4.32 -4.41
N ALA D 164 14.08 -4.71 -4.49
CA ALA D 164 13.00 -3.74 -4.48
C ALA D 164 11.89 -4.14 -3.52
N CYS D 165 11.24 -3.12 -2.96
CA CYS D 165 9.96 -3.24 -2.27
C CYS D 165 8.83 -3.11 -3.28
N PHE D 166 7.90 -4.07 -3.28
CA PHE D 166 6.65 -3.94 -4.04
C PHE D 166 5.95 -2.65 -3.63
N ALA D 167 5.66 -1.81 -4.61
CA ALA D 167 5.00 -0.56 -4.29
C ALA D 167 3.67 -0.79 -3.58
N ALA D 168 3.00 -1.88 -3.89
CA ALA D 168 1.69 -2.14 -3.32
C ALA D 168 1.77 -2.45 -1.83
N TYR D 169 2.80 -3.18 -1.43
CA TYR D 169 2.99 -3.52 -0.03
C TYR D 169 3.75 -2.46 0.77
N PHE D 170 4.39 -1.49 0.12
CA PHE D 170 5.20 -0.53 0.88
C PHE D 170 5.03 0.93 0.51
N ALA D 171 4.44 1.26 -0.64
CA ALA D 171 4.32 2.66 -1.02
C ALA D 171 2.92 3.21 -0.83
N GLY D 172 1.91 2.47 -1.31
CA GLY D 172 0.55 2.96 -1.27
C GLY D 172 -0.01 3.12 0.12
N ASN D 173 0.60 2.47 1.10
CA ASN D 173 0.25 2.61 2.50
C ASN D 173 1.23 3.52 3.23
N LEU D 174 2.13 4.22 2.52
CA LEU D 174 3.15 5.05 3.15
C LEU D 174 4.01 4.21 4.10
N SER D 175 4.17 2.94 3.76
CA SER D 175 4.92 1.97 4.54
C SER D 175 4.30 1.66 5.90
N GLN D 176 3.01 1.95 6.09
CA GLN D 176 2.33 1.50 7.31
C GLN D 176 1.95 0.02 7.22
N MET D 177 2.16 -0.71 8.30
CA MET D 177 1.78 -2.11 8.29
C MET D 177 0.27 -2.26 8.47
N GLY D 178 -0.25 -3.41 8.08
CA GLY D 178 -1.64 -3.77 8.32
C GLY D 178 -2.65 -3.09 7.43
N THR D 179 -2.21 -2.38 6.40
CA THR D 179 -3.09 -1.68 5.50
C THR D 179 -2.35 -1.52 4.18
N LEU D 180 -3.09 -1.19 3.14
CA LEU D 180 -2.54 -1.04 1.81
C LEU D 180 -2.86 0.31 1.20
N ILE D 181 -3.51 1.19 1.95
CA ILE D 181 -3.92 2.49 1.41
C ILE D 181 -3.38 3.56 2.35
N PRO D 182 -3.32 4.80 1.90
CA PRO D 182 -2.73 5.85 2.71
C PRO D 182 -3.55 6.12 3.96
N PRO D 183 -2.90 6.39 5.08
CA PRO D 183 -3.64 6.80 6.27
C PRO D 183 -4.29 8.16 6.06
N LYS D 184 -5.28 8.44 6.91
CA LYS D 184 -5.99 9.71 6.80
C LYS D 184 -5.41 10.82 7.68
N LYS D 185 -4.82 10.48 8.83
CA LYS D 185 -4.41 11.50 9.79
C LYS D 185 -2.99 11.34 10.32
N LYS D 186 -2.72 10.22 10.96
CA LYS D 186 -1.42 9.95 11.54
C LYS D 186 -0.65 9.00 10.63
N VAL D 187 0.68 9.11 10.67
CA VAL D 187 1.57 8.16 10.04
C VAL D 187 2.69 7.85 11.01
N ASN D 188 3.04 6.58 11.13
CA ASN D 188 4.18 6.21 11.96
C ASN D 188 5.44 6.16 11.10
N ILE D 189 6.47 6.86 11.56
CA ILE D 189 7.76 6.96 10.90
C ILE D 189 8.74 6.06 11.64
N TYR D 190 9.47 5.25 10.89
CA TYR D 190 10.38 4.27 11.47
C TYR D 190 11.73 4.96 11.67
N GLY D 191 12.19 5.00 12.91
CA GLY D 191 13.37 5.80 13.19
C GLY D 191 13.14 7.24 12.78
N ASP D 192 14.14 7.82 12.14
CA ASP D 192 14.00 9.17 11.61
C ASP D 192 13.39 9.19 10.23
N GLY D 193 13.05 8.02 9.68
CA GLY D 193 12.52 7.99 8.33
C GLY D 193 13.49 8.51 7.30
N ASN D 194 14.79 8.35 7.53
CA ASN D 194 15.82 8.82 6.63
C ASN D 194 16.71 7.67 6.14
N VAL D 195 16.24 6.44 6.28
CA VAL D 195 16.89 5.29 5.68
C VAL D 195 16.33 5.13 4.27
N LYS D 196 17.23 5.05 3.29
CA LYS D 196 16.80 4.97 1.91
C LYS D 196 16.26 3.57 1.61
N VAL D 197 15.09 3.54 0.99
CA VAL D 197 14.35 2.34 0.63
C VAL D 197 14.08 2.40 -0.87
N VAL D 198 13.81 1.25 -1.47
CA VAL D 198 13.59 1.18 -2.91
C VAL D 198 12.14 0.78 -3.19
N TYR D 199 11.38 1.69 -3.78
CA TYR D 199 9.96 1.49 -4.04
C TYR D 199 9.75 1.32 -5.54
N VAL D 200 9.25 0.15 -5.95
CA VAL D 200 9.06 -0.13 -7.37
C VAL D 200 7.69 -0.72 -7.61
N ASP D 201 6.98 -0.17 -8.59
CA ASP D 201 5.77 -0.77 -9.15
C ASP D 201 6.01 -2.21 -9.57
N GLU D 202 5.19 -3.12 -9.06
CA GLU D 202 5.30 -4.53 -9.44
C GLU D 202 5.28 -4.71 -10.95
N ASP D 203 4.49 -3.91 -11.66
CA ASP D 203 4.48 -3.99 -13.12
C ASP D 203 5.87 -3.77 -13.70
N ASP D 204 6.63 -2.84 -13.10
CA ASP D 204 7.97 -2.53 -13.61
C ASP D 204 8.93 -3.67 -13.31
N ILE D 205 8.82 -4.26 -12.13
CA ILE D 205 9.61 -5.45 -11.82
C ILE D 205 9.31 -6.56 -12.83
N ALA D 206 8.03 -6.75 -13.14
CA ALA D 206 7.66 -7.77 -14.13
C ALA D 206 8.23 -7.44 -15.50
N GLU D 207 8.15 -6.17 -15.91
CA GLU D 207 8.71 -5.80 -17.20
C GLU D 207 10.23 -5.96 -17.22
N TYR D 208 10.92 -5.49 -16.17
CA TYR D 208 12.36 -5.75 -16.07
C TYR D 208 12.64 -7.23 -16.20
N THR D 209 11.88 -8.05 -15.46
CA THR D 209 12.06 -9.50 -15.51
C THR D 209 11.87 -10.03 -16.93
N ALA D 210 10.86 -9.51 -17.65
CA ALA D 210 10.59 -10.00 -18.99
C ALA D 210 11.72 -9.64 -19.94
N LYS D 211 12.32 -8.46 -19.76
CA LYS D 211 13.40 -8.02 -20.63
C LYS D 211 14.71 -8.71 -20.29
N THR D 212 14.93 -9.07 -19.04
CA THR D 212 16.20 -9.63 -18.66
C THR D 212 16.32 -11.13 -18.90
N LEU D 213 15.20 -11.85 -19.03
CA LEU D 213 15.31 -13.30 -18.98
C LEU D 213 16.03 -13.89 -20.18
N ASP D 214 16.10 -13.18 -21.32
CA ASP D 214 16.86 -13.65 -22.46
C ASP D 214 17.97 -12.67 -22.87
N ASP D 215 18.40 -11.82 -21.94
CA ASP D 215 19.47 -10.85 -22.19
C ASP D 215 20.82 -11.49 -21.85
N PRO D 216 21.71 -11.67 -22.82
CA PRO D 216 23.01 -12.30 -22.52
C PRO D 216 23.80 -11.54 -21.49
N ARG D 217 23.62 -10.22 -21.40
CA ARG D 217 24.31 -9.41 -20.42
C ARG D 217 24.02 -9.81 -18.99
N THR D 218 22.94 -10.57 -18.72
CA THR D 218 22.56 -10.88 -17.36
C THR D 218 22.57 -12.37 -17.06
N ILE D 219 23.05 -13.20 -17.98
CA ILE D 219 23.06 -14.62 -17.68
C ILE D 219 23.97 -14.87 -16.48
N ASN D 220 23.48 -15.68 -15.55
CA ASN D 220 24.18 -16.11 -14.35
C ASN D 220 24.53 -14.98 -13.40
N LYS D 221 23.80 -13.87 -13.46
CA LYS D 221 24.06 -12.76 -12.55
C LYS D 221 22.79 -12.40 -11.79
N THR D 222 23.00 -11.63 -10.72
CA THR D 222 21.95 -11.00 -9.96
C THR D 222 21.64 -9.66 -10.58
N VAL D 223 20.35 -9.38 -10.80
CA VAL D 223 19.92 -8.10 -11.34
C VAL D 223 19.24 -7.34 -10.21
N TYR D 224 19.68 -6.12 -9.97
CA TYR D 224 19.10 -5.26 -8.97
C TYR D 224 18.09 -4.34 -9.63
N VAL D 225 16.87 -4.33 -9.11
CA VAL D 225 15.82 -3.43 -9.57
C VAL D 225 15.85 -2.24 -8.63
N ARG D 226 16.50 -1.17 -9.06
CA ARG D 226 16.74 -0.01 -8.21
C ARG D 226 16.65 1.25 -9.05
N PRO D 227 15.46 1.55 -9.58
CA PRO D 227 15.31 2.77 -10.37
C PRO D 227 15.74 3.98 -9.57
N THR D 228 16.54 4.83 -10.19
CA THR D 228 17.23 5.89 -9.46
C THR D 228 16.24 6.77 -8.72
N GLU D 229 15.22 7.26 -9.41
CA GLU D 229 14.31 8.25 -8.83
C GLU D 229 13.36 7.65 -7.82
N ASN D 230 13.37 6.33 -7.63
CA ASN D 230 12.52 5.67 -6.66
C ASN D 230 13.30 5.17 -5.46
N VAL D 231 14.55 5.60 -5.30
CA VAL D 231 15.30 5.33 -4.08
C VAL D 231 14.96 6.50 -3.16
N LEU D 232 14.12 6.23 -2.16
CA LEU D 232 13.57 7.27 -1.31
C LEU D 232 13.56 6.79 0.13
N THR D 233 13.76 7.72 1.05
CA THR D 233 13.49 7.42 2.44
C THR D 233 11.98 7.43 2.68
N GLN D 234 11.56 6.80 3.79
CA GLN D 234 10.15 6.83 4.13
C GLN D 234 9.63 8.25 4.26
N MET D 235 10.43 9.13 4.89
CA MET D 235 10.00 10.51 5.04
C MET D 235 9.80 11.17 3.68
N GLU D 236 10.64 10.84 2.71
CA GLU D 236 10.46 11.37 1.37
C GLU D 236 9.18 10.84 0.71
N LEU D 237 8.90 9.56 0.85
CA LEU D 237 7.66 9.04 0.31
C LEU D 237 6.46 9.76 0.94
N VAL D 238 6.49 9.96 2.26
CA VAL D 238 5.40 10.65 2.94
C VAL D 238 5.21 12.04 2.37
N GLN D 239 6.31 12.74 2.09
CA GLN D 239 6.23 14.11 1.59
C GLN D 239 5.76 14.16 0.14
N ILE D 240 6.03 13.11 -0.63
CA ILE D 240 5.40 13.01 -1.94
C ILE D 240 3.88 12.97 -1.78
N TRP D 241 3.40 12.22 -0.78
CA TRP D 241 1.97 12.13 -0.57
C TRP D 241 1.41 13.43 0.00
N GLU D 242 2.12 14.02 0.98
CA GLU D 242 1.64 15.28 1.55
C GLU D 242 1.58 16.37 0.50
N LYS D 243 2.43 16.30 -0.51
CA LYS D 243 2.37 17.29 -1.59
C LYS D 243 1.20 17.03 -2.53
N LEU D 244 0.78 15.77 -2.66
CA LEU D 244 -0.37 15.44 -3.49
C LEU D 244 -1.67 15.83 -2.81
N THR D 245 -1.76 15.65 -1.50
CA THR D 245 -2.96 16.03 -0.76
C THR D 245 -2.94 17.47 -0.33
N GLY D 246 -1.76 18.05 -0.12
CA GLY D 246 -1.67 19.35 0.49
C GLY D 246 -2.05 19.38 1.96
N LYS D 247 -1.94 18.25 2.63
CA LYS D 247 -2.17 18.16 4.07
C LYS D 247 -0.95 17.50 4.67
N GLU D 248 -0.45 18.07 5.77
CA GLU D 248 0.59 17.42 6.53
C GLU D 248 -0.05 16.39 7.43
N LEU D 249 0.63 15.26 7.56
CA LEU D 249 0.19 14.20 8.45
C LEU D 249 0.91 14.34 9.78
N GLU D 250 0.22 13.91 10.83
CA GLU D 250 0.82 13.83 12.15
C GLU D 250 1.78 12.64 12.17
N LYS D 251 3.04 12.89 12.48
CA LYS D 251 4.06 11.86 12.41
C LYS D 251 4.53 11.49 13.81
N THR D 252 4.71 10.18 14.02
CA THR D 252 5.29 9.64 15.23
C THR D 252 6.49 8.77 14.88
N ASN D 253 7.62 9.04 15.50
CA ASN D 253 8.80 8.24 15.27
C ASN D 253 8.81 7.05 16.21
N ILE D 254 9.11 5.88 15.66
CA ILE D 254 9.25 4.65 16.44
C ILE D 254 10.71 4.26 16.43
N SER D 255 11.29 4.07 17.61
CA SER D 255 12.69 3.71 17.74
C SER D 255 12.89 2.24 17.38
N ALA D 256 14.15 1.91 17.05
CA ALA D 256 14.48 0.52 16.76
C ALA D 256 14.04 -0.41 17.89
N ASN D 257 14.09 0.06 19.14
CA ASN D 257 13.79 -0.82 20.26
C ASN D 257 12.27 -0.94 20.48
N ASP D 258 11.53 0.16 20.34
CA ASP D 258 10.08 0.05 20.38
C ASP D 258 9.57 -0.86 19.27
N PHE D 259 10.29 -0.91 18.15
CA PHE D 259 9.82 -1.73 17.04
C PHE D 259 9.92 -3.20 17.37
N LEU D 260 11.02 -3.63 17.98
CA LEU D 260 11.20 -5.02 18.35
C LEU D 260 10.79 -5.31 19.79
N ALA D 261 10.18 -4.35 20.47
CA ALA D 261 9.81 -4.57 21.86
C ALA D 261 8.61 -5.50 21.94
N ASP D 262 8.42 -6.08 23.12
CA ASP D 262 7.31 -6.99 23.39
C ASP D 262 6.78 -6.75 24.80
N GLN D 271 5.34 -15.21 12.47
CA GLN D 271 5.24 -13.92 11.80
C GLN D 271 6.29 -12.87 12.22
N ALA D 272 7.33 -12.77 11.40
CA ALA D 272 8.18 -11.57 11.34
C ALA D 272 8.20 -11.15 9.88
N GLY D 273 7.07 -10.60 9.41
CA GLY D 273 7.19 -9.47 8.51
C GLY D 273 7.64 -8.24 9.24
N LEU D 274 7.43 -8.22 10.55
CA LEU D 274 8.18 -7.35 11.44
C LEU D 274 9.68 -7.39 11.13
N GLY D 275 10.25 -8.59 11.04
CA GLY D 275 11.66 -8.71 10.72
C GLY D 275 12.02 -8.08 9.39
N HIS D 276 11.21 -8.33 8.36
CA HIS D 276 11.47 -7.75 7.05
C HIS D 276 11.46 -6.23 7.12
N PHE D 277 10.42 -5.65 7.72
CA PHE D 277 10.35 -4.20 7.83
C PHE D 277 11.58 -3.66 8.54
N TYR D 278 12.07 -4.40 9.52
CA TYR D 278 13.22 -3.93 10.29
C TYR D 278 14.46 -3.85 9.42
N HIS D 279 14.75 -4.91 8.68
CA HIS D 279 15.89 -4.89 7.78
C HIS D 279 15.77 -3.77 6.76
N ILE D 280 14.57 -3.56 6.23
CA ILE D 280 14.42 -2.58 5.16
C ILE D 280 14.54 -1.16 5.71
N PHE D 281 13.80 -0.88 6.77
CA PHE D 281 13.58 0.49 7.20
C PHE D 281 14.52 0.93 8.31
N TYR D 282 15.06 -0.01 9.08
CA TYR D 282 16.04 0.37 10.08
C TYR D 282 17.46 0.11 9.59
N GLU D 283 17.75 -1.11 9.13
CA GLU D 283 19.09 -1.43 8.68
C GLU D 283 19.39 -0.93 7.27
N GLY D 284 18.37 -0.59 6.48
CA GLY D 284 18.60 -0.12 5.13
C GLY D 284 19.16 -1.17 4.19
N CYS D 285 18.68 -2.41 4.31
CA CYS D 285 19.29 -3.52 3.58
C CYS D 285 19.24 -3.33 2.08
N LEU D 286 18.23 -2.62 1.56
CA LEU D 286 18.10 -2.47 0.12
C LEU D 286 19.05 -1.43 -0.45
N THR D 287 19.70 -0.62 0.39
CA THR D 287 20.47 0.51 -0.11
C THR D 287 21.81 0.68 0.58
N ASP D 288 22.29 -0.31 1.33
CA ASP D 288 23.57 -0.21 2.03
C ASP D 288 24.74 -0.65 1.15
N HIS D 289 24.48 -1.07 -0.08
CA HIS D 289 25.50 -1.48 -1.02
C HIS D 289 25.26 -0.73 -2.32
N GLU D 290 26.34 -0.44 -3.02
CA GLU D 290 26.23 0.12 -4.36
C GLU D 290 26.03 -1.01 -5.35
N VAL D 291 25.40 -0.69 -6.49
CA VAL D 291 25.18 -1.65 -7.56
C VAL D 291 25.60 -0.99 -8.86
N GLY D 292 26.33 -1.71 -9.69
CA GLY D 292 26.76 -1.17 -10.96
C GLY D 292 25.64 -1.11 -11.98
N ASP D 293 25.79 -0.17 -12.92
CA ASP D 293 24.83 0.01 -14.00
C ASP D 293 24.65 -1.24 -14.85
N ASP D 294 25.67 -2.07 -14.97
CA ASP D 294 25.60 -3.28 -15.78
C ASP D 294 24.93 -4.41 -15.05
N GLU D 295 24.57 -4.17 -13.80
CA GLU D 295 23.76 -5.09 -13.01
C GLU D 295 22.50 -4.43 -12.44
N GLU D 296 22.13 -3.23 -12.89
CA GLU D 296 20.95 -2.52 -12.37
C GLU D 296 19.92 -2.35 -13.48
N ALA D 297 18.68 -2.76 -13.20
CA ALA D 297 17.70 -2.97 -14.27
C ALA D 297 17.38 -1.68 -15.00
N SER D 298 17.32 -0.55 -14.29
CA SER D 298 16.89 0.66 -14.96
C SER D 298 17.94 1.19 -15.92
N LYS D 299 19.19 0.79 -15.75
CA LYS D 299 20.25 1.15 -16.70
C LYS D 299 20.45 0.09 -17.76
N LEU D 300 20.19 -1.18 -17.42
CA LEU D 300 20.18 -2.22 -18.43
C LEU D 300 19.04 -2.01 -19.41
N TYR D 301 17.89 -1.52 -18.93
CA TYR D 301 16.66 -1.41 -19.71
C TYR D 301 16.11 0.00 -19.57
N PRO D 302 16.83 1.00 -20.05
CA PRO D 302 16.43 2.39 -19.82
C PRO D 302 15.19 2.80 -20.55
N ASP D 303 14.71 1.95 -21.47
CA ASP D 303 13.48 2.23 -22.19
C ASP D 303 12.24 2.04 -21.32
N VAL D 304 12.37 1.28 -20.23
CA VAL D 304 11.28 1.11 -19.27
C VAL D 304 11.08 2.44 -18.53
N LYS D 305 10.00 3.14 -18.88
CA LYS D 305 9.61 4.39 -18.23
C LYS D 305 8.94 4.05 -16.88
N TYR D 306 9.76 3.63 -15.94
CA TYR D 306 9.23 3.10 -14.69
C TYR D 306 8.37 4.14 -13.96
N THR D 307 7.38 3.64 -13.24
CA THR D 307 6.45 4.51 -12.52
C THR D 307 7.16 5.12 -11.33
N ARG D 308 7.19 6.45 -11.28
CA ARG D 308 7.63 7.16 -10.08
C ARG D 308 6.52 7.17 -9.05
N MET D 309 6.91 7.33 -7.78
CA MET D 309 5.97 7.18 -6.69
C MET D 309 4.98 8.33 -6.60
N ASP D 310 5.28 9.50 -7.14
CA ASP D 310 4.26 10.53 -7.18
C ASP D 310 3.15 10.14 -8.13
N GLU D 311 3.49 9.52 -9.25
CA GLU D 311 2.48 9.02 -10.15
C GLU D 311 1.76 7.80 -9.57
N TYR D 312 2.50 6.94 -8.86
CA TYR D 312 1.91 5.72 -8.33
C TYR D 312 0.85 6.01 -7.29
N LEU D 313 1.08 7.02 -6.45
CA LEU D 313 0.20 7.37 -5.34
C LEU D 313 -1.04 8.13 -5.78
N LYS D 314 -1.09 8.62 -7.02
CA LYS D 314 -2.21 9.45 -7.44
C LYS D 314 -3.52 8.66 -7.44
N ILE D 315 -3.45 7.36 -7.72
CA ILE D 315 -4.67 6.59 -7.80
C ILE D 315 -5.44 6.64 -6.49
N PHE D 316 -4.76 6.93 -5.38
CA PHE D 316 -5.39 6.95 -4.07
C PHE D 316 -6.01 8.30 -3.71
N LEU D 317 -5.84 9.32 -4.55
CA LEU D 317 -6.25 10.65 -4.16
C LEU D 317 -7.77 10.78 -4.10
N GLY E 7 -24.09 13.96 -15.47
CA GLY E 7 -25.12 14.95 -15.69
C GLY E 7 -26.54 14.44 -15.56
N GLU E 8 -27.02 13.75 -16.59
CA GLU E 8 -28.33 13.09 -16.59
C GLU E 8 -28.24 11.61 -16.20
N LYS E 9 -27.06 11.16 -15.79
CA LYS E 9 -26.83 9.75 -15.50
C LYS E 9 -27.57 9.30 -14.24
N THR E 10 -27.86 8.00 -14.20
CA THR E 10 -28.25 7.35 -12.95
C THR E 10 -27.00 7.14 -12.10
N ARG E 11 -27.05 7.57 -10.85
CA ARG E 11 -25.95 7.34 -9.93
C ARG E 11 -26.19 6.03 -9.18
N VAL E 12 -25.28 5.07 -9.36
CA VAL E 12 -25.43 3.72 -8.82
C VAL E 12 -24.36 3.47 -7.77
N LEU E 13 -24.77 2.91 -6.64
CA LEU E 13 -23.86 2.39 -5.63
C LEU E 13 -23.89 0.88 -5.71
N VAL E 14 -22.74 0.27 -5.97
CA VAL E 14 -22.61 -1.18 -5.99
C VAL E 14 -22.06 -1.62 -4.64
N VAL E 15 -22.81 -2.46 -3.94
CA VAL E 15 -22.40 -3.03 -2.67
C VAL E 15 -21.93 -4.45 -2.94
N GLY E 16 -20.73 -4.79 -2.49
CA GLY E 16 -20.12 -6.04 -2.90
C GLY E 16 -19.31 -5.93 -4.17
N GLY E 17 -18.69 -4.79 -4.43
CA GLY E 17 -18.05 -4.50 -5.69
C GLY E 17 -16.82 -5.32 -6.04
N THR E 18 -16.19 -6.02 -5.09
CA THR E 18 -15.05 -6.87 -5.44
C THR E 18 -15.40 -8.35 -5.54
N GLY E 19 -16.69 -8.69 -5.38
CA GLY E 19 -17.12 -10.05 -5.53
C GLY E 19 -17.13 -10.50 -6.97
N THR E 20 -17.51 -11.77 -7.17
CA THR E 20 -17.55 -12.36 -8.50
C THR E 20 -18.54 -11.62 -9.39
N MET E 21 -19.78 -11.51 -8.92
CA MET E 21 -20.79 -10.79 -9.67
C MET E 21 -20.64 -9.28 -9.51
N GLY E 22 -20.21 -8.84 -8.32
CA GLY E 22 -20.11 -7.43 -8.05
C GLY E 22 -19.12 -6.71 -8.95
N ARG E 23 -17.96 -7.34 -9.20
CA ARG E 23 -17.00 -6.71 -10.09
C ARG E 23 -17.57 -6.53 -11.49
N ARG E 24 -18.29 -7.53 -11.98
CA ARG E 24 -18.89 -7.44 -13.29
C ARG E 24 -20.01 -6.39 -13.33
N ILE E 25 -20.71 -6.20 -12.22
CA ILE E 25 -21.75 -5.18 -12.15
C ILE E 25 -21.14 -3.79 -12.12
N VAL E 26 -20.02 -3.62 -11.41
CA VAL E 26 -19.32 -2.34 -11.47
C VAL E 26 -18.99 -1.99 -12.92
N ARG E 27 -18.31 -2.90 -13.62
CA ARG E 27 -17.90 -2.60 -14.99
C ARG E 27 -19.09 -2.42 -15.92
N ALA E 28 -20.15 -3.21 -15.73
CA ALA E 28 -21.31 -3.08 -16.60
C ALA E 28 -22.05 -1.76 -16.36
N CYS E 29 -22.00 -1.23 -15.14
CA CYS E 29 -22.62 0.07 -14.89
C CYS E 29 -21.80 1.19 -15.52
N LEU E 30 -20.47 1.06 -15.50
CA LEU E 30 -19.64 2.01 -16.22
C LEU E 30 -19.87 1.90 -17.71
N ALA E 31 -20.03 0.67 -18.22
CA ALA E 31 -20.21 0.49 -19.65
C ALA E 31 -21.53 1.07 -20.13
N GLU E 32 -22.53 1.10 -19.25
CA GLU E 32 -23.82 1.68 -19.59
C GLU E 32 -23.84 3.19 -19.48
N GLY E 33 -22.83 3.80 -18.87
CA GLY E 33 -22.84 5.23 -18.70
C GLY E 33 -23.38 5.70 -17.37
N HIS E 34 -23.60 4.79 -16.43
CA HIS E 34 -24.04 5.19 -15.11
C HIS E 34 -22.88 5.85 -14.38
N GLU E 35 -23.21 6.84 -13.57
CA GLU E 35 -22.22 7.41 -12.67
C GLU E 35 -22.06 6.42 -11.52
N THR E 36 -20.93 5.74 -11.48
CA THR E 36 -20.80 4.51 -10.70
C THR E 36 -19.98 4.73 -9.43
N TYR E 37 -20.56 4.34 -8.31
CA TYR E 37 -19.95 4.37 -7.00
C TYR E 37 -19.80 2.95 -6.50
N VAL E 38 -18.77 2.70 -5.72
CA VAL E 38 -18.52 1.39 -5.17
C VAL E 38 -18.29 1.55 -3.69
N LEU E 39 -18.88 0.66 -2.91
CA LEU E 39 -18.72 0.72 -1.47
C LEU E 39 -17.35 0.15 -1.10
N GLN E 40 -16.62 0.89 -0.31
CA GLN E 40 -15.29 0.49 0.17
C GLN E 40 -15.43 0.20 1.65
N GLN E 41 -15.36 -0.98 1.99
CA GLN E 41 -15.47 -1.41 3.36
C GLN E 41 -14.09 -1.41 4.03
N PRO E 42 -14.05 -1.21 5.35
CA PRO E 42 -12.77 -1.25 6.07
C PRO E 42 -12.02 -2.54 5.82
N GLU E 43 -10.74 -2.40 5.53
CA GLU E 43 -9.91 -3.56 5.27
C GLU E 43 -10.01 -4.54 6.43
N THR E 44 -10.40 -5.77 6.11
CA THR E 44 -10.46 -6.84 7.11
C THR E 44 -9.16 -7.62 7.20
N ARG E 45 -8.19 -7.31 6.37
CA ARG E 45 -6.88 -7.95 6.32
C ARG E 45 -6.04 -7.14 5.35
N VAL E 46 -4.80 -7.56 5.19
CA VAL E 46 -3.98 -7.03 4.11
C VAL E 46 -4.38 -7.81 2.87
N ASP E 47 -5.35 -7.31 2.14
CA ASP E 47 -5.89 -8.03 0.99
C ASP E 47 -5.54 -7.29 -0.28
N ILE E 48 -4.51 -7.81 -0.95
CA ILE E 48 -3.88 -7.12 -2.06
C ILE E 48 -4.76 -7.18 -3.31
N GLU E 49 -5.37 -8.34 -3.57
CA GLU E 49 -6.21 -8.45 -4.76
C GLU E 49 -7.49 -7.64 -4.62
N LYS E 50 -8.00 -7.51 -3.41
CA LYS E 50 -9.22 -6.73 -3.21
C LYS E 50 -8.96 -5.25 -3.40
N VAL E 51 -7.88 -4.74 -2.83
CA VAL E 51 -7.57 -3.31 -2.89
C VAL E 51 -7.32 -2.85 -4.32
N GLN E 52 -6.55 -3.62 -5.08
CA GLN E 52 -6.23 -3.16 -6.42
C GLN E 52 -7.41 -3.30 -7.38
N LEU E 53 -8.28 -4.28 -7.17
CA LEU E 53 -9.55 -4.33 -7.90
C LEU E 53 -10.37 -3.05 -7.68
N LEU E 54 -10.60 -2.70 -6.43
CA LEU E 54 -11.29 -1.45 -6.08
C LEU E 54 -10.67 -0.22 -6.75
N TYR E 55 -9.37 0.00 -6.56
CA TYR E 55 -8.79 1.23 -7.09
C TYR E 55 -8.72 1.22 -8.61
N SER E 56 -8.62 0.04 -9.21
CA SER E 56 -8.68 -0.04 -10.67
C SER E 56 -9.99 0.51 -11.21
N TYR E 57 -11.06 0.47 -10.42
CA TYR E 57 -12.34 1.01 -10.90
C TYR E 57 -12.26 2.52 -11.07
N LYS E 58 -11.50 3.19 -10.21
CA LYS E 58 -11.33 4.64 -10.32
C LYS E 58 -10.76 5.03 -11.67
N ARG E 59 -9.77 4.27 -12.17
CA ARG E 59 -9.23 4.55 -13.49
C ARG E 59 -10.29 4.46 -14.57
N LEU E 60 -11.34 3.68 -14.34
CA LEU E 60 -12.46 3.59 -15.28
C LEU E 60 -13.53 4.64 -15.02
N GLY E 61 -13.33 5.48 -14.01
CA GLY E 61 -14.28 6.54 -13.73
C GLY E 61 -15.20 6.30 -12.54
N ALA E 62 -15.07 5.16 -11.87
CA ALA E 62 -15.92 4.94 -10.71
C ALA E 62 -15.39 5.71 -9.51
N ARG E 63 -16.24 5.89 -8.52
CA ARG E 63 -15.85 6.54 -7.29
C ARG E 63 -15.98 5.56 -6.13
N LEU E 64 -15.15 5.74 -5.13
CA LEU E 64 -15.17 4.92 -3.93
C LEU E 64 -15.85 5.71 -2.82
N ILE E 65 -16.78 5.06 -2.13
CA ILE E 65 -17.39 5.61 -0.94
C ILE E 65 -17.10 4.66 0.20
N GLU E 66 -16.43 5.17 1.23
CA GLU E 66 -16.09 4.36 2.38
C GLU E 66 -17.24 4.37 3.39
N ALA E 67 -17.55 3.19 3.89
CA ALA E 67 -18.57 3.04 4.90
C ALA E 67 -18.38 1.64 5.45
N SER E 68 -19.02 1.40 6.59
CA SER E 68 -18.92 0.10 7.25
C SER E 68 -20.31 -0.33 7.71
N PHE E 69 -20.59 -1.63 7.59
CA PHE E 69 -21.91 -2.12 8.01
C PHE E 69 -22.10 -2.07 9.52
N SER E 70 -21.01 -1.96 10.28
CA SER E 70 -21.09 -1.75 11.71
C SER E 70 -21.33 -0.29 12.09
N ASP E 71 -21.31 0.62 11.14
CA ASP E 71 -21.56 2.04 11.41
C ASP E 71 -22.82 2.46 10.63
N HIS E 72 -23.96 2.43 11.31
CA HIS E 72 -25.22 2.69 10.64
C HIS E 72 -25.22 4.03 9.91
N GLN E 73 -24.70 5.08 10.54
CA GLN E 73 -24.73 6.38 9.88
C GLN E 73 -23.74 6.50 8.73
N SER E 74 -22.66 5.70 8.71
CA SER E 74 -21.80 5.72 7.54
C SER E 74 -22.53 5.13 6.33
N LEU E 75 -23.38 4.12 6.55
CA LEU E 75 -24.17 3.59 5.46
C LEU E 75 -25.23 4.58 5.00
N VAL E 76 -25.91 5.23 5.94
CA VAL E 76 -26.86 6.27 5.60
C VAL E 76 -26.17 7.35 4.75
N SER E 77 -24.96 7.72 5.14
CA SER E 77 -24.21 8.74 4.43
C SER E 77 -23.83 8.28 3.02
N ALA E 78 -23.47 7.02 2.86
CA ALA E 78 -23.19 6.46 1.54
C ALA E 78 -24.40 6.54 0.61
N VAL E 79 -25.55 6.01 1.04
CA VAL E 79 -26.68 5.85 0.11
C VAL E 79 -27.35 7.17 -0.22
N LYS E 80 -27.11 8.21 0.57
CA LYS E 80 -27.58 9.54 0.22
C LYS E 80 -26.84 10.13 -0.98
N GLN E 81 -25.69 9.59 -1.34
CA GLN E 81 -24.95 10.13 -2.46
C GLN E 81 -25.35 9.50 -3.79
N VAL E 82 -26.34 8.61 -3.82
CA VAL E 82 -26.69 7.92 -5.06
C VAL E 82 -28.20 7.89 -5.24
N ASP E 83 -28.60 7.36 -6.38
CA ASP E 83 -29.99 7.19 -6.72
C ASP E 83 -30.44 5.74 -6.57
N ILE E 84 -29.57 4.80 -6.94
CA ILE E 84 -29.87 3.39 -6.99
C ILE E 84 -28.75 2.60 -6.31
N VAL E 85 -29.11 1.51 -5.65
CA VAL E 85 -28.16 0.62 -5.00
C VAL E 85 -28.31 -0.79 -5.58
N VAL E 86 -27.18 -1.40 -5.91
CA VAL E 86 -27.15 -2.80 -6.33
C VAL E 86 -26.26 -3.54 -5.36
N ALA E 87 -26.76 -4.63 -4.80
CA ALA E 87 -25.99 -5.41 -3.85
C ALA E 87 -25.68 -6.76 -4.46
N ALA E 88 -24.47 -7.25 -4.21
CA ALA E 88 -24.03 -8.55 -4.70
C ALA E 88 -23.18 -9.24 -3.63
N MET E 89 -23.76 -9.41 -2.44
CA MET E 89 -23.09 -10.11 -1.36
C MET E 89 -23.08 -11.62 -1.60
N SER E 90 -22.14 -12.30 -0.96
CA SER E 90 -21.94 -13.72 -1.14
C SER E 90 -23.12 -14.51 -0.59
N GLY E 91 -23.27 -15.72 -1.10
CA GLY E 91 -24.31 -16.62 -0.60
C GLY E 91 -24.12 -18.02 -1.12
N SER E 98 -23.91 -13.66 5.01
CA SER E 98 -23.72 -12.41 4.30
C SER E 98 -25.00 -11.79 3.74
N ILE E 99 -25.93 -12.61 3.26
CA ILE E 99 -27.17 -12.05 2.70
C ILE E 99 -27.89 -11.18 3.72
N LEU E 100 -27.95 -11.62 4.97
CA LEU E 100 -28.68 -10.86 5.98
C LEU E 100 -28.04 -9.51 6.28
N VAL E 101 -26.77 -9.33 5.92
CA VAL E 101 -26.16 -8.02 6.12
C VAL E 101 -26.93 -6.94 5.39
N GLN E 102 -27.65 -7.33 4.33
CA GLN E 102 -28.43 -6.37 3.57
C GLN E 102 -29.53 -5.72 4.41
N LEU E 103 -29.95 -6.35 5.49
CA LEU E 103 -30.96 -5.72 6.33
C LEU E 103 -30.48 -4.38 6.86
N LYS E 104 -29.19 -4.27 7.23
CA LYS E 104 -28.66 -2.97 7.60
C LYS E 104 -28.69 -2.00 6.44
N LEU E 105 -28.49 -2.50 5.23
CA LEU E 105 -28.60 -1.66 4.05
C LEU E 105 -30.04 -1.20 3.84
N VAL E 106 -30.99 -2.10 4.05
CA VAL E 106 -32.39 -1.70 3.92
C VAL E 106 -32.74 -0.64 4.94
N GLU E 107 -32.31 -0.82 6.18
CA GLU E 107 -32.58 0.16 7.21
C GLU E 107 -31.96 1.51 6.84
N ALA E 108 -30.71 1.49 6.35
CA ALA E 108 -30.03 2.73 5.95
C ALA E 108 -30.75 3.40 4.77
N ILE E 109 -31.13 2.61 3.75
CA ILE E 109 -31.87 3.17 2.63
C ILE E 109 -33.18 3.77 3.09
N LYS E 110 -33.89 3.05 3.96
CA LYS E 110 -35.16 3.54 4.48
C LYS E 110 -34.97 4.89 5.17
N GLU E 111 -33.93 5.00 6.01
CA GLU E 111 -33.72 6.27 6.69
C GLU E 111 -33.34 7.39 5.71
N ALA E 112 -32.54 7.08 4.69
CA ALA E 112 -32.06 8.09 3.75
C ALA E 112 -33.20 8.67 2.90
N GLY E 113 -34.13 7.82 2.45
CA GLY E 113 -35.33 8.27 1.75
C GLY E 113 -35.15 8.73 0.33
N ASN E 114 -33.91 8.80 -0.18
CA ASN E 114 -33.67 9.32 -1.51
C ASN E 114 -33.50 8.24 -2.56
N ILE E 115 -33.49 6.97 -2.17
CA ILE E 115 -33.16 5.90 -3.11
C ILE E 115 -34.37 5.58 -3.97
N LYS E 116 -34.14 5.48 -5.27
CA LYS E 116 -35.20 5.23 -6.23
C LYS E 116 -35.41 3.78 -6.52
N ARG E 117 -34.36 2.97 -6.42
CA ARG E 117 -34.50 1.54 -6.60
C ARG E 117 -33.35 0.86 -5.88
N PHE E 118 -33.63 -0.30 -5.32
CA PHE E 118 -32.62 -1.16 -4.71
C PHE E 118 -32.70 -2.53 -5.38
N LEU E 119 -31.57 -3.03 -5.83
CA LEU E 119 -31.52 -4.38 -6.37
C LEU E 119 -30.75 -5.21 -5.38
N PRO E 120 -31.41 -6.08 -4.62
CA PRO E 120 -30.68 -6.88 -3.63
C PRO E 120 -29.88 -7.99 -4.26
N SER E 121 -29.11 -8.69 -3.44
CA SER E 121 -28.24 -9.75 -3.91
C SER E 121 -29.06 -10.98 -4.20
N GLU E 122 -29.38 -11.17 -5.49
CA GLU E 122 -30.23 -12.24 -5.94
C GLU E 122 -29.47 -13.12 -6.93
N PHE E 123 -29.61 -12.83 -8.23
CA PHE E 123 -28.80 -13.44 -9.29
C PHE E 123 -28.74 -14.96 -9.25
N GLY E 124 -29.82 -15.62 -8.88
CA GLY E 124 -29.87 -17.07 -9.03
C GLY E 124 -31.22 -17.70 -8.83
N MET E 125 -31.28 -18.66 -7.93
CA MET E 125 -32.53 -19.32 -7.58
C MET E 125 -33.58 -18.30 -7.20
N ASP E 126 -34.82 -18.54 -7.60
CA ASP E 126 -35.92 -17.74 -7.06
C ASP E 126 -36.22 -18.20 -5.65
N PRO E 127 -36.01 -17.37 -4.64
CA PRO E 127 -36.27 -17.78 -3.26
C PRO E 127 -37.74 -17.78 -2.88
N SER E 128 -38.64 -17.38 -3.78
CA SER E 128 -40.06 -17.26 -3.50
C SER E 128 -40.84 -18.47 -3.98
N ARG E 129 -40.17 -19.57 -4.30
CA ARG E 129 -40.83 -20.84 -4.53
C ARG E 129 -41.00 -21.58 -3.21
N ASP E 142 -35.32 -18.65 5.06
CA ASP E 142 -34.54 -18.29 3.89
C ASP E 142 -34.07 -16.85 3.99
N GLN E 143 -32.78 -16.63 3.72
CA GLN E 143 -32.21 -15.31 3.96
C GLN E 143 -32.62 -14.30 2.90
N LYS E 144 -32.61 -14.70 1.64
CA LYS E 144 -32.98 -13.74 0.61
C LYS E 144 -34.43 -13.31 0.73
N LEU E 145 -35.30 -14.24 1.09
CA LEU E 145 -36.71 -13.90 1.26
C LEU E 145 -36.90 -12.89 2.38
N GLU E 146 -36.07 -12.94 3.42
CA GLU E 146 -36.25 -11.97 4.49
C GLU E 146 -35.79 -10.60 4.06
N VAL E 147 -34.73 -10.55 3.25
CA VAL E 147 -34.29 -9.29 2.66
C VAL E 147 -35.39 -8.73 1.79
N ARG E 148 -35.99 -9.58 0.95
CA ARG E 148 -37.15 -9.16 0.17
C ARG E 148 -38.26 -8.63 1.07
N ASN E 149 -38.54 -9.32 2.17
CA ASN E 149 -39.65 -8.89 3.02
C ASN E 149 -39.38 -7.52 3.61
N ALA E 150 -38.13 -7.25 4.00
CA ALA E 150 -37.79 -5.94 4.57
C ALA E 150 -37.78 -4.85 3.50
N ILE E 151 -37.31 -5.16 2.30
CA ILE E 151 -37.39 -4.21 1.20
C ILE E 151 -38.83 -3.74 0.99
N GLU E 152 -39.74 -4.71 0.85
CA GLU E 152 -41.14 -4.38 0.56
C GLU E 152 -41.82 -3.77 1.78
N ALA E 153 -41.52 -4.28 2.97
CA ALA E 153 -42.03 -3.63 4.18
C ALA E 153 -41.70 -2.15 4.20
N ALA E 154 -40.50 -1.80 3.77
CA ALA E 154 -40.09 -0.40 3.78
C ALA E 154 -40.65 0.38 2.61
N GLY E 155 -41.29 -0.27 1.65
CA GLY E 155 -41.76 0.44 0.49
C GLY E 155 -40.65 0.93 -0.42
N ILE E 156 -39.55 0.20 -0.49
CA ILE E 156 -38.40 0.58 -1.31
C ILE E 156 -38.59 -0.06 -2.68
N PRO E 157 -38.74 0.73 -3.74
CA PRO E 157 -38.88 0.11 -5.07
C PRO E 157 -37.69 -0.80 -5.34
N HIS E 158 -37.94 -1.89 -6.07
CA HIS E 158 -36.94 -2.93 -6.20
C HIS E 158 -37.01 -3.57 -7.58
N THR E 159 -35.98 -4.34 -7.88
CA THR E 159 -35.98 -5.27 -9.00
C THR E 159 -35.23 -6.51 -8.55
N TYR E 160 -35.79 -7.68 -8.82
CA TYR E 160 -35.17 -8.94 -8.45
C TYR E 160 -34.72 -9.62 -9.72
N VAL E 161 -33.41 -9.81 -9.85
CA VAL E 161 -32.77 -10.42 -11.02
C VAL E 161 -32.44 -11.86 -10.66
N VAL E 162 -33.07 -12.82 -11.35
CA VAL E 162 -33.05 -14.23 -10.97
C VAL E 162 -33.05 -15.10 -12.22
N GLY E 163 -32.82 -16.39 -12.02
CA GLY E 163 -33.23 -17.40 -12.96
C GLY E 163 -32.16 -18.09 -13.79
N ALA E 164 -30.88 -17.95 -13.44
CA ALA E 164 -29.84 -18.46 -14.32
C ALA E 164 -28.71 -19.06 -13.50
N CYS E 165 -28.05 -20.07 -14.05
CA CYS E 165 -26.80 -20.59 -13.50
C CYS E 165 -25.62 -19.78 -14.02
N PHE E 166 -24.75 -19.33 -13.11
CA PHE E 166 -23.46 -18.77 -13.51
C PHE E 166 -22.74 -19.77 -14.39
N ALA E 167 -22.33 -19.33 -15.58
CA ALA E 167 -21.72 -20.27 -16.51
C ALA E 167 -20.42 -20.83 -15.96
N ALA E 168 -19.73 -20.05 -15.14
CA ALA E 168 -18.45 -20.50 -14.60
C ALA E 168 -18.63 -21.59 -13.56
N TYR E 169 -19.73 -21.56 -12.83
CA TYR E 169 -19.97 -22.57 -11.82
C TYR E 169 -20.65 -23.82 -12.36
N PHE E 170 -21.35 -23.75 -13.50
CA PHE E 170 -22.20 -24.86 -13.97
C PHE E 170 -21.99 -25.27 -15.41
N ALA E 171 -21.51 -24.38 -16.27
CA ALA E 171 -21.29 -24.71 -17.68
C ALA E 171 -19.87 -25.19 -17.93
N GLY E 172 -18.87 -24.43 -17.48
CA GLY E 172 -17.49 -24.73 -17.81
C GLY E 172 -17.01 -26.02 -17.23
N ASN E 173 -17.67 -26.53 -16.19
CA ASN E 173 -17.38 -27.85 -15.64
C ASN E 173 -18.35 -28.92 -16.12
N LEU E 174 -19.20 -28.60 -17.10
CA LEU E 174 -20.29 -29.50 -17.50
C LEU E 174 -21.11 -29.94 -16.29
N SER E 175 -21.25 -29.03 -15.33
CA SER E 175 -22.12 -29.21 -14.18
C SER E 175 -21.60 -30.28 -13.23
N GLN E 176 -20.32 -30.63 -13.35
CA GLN E 176 -19.70 -31.51 -12.37
C GLN E 176 -19.30 -30.70 -11.14
N MET E 177 -19.26 -31.38 -10.01
CA MET E 177 -18.94 -30.70 -8.77
C MET E 177 -17.45 -30.78 -8.46
N GLY E 178 -17.01 -29.84 -7.63
CA GLY E 178 -15.62 -29.85 -7.22
C GLY E 178 -14.64 -29.38 -8.25
N THR E 179 -15.09 -28.92 -9.43
CA THR E 179 -14.16 -28.45 -10.45
C THR E 179 -14.84 -27.35 -11.26
N LEU E 180 -14.03 -26.57 -11.97
CA LEU E 180 -14.51 -25.49 -12.83
C LEU E 180 -14.10 -25.64 -14.27
N ILE E 181 -13.46 -26.75 -14.63
CA ILE E 181 -13.07 -26.95 -16.02
C ILE E 181 -13.69 -28.26 -16.48
N PRO E 182 -13.70 -28.52 -17.77
CA PRO E 182 -14.30 -29.73 -18.25
C PRO E 182 -13.51 -30.95 -17.81
N PRO E 183 -14.20 -32.05 -17.50
CA PRO E 183 -13.51 -33.29 -17.17
C PRO E 183 -12.99 -33.95 -18.44
N LYS E 184 -12.03 -34.84 -18.27
CA LYS E 184 -11.30 -35.35 -19.43
C LYS E 184 -11.90 -36.62 -20.00
N LYS E 185 -12.46 -37.48 -19.15
CA LYS E 185 -12.94 -38.79 -19.60
C LYS E 185 -14.36 -39.11 -19.15
N LYS E 186 -14.69 -38.86 -17.89
CA LYS E 186 -15.96 -39.26 -17.32
C LYS E 186 -16.76 -38.02 -16.92
N VAL E 187 -18.07 -38.19 -16.87
CA VAL E 187 -18.97 -37.13 -16.44
C VAL E 187 -20.15 -37.77 -15.73
N ASN E 188 -20.62 -37.12 -14.67
CA ASN E 188 -21.84 -37.50 -13.99
C ASN E 188 -23.03 -36.80 -14.61
N ILE E 189 -24.06 -37.58 -14.98
CA ILE E 189 -25.28 -37.05 -15.56
C ILE E 189 -26.36 -37.17 -14.49
N TYR E 190 -27.13 -36.11 -14.31
CA TYR E 190 -28.10 -36.02 -13.22
C TYR E 190 -29.45 -36.54 -13.72
N GLY E 191 -29.87 -37.68 -13.22
CA GLY E 191 -31.00 -38.34 -13.81
C GLY E 191 -30.62 -38.81 -15.20
N ASP E 192 -31.48 -38.53 -16.17
CA ASP E 192 -31.14 -38.73 -17.56
C ASP E 192 -30.58 -37.48 -18.21
N GLY E 193 -30.40 -36.42 -17.43
CA GLY E 193 -29.89 -35.20 -18.00
C GLY E 193 -30.81 -34.61 -19.04
N ASN E 194 -32.12 -34.73 -18.85
CA ASN E 194 -33.08 -34.17 -19.78
C ASN E 194 -33.88 -33.06 -19.16
N VAL E 195 -33.45 -32.56 -18.01
CA VAL E 195 -34.06 -31.41 -17.37
C VAL E 195 -33.41 -30.15 -17.90
N LYS E 196 -34.22 -29.23 -18.40
CA LYS E 196 -33.71 -27.99 -18.95
C LYS E 196 -33.20 -27.09 -17.83
N VAL E 197 -32.05 -26.47 -18.09
CA VAL E 197 -31.36 -25.58 -17.16
C VAL E 197 -31.04 -24.30 -17.90
N VAL E 198 -30.69 -23.24 -17.16
CA VAL E 198 -30.38 -21.95 -17.78
C VAL E 198 -28.91 -21.60 -17.49
N TYR E 199 -28.08 -21.64 -18.52
CA TYR E 199 -26.65 -21.37 -18.39
C TYR E 199 -26.35 -20.00 -18.97
N VAL E 200 -25.76 -19.11 -18.16
CA VAL E 200 -25.55 -17.73 -18.61
C VAL E 200 -24.19 -17.22 -18.15
N ASP E 201 -23.44 -16.66 -19.09
CA ASP E 201 -22.25 -15.90 -18.77
C ASP E 201 -22.55 -14.84 -17.73
N GLU E 202 -21.75 -14.82 -16.66
CA GLU E 202 -21.92 -13.82 -15.61
C GLU E 202 -21.81 -12.40 -16.14
N ASP E 203 -21.02 -12.20 -17.20
CA ASP E 203 -20.94 -10.87 -17.82
C ASP E 203 -22.29 -10.43 -18.36
N ASP E 204 -23.04 -11.37 -18.96
CA ASP E 204 -24.34 -11.04 -19.51
C ASP E 204 -25.34 -10.77 -18.41
N ILE E 205 -25.29 -11.56 -17.33
CA ILE E 205 -26.06 -11.25 -16.14
C ILE E 205 -25.75 -9.85 -15.66
N ALA E 206 -24.48 -9.48 -15.63
CA ALA E 206 -24.10 -8.16 -15.17
C ALA E 206 -24.61 -7.07 -16.11
N GLU E 207 -24.52 -7.31 -17.42
CA GLU E 207 -24.99 -6.31 -18.37
C GLU E 207 -26.50 -6.12 -18.29
N TYR E 208 -27.26 -7.23 -18.22
CA TYR E 208 -28.71 -7.16 -18.02
C TYR E 208 -29.08 -6.40 -16.74
N THR E 209 -28.36 -6.67 -15.66
CA THR E 209 -28.55 -5.92 -14.42
C THR E 209 -28.30 -4.42 -14.64
N ALA E 210 -27.24 -4.06 -15.36
CA ALA E 210 -26.94 -2.64 -15.57
C ALA E 210 -27.99 -1.97 -16.47
N LYS E 211 -28.60 -2.71 -17.38
CA LYS E 211 -29.63 -2.14 -18.23
C LYS E 211 -30.98 -2.05 -17.53
N THR E 212 -31.25 -2.92 -16.56
CA THR E 212 -32.57 -3.01 -15.97
C THR E 212 -32.77 -2.10 -14.78
N LEU E 213 -31.68 -1.66 -14.13
CA LEU E 213 -31.81 -1.01 -12.83
C LEU E 213 -32.49 0.35 -12.90
N ASP E 214 -32.50 1.01 -14.05
CA ASP E 214 -33.28 2.23 -14.21
C ASP E 214 -34.31 2.11 -15.32
N ASP E 215 -34.66 0.90 -15.70
CA ASP E 215 -35.68 0.66 -16.69
C ASP E 215 -37.05 0.78 -16.03
N PRO E 216 -37.89 1.76 -16.41
CA PRO E 216 -39.22 1.86 -15.78
C PRO E 216 -40.07 0.60 -15.94
N ARG E 217 -39.85 -0.21 -16.97
CA ARG E 217 -40.67 -1.41 -17.17
C ARG E 217 -40.45 -2.47 -16.10
N THR E 218 -39.39 -2.37 -15.32
CA THR E 218 -39.03 -3.43 -14.39
C THR E 218 -39.05 -2.95 -12.95
N ILE E 219 -39.66 -1.80 -12.69
CA ILE E 219 -39.78 -1.35 -11.31
C ILE E 219 -40.72 -2.30 -10.58
N ASN E 220 -40.32 -2.70 -9.37
CA ASN E 220 -41.10 -3.63 -8.53
C ASN E 220 -41.46 -4.90 -9.29
N LYS E 221 -40.56 -5.36 -10.16
CA LYS E 221 -40.77 -6.59 -10.88
C LYS E 221 -39.63 -7.56 -10.60
N THR E 222 -39.89 -8.81 -10.91
CA THR E 222 -38.85 -9.80 -11.03
C THR E 222 -38.43 -9.85 -12.49
N VAL E 223 -37.13 -9.96 -12.73
CA VAL E 223 -36.57 -10.08 -14.08
C VAL E 223 -35.92 -11.44 -14.18
N TYR E 224 -36.35 -12.24 -15.13
CA TYR E 224 -35.79 -13.58 -15.34
C TYR E 224 -34.75 -13.50 -16.43
N VAL E 225 -33.55 -14.01 -16.15
CA VAL E 225 -32.44 -13.97 -17.09
C VAL E 225 -32.44 -15.34 -17.77
N ARG E 226 -33.13 -15.42 -18.90
CA ARG E 226 -33.35 -16.70 -19.57
C ARG E 226 -33.11 -16.53 -21.06
N PRO E 227 -31.87 -16.28 -21.47
CA PRO E 227 -31.57 -16.15 -22.90
C PRO E 227 -31.95 -17.42 -23.64
N THR E 228 -32.83 -17.27 -24.63
CA THR E 228 -33.55 -18.40 -25.18
C THR E 228 -32.63 -19.54 -25.61
N GLU E 229 -31.55 -19.22 -26.31
CA GLU E 229 -30.71 -20.30 -26.81
C GLU E 229 -29.86 -20.97 -25.74
N ASN E 230 -29.82 -20.42 -24.52
CA ASN E 230 -29.01 -20.99 -23.45
C ASN E 230 -29.83 -21.78 -22.45
N VAL E 231 -31.10 -22.05 -22.77
CA VAL E 231 -31.95 -22.98 -22.03
C VAL E 231 -31.57 -24.37 -22.53
N LEU E 232 -30.82 -25.12 -21.73
CA LEU E 232 -30.24 -26.37 -22.20
C LEU E 232 -30.34 -27.41 -21.10
N THR E 233 -30.44 -28.67 -21.50
CA THR E 233 -30.30 -29.75 -20.54
C THR E 233 -28.82 -30.04 -20.32
N GLN E 234 -28.51 -30.69 -19.20
CA GLN E 234 -27.13 -31.04 -18.98
C GLN E 234 -26.59 -31.87 -20.13
N MET E 235 -27.40 -32.79 -20.66
CA MET E 235 -26.94 -33.61 -21.78
C MET E 235 -26.70 -32.77 -23.03
N GLU E 236 -27.55 -31.79 -23.29
CA GLU E 236 -27.30 -30.92 -24.44
C GLU E 236 -26.03 -30.13 -24.23
N LEU E 237 -25.78 -29.66 -23.01
CA LEU E 237 -24.52 -28.99 -22.71
C LEU E 237 -23.35 -29.94 -22.94
N VAL E 238 -23.43 -31.15 -22.38
CA VAL E 238 -22.33 -32.07 -22.56
C VAL E 238 -22.11 -32.36 -24.04
N GLN E 239 -23.17 -32.33 -24.84
CA GLN E 239 -23.02 -32.67 -26.26
C GLN E 239 -22.42 -31.52 -27.05
N ILE E 240 -22.71 -30.28 -26.66
CA ILE E 240 -22.00 -29.11 -27.19
C ILE E 240 -20.50 -29.30 -27.03
N TRP E 241 -20.08 -29.82 -25.88
CA TRP E 241 -18.66 -29.99 -25.61
C TRP E 241 -18.08 -31.13 -26.45
N GLU E 242 -18.74 -32.29 -26.45
CA GLU E 242 -18.23 -33.40 -27.24
C GLU E 242 -18.19 -33.05 -28.71
N LYS E 243 -19.07 -32.19 -29.18
CA LYS E 243 -18.98 -31.73 -30.56
C LYS E 243 -17.76 -30.84 -30.75
N LEU E 244 -17.41 -30.03 -29.76
CA LEU E 244 -16.23 -29.19 -29.89
C LEU E 244 -14.95 -30.01 -29.77
N THR E 245 -14.93 -31.00 -28.88
CA THR E 245 -13.72 -31.78 -28.70
C THR E 245 -13.62 -32.98 -29.63
N GLY E 246 -14.75 -33.45 -30.16
CA GLY E 246 -14.78 -34.68 -30.92
C GLY E 246 -14.54 -35.93 -30.12
N LYS E 247 -14.71 -35.86 -28.80
CA LYS E 247 -14.43 -36.99 -27.92
C LYS E 247 -15.66 -37.25 -27.08
N GLU E 248 -16.06 -38.51 -27.02
CA GLU E 248 -17.24 -38.88 -26.28
C GLU E 248 -16.87 -39.10 -24.82
N LEU E 249 -17.65 -38.51 -23.93
CA LEU E 249 -17.39 -38.67 -22.51
C LEU E 249 -18.13 -39.89 -21.97
N GLU E 250 -17.48 -40.63 -21.10
CA GLU E 250 -18.06 -41.80 -20.44
C GLU E 250 -19.01 -41.29 -19.36
N LYS E 251 -20.31 -41.56 -19.53
CA LYS E 251 -21.33 -40.96 -18.69
C LYS E 251 -21.86 -41.95 -17.67
N THR E 252 -22.19 -41.43 -16.50
CA THR E 252 -22.79 -42.19 -15.41
C THR E 252 -24.02 -41.45 -14.92
N ASN E 253 -25.18 -42.08 -15.02
CA ASN E 253 -26.43 -41.47 -14.60
C ASN E 253 -26.65 -41.75 -13.12
N ILE E 254 -27.03 -40.72 -12.38
CA ILE E 254 -27.20 -40.79 -10.94
C ILE E 254 -28.66 -40.49 -10.67
N SER E 255 -29.35 -41.43 -10.04
CA SER E 255 -30.78 -41.31 -9.87
C SER E 255 -31.09 -40.25 -8.83
N ALA E 256 -32.33 -39.78 -8.88
CA ALA E 256 -32.80 -38.83 -7.88
C ALA E 256 -32.62 -39.39 -6.48
N ASN E 257 -32.88 -40.69 -6.30
CA ASN E 257 -32.76 -41.28 -4.97
C ASN E 257 -31.30 -41.32 -4.51
N ASP E 258 -30.36 -41.71 -5.37
CA ASP E 258 -28.97 -41.77 -4.93
C ASP E 258 -28.45 -40.39 -4.58
N PHE E 259 -28.78 -39.39 -5.40
CA PHE E 259 -28.39 -38.02 -5.09
C PHE E 259 -29.00 -37.56 -3.78
N LEU E 260 -30.27 -37.91 -3.55
CA LEU E 260 -30.94 -37.58 -2.30
C LEU E 260 -30.33 -38.27 -1.10
N ALA E 261 -29.82 -39.49 -1.28
CA ALA E 261 -29.20 -40.25 -0.19
C ALA E 261 -28.25 -39.32 0.54
N ASP E 262 -27.21 -38.94 -0.21
CA ASP E 262 -26.66 -37.59 -0.24
C ASP E 262 -25.30 -37.67 -0.92
N ALA E 272 -21.69 -29.47 0.49
CA ALA E 272 -21.73 -28.12 -0.07
C ALA E 272 -22.49 -28.04 -1.41
N GLY E 273 -23.45 -27.12 -1.50
CA GLY E 273 -24.21 -26.87 -2.71
C GLY E 273 -25.11 -28.00 -3.18
N LEU E 274 -25.19 -29.10 -2.43
CA LEU E 274 -25.88 -30.28 -2.93
C LEU E 274 -27.39 -30.04 -3.10
N GLY E 275 -28.00 -29.27 -2.19
CA GLY E 275 -29.40 -28.95 -2.37
C GLY E 275 -29.67 -28.13 -3.61
N HIS E 276 -28.76 -27.21 -3.95
CA HIS E 276 -28.93 -26.42 -5.16
C HIS E 276 -28.95 -27.28 -6.40
N PHE E 277 -27.97 -28.19 -6.54
CA PHE E 277 -27.94 -29.06 -7.70
C PHE E 277 -29.20 -29.92 -7.80
N TYR E 278 -29.80 -30.29 -6.67
CA TYR E 278 -31.03 -31.07 -6.76
C TYR E 278 -32.17 -30.24 -7.34
N HIS E 279 -32.38 -29.04 -6.80
CA HIS E 279 -33.48 -28.23 -7.30
C HIS E 279 -33.28 -27.86 -8.76
N ILE E 280 -32.04 -27.66 -9.18
CA ILE E 280 -31.76 -27.24 -10.56
C ILE E 280 -31.92 -28.41 -11.52
N PHE E 281 -31.18 -29.49 -11.29
CA PHE E 281 -31.06 -30.55 -12.29
C PHE E 281 -32.10 -31.66 -12.16
N TYR E 282 -32.67 -31.89 -10.98
CA TYR E 282 -33.70 -32.91 -10.84
C TYR E 282 -35.10 -32.33 -10.90
N GLU E 283 -35.37 -31.23 -10.20
CA GLU E 283 -36.68 -30.59 -10.21
C GLU E 283 -36.83 -29.49 -11.25
N GLY E 284 -35.78 -29.13 -11.99
CA GLY E 284 -35.95 -28.18 -13.08
C GLY E 284 -36.49 -26.83 -12.64
N CYS E 285 -36.12 -26.38 -11.45
CA CYS E 285 -36.67 -25.17 -10.87
C CYS E 285 -36.43 -23.93 -11.73
N LEU E 286 -35.39 -23.91 -12.56
CA LEU E 286 -35.12 -22.71 -13.34
C LEU E 286 -35.96 -22.64 -14.62
N THR E 287 -36.61 -23.73 -15.03
CA THR E 287 -37.32 -23.73 -16.30
C THR E 287 -38.73 -24.32 -16.26
N ASP E 288 -39.26 -24.69 -15.09
CA ASP E 288 -40.56 -25.34 -15.13
C ASP E 288 -41.70 -24.36 -15.36
N HIS E 289 -41.48 -23.07 -15.12
CA HIS E 289 -42.48 -22.04 -15.38
C HIS E 289 -42.07 -21.15 -16.53
N GLU E 290 -42.96 -20.96 -17.49
CA GLU E 290 -42.73 -20.04 -18.59
C GLU E 290 -42.69 -18.61 -18.08
N VAL E 291 -41.95 -17.76 -18.78
CA VAL E 291 -41.79 -16.36 -18.38
C VAL E 291 -42.20 -15.47 -19.53
N GLY E 292 -42.85 -14.36 -19.21
CA GLY E 292 -43.33 -13.48 -20.25
C GLY E 292 -42.23 -12.62 -20.83
N ASP E 293 -42.44 -12.18 -22.06
CA ASP E 293 -41.46 -11.35 -22.74
C ASP E 293 -41.19 -10.05 -21.97
N ASP E 294 -42.18 -9.54 -21.23
CA ASP E 294 -42.01 -8.28 -20.52
C ASP E 294 -41.29 -8.44 -19.18
N GLU E 295 -40.79 -9.64 -18.90
CA GLU E 295 -40.10 -9.95 -17.65
C GLU E 295 -38.93 -10.90 -17.89
N GLU E 296 -38.47 -11.05 -19.13
CA GLU E 296 -37.32 -11.88 -19.43
C GLU E 296 -36.24 -11.01 -20.05
N ALA E 297 -35.02 -11.13 -19.50
CA ALA E 297 -33.94 -10.20 -19.82
C ALA E 297 -33.64 -10.13 -21.30
N SER E 298 -33.45 -11.27 -21.96
CA SER E 298 -33.06 -11.22 -23.36
C SER E 298 -34.15 -10.58 -24.23
N LYS E 299 -35.39 -10.56 -23.78
CA LYS E 299 -36.46 -9.89 -24.52
C LYS E 299 -36.51 -8.41 -24.24
N LEU E 300 -36.33 -8.03 -22.96
CA LEU E 300 -36.30 -6.63 -22.61
C LEU E 300 -35.12 -5.92 -23.24
N TYR E 301 -33.99 -6.63 -23.37
CA TYR E 301 -32.72 -6.05 -23.78
C TYR E 301 -32.19 -6.91 -24.92
N PRO E 302 -32.85 -6.87 -26.07
CA PRO E 302 -32.49 -7.76 -27.18
C PRO E 302 -31.19 -7.37 -27.85
N ASP E 303 -30.68 -6.18 -27.57
CA ASP E 303 -29.40 -5.75 -28.08
C ASP E 303 -28.23 -6.39 -27.34
N VAL E 304 -28.46 -7.07 -26.22
CA VAL E 304 -27.39 -7.77 -25.52
C VAL E 304 -27.10 -9.07 -26.29
N LYS E 305 -25.98 -9.11 -26.99
CA LYS E 305 -25.58 -10.29 -27.75
C LYS E 305 -24.97 -11.27 -26.77
N TYR E 306 -25.84 -12.01 -26.09
CA TYR E 306 -25.39 -12.86 -25.00
C TYR E 306 -24.55 -14.00 -25.53
N THR E 307 -23.62 -14.45 -24.69
CA THR E 307 -22.72 -15.52 -25.06
C THR E 307 -23.47 -16.84 -25.02
N ARG E 308 -23.52 -17.52 -26.16
CA ARG E 308 -24.02 -18.88 -26.23
C ARG E 308 -22.99 -19.86 -25.71
N MET E 309 -23.46 -21.00 -25.21
CA MET E 309 -22.56 -21.91 -24.54
C MET E 309 -21.55 -22.59 -25.47
N ASP E 310 -21.83 -22.71 -26.77
CA ASP E 310 -20.79 -23.22 -27.64
C ASP E 310 -19.62 -22.25 -27.71
N GLU E 311 -19.89 -20.95 -27.62
CA GLU E 311 -18.83 -19.95 -27.59
C GLU E 311 -18.13 -19.90 -26.24
N TYR E 312 -18.90 -19.92 -25.16
CA TYR E 312 -18.35 -19.93 -23.81
C TYR E 312 -17.35 -21.06 -23.61
N LEU E 313 -17.68 -22.25 -24.06
CA LEU E 313 -16.85 -23.43 -23.81
C LEU E 313 -15.56 -23.46 -24.63
N LYS E 314 -15.43 -22.62 -25.66
CA LYS E 314 -14.23 -22.69 -26.50
C LYS E 314 -12.98 -22.30 -25.73
N ILE E 315 -13.10 -21.43 -24.74
CA ILE E 315 -11.92 -21.01 -23.97
C ILE E 315 -11.21 -22.20 -23.36
N PHE E 316 -11.92 -23.30 -23.11
CA PHE E 316 -11.29 -24.46 -22.46
C PHE E 316 -10.64 -25.41 -23.44
N LEU E 317 -10.83 -25.21 -24.74
CA LEU E 317 -10.43 -26.19 -25.74
C LEU E 317 -8.91 -26.43 -25.83
N GLY F 7 17.40 -2.65 64.83
CA GLY F 7 17.27 -3.60 65.92
C GLY F 7 15.88 -4.19 65.99
N GLU F 8 14.90 -3.31 66.17
CA GLU F 8 13.50 -3.66 65.99
C GLU F 8 12.99 -3.27 64.61
N LYS F 9 13.84 -2.64 63.80
CA LYS F 9 13.47 -2.19 62.47
C LYS F 9 13.13 -3.37 61.57
N THR F 10 12.21 -3.13 60.62
CA THR F 10 12.00 -4.04 59.51
C THR F 10 13.17 -3.89 58.54
N ARG F 11 13.73 -5.01 58.10
CA ARG F 11 14.85 -5.03 57.17
C ARG F 11 14.33 -5.24 55.74
N VAL F 12 14.57 -4.27 54.86
CA VAL F 12 13.97 -4.24 53.53
C VAL F 12 15.07 -4.35 52.48
N LEU F 13 14.89 -5.25 51.52
CA LEU F 13 15.71 -5.30 50.33
C LEU F 13 14.95 -4.65 49.18
N VAL F 14 15.49 -3.57 48.63
CA VAL F 14 14.94 -2.92 47.46
C VAL F 14 15.66 -3.45 46.23
N VAL F 15 14.88 -3.92 45.26
CA VAL F 15 15.37 -4.44 44.00
C VAL F 15 14.90 -3.48 42.92
N GLY F 16 15.82 -3.07 42.05
CA GLY F 16 15.52 -1.97 41.16
C GLY F 16 15.73 -0.65 41.85
N GLY F 17 16.78 -0.54 42.66
CA GLY F 17 17.00 0.60 43.52
C GLY F 17 17.50 1.86 42.87
N THR F 18 18.04 1.80 41.65
CA THR F 18 18.45 3.01 40.94
C THR F 18 17.44 3.46 39.89
N GLY F 19 16.26 2.81 39.81
CA GLY F 19 15.20 3.25 38.94
C GLY F 19 14.53 4.51 39.45
N THR F 20 13.57 4.99 38.65
CA THR F 20 12.81 6.19 38.99
C THR F 20 12.08 6.02 40.31
N MET F 21 11.25 4.98 40.41
CA MET F 21 10.54 4.70 41.65
C MET F 21 11.45 4.00 42.65
N GLY F 22 12.39 3.20 42.15
CA GLY F 22 13.31 2.48 43.04
C GLY F 22 14.08 3.39 43.97
N ARG F 23 14.67 4.46 43.43
CA ARG F 23 15.44 5.35 44.29
C ARG F 23 14.54 5.99 45.34
N ARG F 24 13.34 6.38 44.97
CA ARG F 24 12.45 7.01 45.94
C ARG F 24 12.04 6.02 47.04
N ILE F 25 11.87 4.74 46.69
CA ILE F 25 11.58 3.74 47.71
C ILE F 25 12.77 3.56 48.64
N VAL F 26 13.99 3.53 48.08
CA VAL F 26 15.18 3.42 48.93
C VAL F 26 15.16 4.49 49.99
N ARG F 27 14.93 5.74 49.59
CA ARG F 27 15.01 6.87 50.51
C ARG F 27 13.82 6.92 51.44
N ALA F 28 12.64 6.48 50.97
CA ALA F 28 11.46 6.44 51.83
C ALA F 28 11.59 5.35 52.89
N CYS F 29 12.24 4.24 52.55
CA CYS F 29 12.49 3.23 53.58
C CYS F 29 13.44 3.75 54.64
N LEU F 30 14.53 4.39 54.24
CA LEU F 30 15.41 5.05 55.21
C LEU F 30 14.66 6.11 56.01
N ALA F 31 13.83 6.92 55.35
CA ALA F 31 13.08 7.92 56.07
C ALA F 31 12.17 7.31 57.12
N GLU F 32 11.61 6.13 56.85
CA GLU F 32 10.74 5.45 57.81
C GLU F 32 11.52 4.73 58.89
N GLY F 33 12.84 4.66 58.79
CA GLY F 33 13.62 3.98 59.80
C GLY F 33 13.80 2.51 59.56
N HIS F 34 13.55 2.03 58.35
CA HIS F 34 13.79 0.64 58.02
C HIS F 34 15.26 0.39 57.81
N GLU F 35 15.72 -0.77 58.22
CA GLU F 35 17.06 -1.19 57.88
C GLU F 35 17.04 -1.55 56.40
N THR F 36 17.58 -0.66 55.56
CA THR F 36 17.36 -0.68 54.13
C THR F 36 18.58 -1.26 53.41
N TYR F 37 18.34 -2.27 52.58
CA TYR F 37 19.35 -2.90 51.75
C TYR F 37 18.94 -2.71 50.32
N VAL F 38 19.92 -2.56 49.44
CA VAL F 38 19.69 -2.36 48.03
C VAL F 38 20.45 -3.43 47.29
N LEU F 39 19.82 -4.03 46.30
CA LEU F 39 20.48 -5.06 45.49
C LEU F 39 21.34 -4.40 44.42
N GLN F 40 22.61 -4.81 44.35
CA GLN F 40 23.58 -4.27 43.42
C GLN F 40 23.87 -5.34 42.39
N GLN F 41 23.31 -5.18 41.22
CA GLN F 41 23.59 -6.12 40.14
C GLN F 41 24.93 -5.78 39.51
N PRO F 42 25.59 -6.74 38.87
CA PRO F 42 26.84 -6.46 38.18
C PRO F 42 26.67 -5.36 37.14
N GLU F 43 27.70 -4.54 37.00
CA GLU F 43 27.68 -3.50 35.97
C GLU F 43 27.53 -4.12 34.59
N THR F 44 26.61 -3.59 33.78
CA THR F 44 26.50 -4.02 32.40
C THR F 44 27.27 -3.12 31.45
N ARG F 45 27.90 -2.07 31.98
CA ARG F 45 28.61 -1.05 31.22
C ARG F 45 29.20 -0.09 32.21
N VAL F 46 29.93 0.92 31.73
CA VAL F 46 30.39 2.01 32.58
C VAL F 46 29.25 3.00 32.65
N ASP F 47 28.74 3.24 33.86
CA ASP F 47 27.55 4.06 34.07
C ASP F 47 27.76 4.88 35.34
N ILE F 48 28.30 6.08 35.14
CA ILE F 48 28.71 6.89 36.28
C ILE F 48 27.52 7.21 37.18
N GLU F 49 26.35 7.52 36.60
CA GLU F 49 25.30 8.04 37.46
C GLU F 49 24.58 6.92 38.21
N LYS F 50 24.46 5.74 37.61
CA LYS F 50 23.93 4.59 38.32
C LYS F 50 24.85 4.16 39.46
N VAL F 51 26.15 4.07 39.20
CA VAL F 51 27.07 3.65 40.24
C VAL F 51 27.06 4.66 41.38
N GLN F 52 27.04 5.94 41.05
CA GLN F 52 27.16 6.91 42.13
C GLN F 52 25.86 7.06 42.90
N LEU F 53 24.72 6.82 42.26
CA LEU F 53 23.45 6.79 42.99
C LEU F 53 23.40 5.63 43.97
N LEU F 54 23.80 4.43 43.53
CA LEU F 54 23.90 3.30 44.45
C LEU F 54 24.71 3.64 45.70
N TYR F 55 25.94 4.09 45.52
CA TYR F 55 26.80 4.32 46.68
C TYR F 55 26.38 5.54 47.48
N SER F 56 25.60 6.44 46.89
CA SER F 56 25.07 7.53 47.71
C SER F 56 24.12 7.03 48.78
N TYR F 57 23.52 5.85 48.60
CA TYR F 57 22.64 5.32 49.62
C TYR F 57 23.40 4.91 50.88
N LYS F 58 24.68 4.50 50.75
CA LYS F 58 25.44 4.10 51.93
C LYS F 58 25.67 5.27 52.85
N ARG F 59 25.84 6.47 52.30
CA ARG F 59 26.02 7.63 53.17
C ARG F 59 24.76 7.91 53.96
N LEU F 60 23.60 7.55 53.43
CA LEU F 60 22.35 7.68 54.15
C LEU F 60 22.07 6.52 55.09
N GLY F 61 22.95 5.51 55.11
CA GLY F 61 22.80 4.38 56.01
C GLY F 61 22.26 3.11 55.41
N ALA F 62 22.05 3.05 54.11
CA ALA F 62 21.68 1.81 53.48
C ALA F 62 22.91 0.95 53.26
N ARG F 63 22.67 -0.32 53.01
CA ARG F 63 23.70 -1.28 52.64
C ARG F 63 23.42 -1.83 51.26
N LEU F 64 24.48 -2.26 50.60
CA LEU F 64 24.40 -2.85 49.28
C LEU F 64 24.61 -4.34 49.42
N ILE F 65 23.88 -5.13 48.63
CA ILE F 65 24.07 -6.57 48.58
C ILE F 65 24.26 -6.95 47.13
N GLU F 66 25.40 -7.52 46.83
CA GLU F 66 25.69 -7.90 45.45
C GLU F 66 24.99 -9.21 45.13
N ALA F 67 24.28 -9.24 44.00
CA ALA F 67 23.64 -10.45 43.53
C ALA F 67 23.32 -10.26 42.07
N SER F 68 23.15 -11.39 41.39
CA SER F 68 22.91 -11.41 39.96
C SER F 68 21.71 -12.30 39.68
N PHE F 69 20.75 -11.80 38.90
CA PHE F 69 19.64 -12.66 38.50
C PHE F 69 20.10 -13.84 37.67
N SER F 70 21.34 -13.82 37.17
CA SER F 70 21.93 -14.95 36.47
C SER F 70 22.52 -15.97 37.43
N ASP F 71 22.33 -15.80 38.72
CA ASP F 71 22.98 -16.63 39.74
C ASP F 71 21.97 -16.85 40.86
N HIS F 72 21.22 -17.95 40.75
CA HIS F 72 20.12 -18.19 41.68
C HIS F 72 20.58 -18.23 43.13
N GLN F 73 21.79 -18.75 43.37
CA GLN F 73 22.28 -18.81 44.75
C GLN F 73 22.54 -17.42 45.32
N SER F 74 23.08 -16.50 44.52
CA SER F 74 23.29 -15.16 45.03
C SER F 74 21.96 -14.50 45.40
N LEU F 75 20.92 -14.75 44.61
CA LEU F 75 19.59 -14.23 44.98
C LEU F 75 19.09 -14.85 46.27
N VAL F 76 19.22 -16.17 46.42
CA VAL F 76 18.85 -16.81 47.68
C VAL F 76 19.65 -16.21 48.82
N SER F 77 20.96 -16.07 48.61
CA SER F 77 21.81 -15.52 49.66
C SER F 77 21.41 -14.09 50.02
N ALA F 78 20.92 -13.33 49.07
CA ALA F 78 20.56 -11.94 49.35
C ALA F 78 19.28 -11.81 50.15
N VAL F 79 18.19 -12.46 49.69
CA VAL F 79 16.93 -12.34 50.41
C VAL F 79 16.99 -12.94 51.81
N LYS F 80 17.94 -13.83 52.08
CA LYS F 80 18.09 -14.34 53.45
C LYS F 80 18.50 -13.28 54.44
N GLN F 81 19.08 -12.16 53.99
CA GLN F 81 19.55 -11.13 54.90
C GLN F 81 18.48 -10.14 55.31
N VAL F 82 17.24 -10.28 54.83
CA VAL F 82 16.21 -9.27 55.05
C VAL F 82 14.89 -9.91 55.44
N ASP F 83 13.93 -9.06 55.79
CA ASP F 83 12.59 -9.47 56.13
C ASP F 83 11.57 -9.19 55.03
N ILE F 84 11.80 -8.17 54.22
CA ILE F 84 10.82 -7.76 53.22
C ILE F 84 11.57 -7.37 51.96
N VAL F 85 11.06 -7.81 50.82
CA VAL F 85 11.61 -7.45 49.52
C VAL F 85 10.60 -6.54 48.82
N VAL F 86 11.09 -5.45 48.24
CA VAL F 86 10.32 -4.56 47.37
C VAL F 86 11.03 -4.48 46.02
N ALA F 87 10.32 -4.84 44.96
CA ALA F 87 10.85 -4.81 43.60
C ALA F 87 10.22 -3.66 42.83
N ALA F 88 11.05 -2.95 42.04
CA ALA F 88 10.63 -1.77 41.27
C ALA F 88 11.35 -1.69 39.92
N MET F 89 11.46 -2.79 39.21
CA MET F 89 12.09 -2.79 37.89
C MET F 89 11.11 -2.31 36.81
N SER F 90 11.61 -2.25 35.57
CA SER F 90 11.23 -1.22 34.59
C SER F 90 9.74 -1.21 34.24
N GLY F 91 9.20 -2.35 33.81
CA GLY F 91 7.78 -2.43 33.43
C GLY F 91 7.22 -1.49 32.37
N VAL F 92 7.80 -1.48 31.17
CA VAL F 92 7.39 -0.59 30.08
C VAL F 92 6.39 -1.28 29.15
N HIS F 97 10.00 -7.95 29.60
CA HIS F 97 10.91 -8.99 30.07
C HIS F 97 11.47 -8.66 31.43
N SER F 98 11.59 -7.36 31.69
CA SER F 98 12.07 -6.90 32.97
C SER F 98 11.17 -7.36 34.11
N ILE F 99 9.85 -7.22 33.94
CA ILE F 99 8.92 -7.66 34.98
C ILE F 99 9.10 -9.14 35.26
N LEU F 100 9.24 -9.94 34.22
CA LEU F 100 9.31 -11.39 34.37
C LEU F 100 10.55 -11.84 35.12
N VAL F 101 11.58 -11.00 35.15
CA VAL F 101 12.77 -11.29 35.94
C VAL F 101 12.43 -11.54 37.41
N GLN F 102 11.29 -11.00 37.87
CA GLN F 102 10.91 -11.22 39.25
C GLN F 102 10.48 -12.66 39.53
N LEU F 103 10.22 -13.45 38.49
CA LEU F 103 9.91 -14.86 38.71
C LEU F 103 11.07 -15.58 39.39
N LYS F 104 12.31 -15.21 39.05
CA LYS F 104 13.47 -15.78 39.72
C LYS F 104 13.56 -15.29 41.15
N LEU F 105 13.19 -14.03 41.37
CA LEU F 105 13.13 -13.53 42.73
C LEU F 105 12.11 -14.34 43.54
N VAL F 106 10.98 -14.67 42.93
CA VAL F 106 9.99 -15.46 43.64
C VAL F 106 10.57 -16.83 43.98
N GLU F 107 11.29 -17.45 43.05
CA GLU F 107 11.87 -18.75 43.35
C GLU F 107 12.90 -18.64 44.48
N ALA F 108 13.67 -17.55 44.51
CA ALA F 108 14.66 -17.39 45.55
C ALA F 108 13.99 -17.20 46.91
N ILE F 109 12.97 -16.35 46.95
CA ILE F 109 12.23 -16.10 48.19
C ILE F 109 11.56 -17.37 48.68
N LYS F 110 11.10 -18.21 47.77
CA LYS F 110 10.48 -19.47 48.15
C LYS F 110 11.51 -20.39 48.81
N GLU F 111 12.66 -20.61 48.16
CA GLU F 111 13.68 -21.45 48.75
C GLU F 111 14.16 -20.90 50.09
N ALA F 112 14.23 -19.57 50.22
CA ALA F 112 14.82 -18.99 51.43
C ALA F 112 13.90 -19.13 52.63
N GLY F 113 12.60 -18.92 52.46
CA GLY F 113 11.67 -19.19 53.53
C GLY F 113 11.52 -18.13 54.60
N ASN F 114 12.42 -17.16 54.68
CA ASN F 114 12.42 -16.22 55.78
C ASN F 114 11.66 -14.92 55.49
N ILE F 115 11.15 -14.75 54.29
CA ILE F 115 10.63 -13.44 53.88
C ILE F 115 9.22 -13.27 54.40
N LYS F 116 8.98 -12.15 55.08
CA LYS F 116 7.66 -11.88 55.64
C LYS F 116 6.71 -11.24 54.66
N ARG F 117 7.20 -10.53 53.65
CA ARG F 117 6.30 -9.95 52.67
C ARG F 117 7.11 -9.57 51.44
N PHE F 118 6.47 -9.65 50.27
CA PHE F 118 7.06 -9.27 49.01
C PHE F 118 6.14 -8.27 48.34
N LEU F 119 6.66 -7.08 48.01
CA LEU F 119 5.90 -6.16 47.18
C LEU F 119 6.49 -6.18 45.78
N PRO F 120 5.82 -6.76 44.78
CA PRO F 120 6.35 -6.79 43.42
C PRO F 120 6.21 -5.44 42.73
N SER F 121 6.86 -5.35 41.58
CA SER F 121 6.92 -4.12 40.81
C SER F 121 5.57 -3.80 40.18
N GLU F 122 4.73 -3.11 40.97
CA GLU F 122 3.39 -2.80 40.54
C GLU F 122 3.29 -1.31 40.27
N PHE F 123 2.88 -0.47 41.19
CA PHE F 123 3.02 0.98 41.15
C PHE F 123 2.33 1.62 39.94
N GLY F 124 1.27 1.00 39.45
CA GLY F 124 0.51 1.64 38.40
C GLY F 124 -0.84 1.02 38.10
N MET F 125 -1.10 0.76 36.83
CA MET F 125 -2.35 0.14 36.44
C MET F 125 -2.49 -1.24 37.04
N ASP F 126 -3.68 -1.54 37.52
CA ASP F 126 -4.01 -2.84 38.07
C ASP F 126 -4.04 -3.87 36.96
N PRO F 127 -3.20 -4.91 37.00
CA PRO F 127 -3.17 -5.89 35.92
C PRO F 127 -4.21 -7.00 36.04
N SER F 128 -5.07 -6.95 37.06
CA SER F 128 -6.08 -7.98 37.26
C SER F 128 -7.44 -7.57 36.71
N ARG F 129 -7.49 -6.61 35.80
CA ARG F 129 -8.73 -6.23 35.14
C ARG F 129 -8.97 -7.03 33.86
N ASP F 142 -0.05 -10.57 30.17
CA ASP F 142 0.29 -9.49 31.08
C ASP F 142 1.38 -9.91 32.07
N GLN F 143 2.59 -9.35 31.92
CA GLN F 143 3.73 -9.87 32.68
C GLN F 143 3.47 -9.80 34.18
N LYS F 144 2.90 -8.71 34.69
CA LYS F 144 2.81 -8.54 36.12
C LYS F 144 1.77 -9.46 36.75
N LEU F 145 0.74 -9.82 35.99
CA LEU F 145 -0.24 -10.78 36.49
C LEU F 145 0.39 -12.14 36.67
N GLU F 146 1.25 -12.54 35.74
CA GLU F 146 1.97 -13.79 35.86
C GLU F 146 2.94 -13.80 37.05
N VAL F 147 3.38 -12.63 37.49
CA VAL F 147 4.24 -12.57 38.67
C VAL F 147 3.40 -12.73 39.93
N ARG F 148 2.24 -12.09 39.98
CA ARG F 148 1.37 -12.30 41.14
C ARG F 148 0.95 -13.75 41.27
N ASN F 149 0.58 -14.39 40.16
CA ASN F 149 0.24 -15.81 40.19
C ASN F 149 1.36 -16.64 40.82
N ALA F 150 2.61 -16.38 40.42
CA ALA F 150 3.74 -17.09 41.00
C ALA F 150 3.90 -16.76 42.48
N ILE F 151 3.78 -15.48 42.82
CA ILE F 151 3.84 -15.06 44.23
C ILE F 151 2.83 -15.84 45.04
N GLU F 152 1.58 -15.85 44.55
CA GLU F 152 0.47 -16.47 45.27
C GLU F 152 0.59 -17.98 45.29
N ALA F 153 0.90 -18.59 44.14
CA ALA F 153 1.11 -20.03 44.11
C ALA F 153 2.17 -20.46 45.12
N ALA F 154 3.21 -19.65 45.29
CA ALA F 154 4.30 -19.96 46.21
C ALA F 154 3.95 -19.65 47.64
N GLY F 155 2.79 -19.03 47.88
CA GLY F 155 2.36 -18.74 49.22
C GLY F 155 3.11 -17.61 49.88
N ILE F 156 3.73 -16.73 49.11
CA ILE F 156 4.49 -15.61 49.67
C ILE F 156 3.53 -14.49 50.03
N PRO F 157 3.43 -14.08 51.29
CA PRO F 157 2.63 -12.90 51.62
C PRO F 157 3.08 -11.70 50.79
N HIS F 158 2.11 -10.85 50.45
CA HIS F 158 2.32 -9.84 49.43
C HIS F 158 1.51 -8.59 49.74
N THR F 159 1.93 -7.48 49.13
CA THR F 159 1.08 -6.31 49.02
C THR F 159 1.26 -5.78 47.61
N TYR F 160 0.18 -5.38 46.97
CA TYR F 160 0.22 -4.79 45.63
C TYR F 160 -0.21 -3.33 45.73
N VAL F 161 0.73 -2.43 45.45
CA VAL F 161 0.55 -0.99 45.50
C VAL F 161 0.22 -0.52 44.08
N VAL F 162 -1.00 0.00 43.88
CA VAL F 162 -1.51 0.26 42.53
C VAL F 162 -2.33 1.53 42.51
N GLY F 163 -2.68 1.96 41.32
CA GLY F 163 -3.81 2.83 41.11
C GLY F 163 -3.56 4.30 40.86
N ALA F 164 -2.35 4.70 40.49
CA ALA F 164 -2.05 6.12 40.29
C ALA F 164 -1.12 6.32 39.10
N CYS F 165 -1.27 7.47 38.46
CA CYS F 165 -0.32 7.96 37.47
C CYS F 165 0.82 8.68 38.19
N PHE F 166 2.06 8.35 37.81
CA PHE F 166 3.20 9.12 38.29
C PHE F 166 2.99 10.58 37.89
N ALA F 167 3.18 11.49 38.82
CA ALA F 167 2.93 12.88 38.48
C ALA F 167 3.87 13.35 37.39
N ALA F 168 5.10 12.82 37.35
CA ALA F 168 6.07 13.30 36.38
C ALA F 168 5.71 12.85 34.97
N TYR F 169 5.08 11.70 34.83
CA TYR F 169 4.74 11.21 33.52
C TYR F 169 3.39 11.71 33.02
N PHE F 170 2.55 12.28 33.88
CA PHE F 170 1.19 12.63 33.45
C PHE F 170 0.69 13.98 33.92
N ALA F 171 1.21 14.53 35.00
CA ALA F 171 0.73 15.81 35.46
C ALA F 171 1.60 16.96 34.99
N GLY F 172 2.92 16.85 35.09
CA GLY F 172 3.80 17.94 34.71
C GLY F 172 3.72 18.30 33.24
N ASN F 173 3.22 17.38 32.40
CA ASN F 173 3.07 17.63 30.98
C ASN F 173 1.62 17.88 30.59
N LEU F 174 0.73 18.01 31.57
CA LEU F 174 -0.71 18.13 31.34
C LEU F 174 -1.22 16.93 30.54
N SER F 175 -0.58 15.78 30.73
CA SER F 175 -0.91 14.51 30.11
C SER F 175 -0.63 14.49 28.62
N GLN F 176 0.15 15.43 28.11
CA GLN F 176 0.59 15.35 26.72
C GLN F 176 1.66 14.29 26.57
N MET F 177 1.66 13.61 25.43
CA MET F 177 2.64 12.59 25.14
C MET F 177 3.87 13.23 24.52
N GLY F 178 5.01 12.57 24.72
CA GLY F 178 6.25 12.99 24.12
C GLY F 178 6.94 14.14 24.82
N THR F 179 6.38 14.66 25.92
CA THR F 179 7.01 15.73 26.67
C THR F 179 6.76 15.47 28.15
N LEU F 180 7.63 16.03 28.98
CA LEU F 180 7.47 16.00 30.43
C LEU F 180 7.33 17.39 31.02
N ILE F 181 7.15 18.42 30.19
CA ILE F 181 6.92 19.76 30.72
C ILE F 181 5.65 20.33 30.10
N PRO F 182 5.05 21.32 30.75
CA PRO F 182 3.78 21.86 30.25
C PRO F 182 3.95 22.48 28.88
N PRO F 183 2.98 22.30 27.99
CA PRO F 183 3.03 22.96 26.69
C PRO F 183 2.82 24.46 26.85
N LYS F 184 3.18 25.20 25.81
CA LYS F 184 3.13 26.64 25.90
C LYS F 184 1.87 27.26 25.31
N LYS F 185 1.26 26.65 24.30
CA LYS F 185 0.06 27.27 23.76
C LYS F 185 -1.06 26.29 23.45
N LYS F 186 -0.73 25.08 23.03
CA LYS F 186 -1.73 24.13 22.54
C LYS F 186 -1.74 22.91 23.45
N VAL F 187 -2.92 22.34 23.67
CA VAL F 187 -3.03 21.14 24.49
C VAL F 187 -4.07 20.20 23.87
N ASN F 188 -3.73 18.90 23.83
CA ASN F 188 -4.64 17.87 23.35
C ASN F 188 -5.45 17.32 24.52
N ILE F 189 -6.76 17.42 24.41
CA ILE F 189 -7.69 16.87 25.41
C ILE F 189 -8.20 15.52 24.91
N TYR F 190 -8.17 14.52 25.77
CA TYR F 190 -8.60 13.18 25.40
C TYR F 190 -10.11 13.05 25.62
N GLY F 191 -10.85 12.87 24.53
CA GLY F 191 -12.29 12.98 24.61
C GLY F 191 -12.72 14.35 25.09
N ASP F 192 -13.66 14.38 26.01
CA ASP F 192 -14.10 15.62 26.63
C ASP F 192 -13.21 16.04 27.78
N GLY F 193 -12.22 15.24 28.15
CA GLY F 193 -11.43 15.55 29.32
C GLY F 193 -12.19 15.45 30.62
N ASN F 194 -13.20 14.59 30.69
CA ASN F 194 -14.10 14.50 31.82
C ASN F 194 -13.96 13.17 32.56
N VAL F 195 -12.99 12.36 32.19
CA VAL F 195 -12.73 11.08 32.83
C VAL F 195 -11.74 11.28 33.97
N LYS F 196 -12.13 10.88 35.17
CA LYS F 196 -11.30 11.04 36.34
C LYS F 196 -10.06 10.17 36.25
N VAL F 197 -8.93 10.75 36.65
CA VAL F 197 -7.60 10.13 36.65
C VAL F 197 -6.98 10.36 38.02
N VAL F 198 -5.95 9.60 38.35
CA VAL F 198 -5.29 9.72 39.66
C VAL F 198 -3.85 10.17 39.43
N TYR F 199 -3.56 11.42 39.80
CA TYR F 199 -2.23 12.02 39.62
C TYR F 199 -1.53 12.09 40.96
N VAL F 200 -0.38 11.41 41.10
CA VAL F 200 0.29 11.35 42.40
C VAL F 200 1.81 11.54 42.24
N ASP F 201 2.36 12.43 43.06
CA ASP F 201 3.79 12.60 43.22
C ASP F 201 4.46 11.28 43.54
N GLU F 202 5.48 10.95 42.76
CA GLU F 202 6.23 9.71 42.95
C GLU F 202 6.79 9.61 44.36
N ASP F 203 7.19 10.73 44.96
CA ASP F 203 7.66 10.70 46.34
C ASP F 203 6.59 10.15 47.28
N ASP F 204 5.32 10.54 47.05
CA ASP F 204 4.25 10.10 47.93
C ASP F 204 3.94 8.62 47.72
N ILE F 205 3.94 8.16 46.47
CA ILE F 205 3.79 6.72 46.22
C ILE F 205 4.84 5.95 46.99
N ALA F 206 6.09 6.38 46.90
CA ALA F 206 7.16 5.74 47.65
C ALA F 206 6.94 5.85 49.17
N GLU F 207 6.39 6.95 49.66
CA GLU F 207 6.24 7.04 51.10
C GLU F 207 5.15 6.08 51.58
N TYR F 208 4.03 6.03 50.86
CA TYR F 208 2.98 5.05 51.13
C TYR F 208 3.52 3.63 51.06
N THR F 209 4.35 3.33 50.05
CA THR F 209 4.96 2.00 49.95
C THR F 209 5.78 1.70 51.19
N ALA F 210 6.59 2.66 51.63
CA ALA F 210 7.37 2.46 52.86
C ALA F 210 6.48 2.27 54.08
N LYS F 211 5.33 2.95 54.13
CA LYS F 211 4.46 2.81 55.30
C LYS F 211 3.68 1.49 55.28
N THR F 212 3.31 1.00 54.10
CA THR F 212 2.42 -0.15 54.02
C THR F 212 3.18 -1.46 54.13
N LEU F 213 4.47 -1.49 53.77
CA LEU F 213 5.14 -2.76 53.57
C LEU F 213 5.20 -3.63 54.83
N ASP F 214 5.07 -3.07 56.01
CA ASP F 214 5.06 -3.84 57.25
C ASP F 214 3.81 -3.54 58.08
N ASP F 215 2.82 -2.96 57.45
CA ASP F 215 1.53 -2.69 58.09
C ASP F 215 0.70 -3.97 58.14
N PRO F 216 0.27 -4.42 59.32
CA PRO F 216 -0.55 -5.65 59.37
C PRO F 216 -1.84 -5.55 58.59
N ARG F 217 -2.42 -4.36 58.49
CA ARG F 217 -3.68 -4.17 57.79
C ARG F 217 -3.59 -4.43 56.29
N THR F 218 -2.39 -4.48 55.70
CA THR F 218 -2.31 -4.58 54.26
C THR F 218 -1.64 -5.87 53.80
N ILE F 219 -1.40 -6.81 54.71
CA ILE F 219 -0.82 -8.07 54.29
C ILE F 219 -1.82 -8.80 53.42
N ASN F 220 -1.36 -9.23 52.24
CA ASN F 220 -2.16 -9.92 51.23
C ASN F 220 -3.28 -9.07 50.69
N LYS F 221 -3.07 -7.76 50.62
CA LYS F 221 -4.06 -6.84 50.08
C LYS F 221 -3.49 -6.03 48.92
N THR F 222 -4.40 -5.45 48.15
CA THR F 222 -4.05 -4.39 47.23
C THR F 222 -4.26 -3.06 47.95
N VAL F 223 -3.29 -2.17 47.83
CA VAL F 223 -3.40 -0.83 48.37
C VAL F 223 -3.50 0.11 47.17
N TYR F 224 -4.64 0.79 47.06
CA TYR F 224 -4.86 1.81 46.05
C TYR F 224 -4.32 3.13 46.55
N VAL F 225 -3.44 3.72 45.77
CA VAL F 225 -2.89 5.05 46.08
C VAL F 225 -3.79 6.02 45.31
N ARG F 226 -4.79 6.54 46.01
CA ARG F 226 -5.80 7.41 45.41
C ARG F 226 -6.09 8.54 46.36
N PRO F 227 -5.13 9.42 46.60
CA PRO F 227 -5.37 10.56 47.49
C PRO F 227 -6.50 11.43 46.97
N THR F 228 -7.48 11.68 47.83
CA THR F 228 -8.79 12.13 47.38
C THR F 228 -8.71 13.38 46.52
N GLU F 229 -7.93 14.38 46.93
CA GLU F 229 -7.89 15.61 46.18
C GLU F 229 -7.09 15.53 44.90
N ASN F 230 -6.46 14.39 44.61
CA ASN F 230 -5.69 14.24 43.37
C ASN F 230 -6.42 13.35 42.36
N VAL F 231 -7.68 12.99 42.65
CA VAL F 231 -8.59 12.42 41.67
C VAL F 231 -9.13 13.58 40.83
N LEU F 232 -8.67 13.69 39.60
CA LEU F 232 -8.92 14.86 38.75
C LEU F 232 -9.04 14.42 37.30
N THR F 233 -9.94 15.07 36.58
CA THR F 233 -10.00 14.90 35.14
C THR F 233 -8.86 15.66 34.48
N GLN F 234 -8.57 15.29 33.23
CA GLN F 234 -7.52 16.00 32.52
C GLN F 234 -7.86 17.48 32.41
N MET F 235 -9.12 17.80 32.14
CA MET F 235 -9.54 19.19 32.08
C MET F 235 -9.36 19.87 33.42
N GLU F 236 -9.70 19.18 34.51
CA GLU F 236 -9.46 19.76 35.82
C GLU F 236 -7.99 20.07 36.03
N LEU F 237 -7.12 19.15 35.62
CA LEU F 237 -5.67 19.36 35.76
C LEU F 237 -5.22 20.53 34.90
N VAL F 238 -5.66 20.56 33.65
CA VAL F 238 -5.38 21.70 32.77
C VAL F 238 -5.83 23.01 33.40
N GLN F 239 -7.02 23.03 34.01
CA GLN F 239 -7.52 24.27 34.59
C GLN F 239 -6.77 24.65 35.84
N ILE F 240 -6.18 23.69 36.54
CA ILE F 240 -5.28 24.04 37.63
C ILE F 240 -4.08 24.79 37.09
N TRP F 241 -3.52 24.32 35.98
CA TRP F 241 -2.38 24.96 35.35
C TRP F 241 -2.76 26.32 34.80
N GLU F 242 -3.87 26.40 34.06
CA GLU F 242 -4.31 27.68 33.51
C GLU F 242 -4.50 28.72 34.60
N LYS F 243 -4.95 28.32 35.77
CA LYS F 243 -5.10 29.28 36.86
C LYS F 243 -3.74 29.73 37.40
N LEU F 244 -2.79 28.81 37.54
CA LEU F 244 -1.43 29.20 37.97
C LEU F 244 -0.79 30.17 37.00
N THR F 245 -1.04 29.99 35.70
CA THR F 245 -0.38 30.80 34.69
C THR F 245 -1.19 32.01 34.24
N GLY F 246 -2.50 32.01 34.43
CA GLY F 246 -3.31 33.06 33.87
C GLY F 246 -3.42 33.04 32.36
N LYS F 247 -3.02 31.96 31.70
CA LYS F 247 -3.09 31.86 30.25
C LYS F 247 -3.95 30.67 29.85
N GLU F 248 -4.94 30.92 29.00
CA GLU F 248 -5.79 29.85 28.54
C GLU F 248 -5.12 29.11 27.40
N LEU F 249 -5.11 27.78 27.47
CA LEU F 249 -4.48 26.99 26.43
C LEU F 249 -5.47 26.64 25.34
N GLU F 250 -4.96 26.59 24.11
CA GLU F 250 -5.79 26.22 22.98
C GLU F 250 -5.99 24.72 23.01
N LYS F 251 -7.24 24.29 23.09
CA LYS F 251 -7.58 22.90 23.38
C LYS F 251 -8.17 22.23 22.15
N THR F 252 -7.60 21.08 21.77
CA THR F 252 -8.13 20.22 20.72
C THR F 252 -8.63 18.92 21.34
N ASN F 253 -9.89 18.59 21.09
CA ASN F 253 -10.49 17.37 21.62
C ASN F 253 -10.24 16.24 20.64
N ILE F 254 -9.65 15.16 21.13
CA ILE F 254 -9.36 13.97 20.33
C ILE F 254 -10.40 12.92 20.68
N SER F 255 -11.14 12.47 19.67
CA SER F 255 -12.07 11.39 19.92
C SER F 255 -11.31 10.10 20.11
N ALA F 256 -11.92 9.16 20.82
CA ALA F 256 -11.34 7.82 20.90
C ALA F 256 -11.01 7.30 19.51
N ASN F 257 -11.92 7.45 18.56
CA ASN F 257 -11.66 6.94 17.22
C ASN F 257 -10.40 7.56 16.64
N ASP F 258 -10.30 8.89 16.69
CA ASP F 258 -9.05 9.53 16.27
C ASP F 258 -7.87 9.02 17.08
N PHE F 259 -8.07 8.78 18.38
CA PHE F 259 -6.95 8.36 19.21
C PHE F 259 -6.46 6.98 18.79
N LEU F 260 -7.37 6.10 18.38
CA LEU F 260 -7.04 4.80 17.80
C LEU F 260 -7.19 4.80 16.28
N ALA F 261 -6.99 5.94 15.63
CA ALA F 261 -7.03 6.05 14.18
C ALA F 261 -5.66 5.74 13.59
N ASP F 262 -5.67 5.26 12.35
CA ASP F 262 -4.43 4.88 11.69
C ASP F 262 -4.37 5.38 10.25
N GLU F 267 0.72 -7.34 17.96
CA GLU F 267 0.04 -6.74 16.81
C GLU F 267 0.96 -5.70 16.15
N ILE F 268 0.36 -4.72 15.49
CA ILE F 268 1.12 -3.73 14.72
C ILE F 268 1.87 -2.81 15.68
N PRO F 269 3.15 -2.52 15.43
CA PRO F 269 3.85 -1.51 16.22
C PRO F 269 3.20 -0.14 16.05
N HIS F 270 3.23 0.64 17.13
CA HIS F 270 2.66 1.98 17.11
C HIS F 270 3.37 2.80 18.17
N GLN F 271 2.99 4.07 18.26
CA GLN F 271 3.53 4.97 19.27
C GLN F 271 3.53 4.32 20.65
N ALA F 272 4.66 4.43 21.35
CA ALA F 272 4.78 3.86 22.68
C ALA F 272 3.80 4.51 23.66
N GLY F 273 3.27 3.71 24.59
CA GLY F 273 2.33 4.22 25.58
C GLY F 273 0.90 4.46 25.11
N LEU F 274 0.62 4.30 23.82
CA LEU F 274 -0.72 4.58 23.30
C LEU F 274 -1.80 3.82 24.07
N GLY F 275 -1.64 2.50 24.21
CA GLY F 275 -2.63 1.71 24.94
C GLY F 275 -2.80 2.16 26.37
N HIS F 276 -1.71 2.48 27.05
CA HIS F 276 -1.82 2.93 28.44
C HIS F 276 -2.66 4.19 28.54
N PHE F 277 -2.40 5.19 27.68
CA PHE F 277 -3.20 6.41 27.72
C PHE F 277 -4.67 6.13 27.38
N TYR F 278 -4.92 5.19 26.47
CA TYR F 278 -6.32 4.87 26.16
C TYR F 278 -7.05 4.36 27.39
N HIS F 279 -6.48 3.39 28.09
CA HIS F 279 -7.16 2.85 29.27
C HIS F 279 -7.33 3.91 30.34
N ILE F 280 -6.34 4.78 30.50
CA ILE F 280 -6.39 5.76 31.58
C ILE F 280 -7.43 6.82 31.27
N PHE F 281 -7.35 7.42 30.09
CA PHE F 281 -8.04 8.66 29.79
C PHE F 281 -9.35 8.47 29.05
N TYR F 282 -9.51 7.40 28.27
CA TYR F 282 -10.82 7.13 27.67
C TYR F 282 -11.63 6.13 28.47
N GLU F 283 -11.02 5.06 28.99
CA GLU F 283 -11.78 4.08 29.76
C GLU F 283 -11.85 4.40 31.25
N GLY F 284 -11.04 5.31 31.77
CA GLY F 284 -11.10 5.62 33.19
C GLY F 284 -10.74 4.49 34.12
N CYS F 285 -9.78 3.64 33.72
CA CYS F 285 -9.47 2.43 34.46
C CYS F 285 -8.90 2.70 35.85
N LEU F 286 -8.43 3.91 36.12
CA LEU F 286 -7.92 4.19 37.46
C LEU F 286 -9.01 4.59 38.43
N THR F 287 -10.20 4.92 37.93
CA THR F 287 -11.25 5.51 38.77
C THR F 287 -12.63 4.87 38.57
N ASP F 288 -12.77 3.80 37.81
CA ASP F 288 -14.13 3.32 37.55
C ASP F 288 -14.70 2.53 38.71
N HIS F 289 -13.87 1.94 39.57
CA HIS F 289 -14.31 1.26 40.76
C HIS F 289 -13.95 2.09 41.98
N GLU F 290 -14.84 2.13 42.95
CA GLU F 290 -14.56 2.84 44.17
C GLU F 290 -13.80 1.93 45.10
N VAL F 291 -13.08 2.53 46.04
CA VAL F 291 -12.18 1.80 46.92
C VAL F 291 -12.55 2.15 48.35
N GLY F 292 -12.47 1.17 49.23
CA GLY F 292 -12.75 1.40 50.62
C GLY F 292 -11.56 1.97 51.36
N ASP F 293 -11.86 2.66 52.45
CA ASP F 293 -10.83 3.33 53.23
C ASP F 293 -9.85 2.36 53.87
N ASP F 294 -10.24 1.11 54.04
CA ASP F 294 -9.31 0.13 54.56
C ASP F 294 -8.36 -0.37 53.49
N GLU F 295 -8.46 0.15 52.27
CA GLU F 295 -7.58 -0.30 51.20
C GLU F 295 -7.06 0.86 50.35
N GLU F 296 -7.23 2.11 50.79
CA GLU F 296 -6.74 3.28 50.07
C GLU F 296 -5.70 3.99 50.90
N ALA F 297 -4.60 4.39 50.25
CA ALA F 297 -3.39 4.78 50.96
C ALA F 297 -3.55 6.08 51.73
N SER F 298 -4.25 7.06 51.18
CA SER F 298 -4.33 8.29 51.93
C SER F 298 -5.26 8.20 53.14
N LYS F 299 -6.03 7.12 53.26
CA LYS F 299 -6.81 6.86 54.45
C LYS F 299 -6.05 6.00 55.43
N LEU F 300 -5.34 5.00 54.91
CA LEU F 300 -4.49 4.17 55.75
C LEU F 300 -3.38 4.99 56.39
N TYR F 301 -2.91 6.02 55.69
CA TYR F 301 -1.72 6.77 56.09
C TYR F 301 -2.10 8.24 56.02
N PRO F 302 -2.99 8.67 56.92
CA PRO F 302 -3.46 10.06 56.90
C PRO F 302 -2.39 11.06 57.21
N ASP F 303 -1.34 10.67 57.90
CA ASP F 303 -0.26 11.60 58.22
C ASP F 303 0.56 12.00 57.00
N VAL F 304 0.52 11.23 55.91
CA VAL F 304 1.23 11.63 54.70
C VAL F 304 0.54 12.85 54.10
N LYS F 305 1.19 14.00 54.20
CA LYS F 305 0.69 15.24 53.63
C LYS F 305 1.03 15.25 52.13
N TYR F 306 0.22 14.54 51.36
CA TYR F 306 0.57 14.32 49.97
C TYR F 306 0.53 15.64 49.18
N THR F 307 1.37 15.71 48.16
CA THR F 307 1.48 16.89 47.31
C THR F 307 0.28 16.97 46.38
N ARG F 308 -0.53 18.02 46.52
CA ARG F 308 -1.59 18.25 45.57
C ARG F 308 -1.00 18.83 44.27
N MET F 309 -1.78 18.75 43.20
CA MET F 309 -1.25 19.04 41.88
C MET F 309 -1.01 20.53 41.66
N ASP F 310 -1.78 21.41 42.31
CA ASP F 310 -1.43 22.82 42.21
C ASP F 310 -0.08 23.10 42.87
N GLU F 311 0.24 22.42 43.98
CA GLU F 311 1.58 22.56 44.54
C GLU F 311 2.62 21.98 43.59
N TYR F 312 2.33 20.81 43.01
CA TYR F 312 3.29 20.08 42.19
C TYR F 312 3.65 20.84 40.93
N LEU F 313 2.65 21.45 40.29
CA LEU F 313 2.90 22.16 39.04
C LEU F 313 3.71 23.45 39.23
N LYS F 314 3.80 23.97 40.46
CA LYS F 314 4.43 25.27 40.66
C LYS F 314 5.88 25.28 40.19
N ILE F 315 6.57 24.14 40.26
CA ILE F 315 7.98 24.10 39.93
C ILE F 315 8.21 24.39 38.44
N PHE F 316 7.19 24.31 37.62
CA PHE F 316 7.30 24.54 36.19
C PHE F 316 7.00 25.98 35.81
N LEU F 317 6.68 26.84 36.77
CA LEU F 317 6.19 28.17 36.44
C LEU F 317 7.35 29.08 36.05
CAY GEC G . 3.65 -45.58 -61.80
OAC GEC G . 4.00 -46.93 -61.84
CAS GEC G . 3.72 -47.60 -60.70
CAO GEC G . 3.07 -47.05 -59.61
CAW GEC G . 4.10 -48.92 -60.65
OAE GEC G . 4.73 -49.50 -61.68
CAU GEC G . 3.86 -49.68 -59.54
CAQ GEC G . 3.23 -49.10 -58.48
CAM GEC G . 2.81 -47.79 -58.49
CAI GEC G . 2.20 -47.32 -57.30
OAA GEC G . 2.72 -46.08 -56.90
CAK GEC G . 1.96 -45.74 -55.79
CAH GEC G . 0.60 -46.04 -56.18
CAG GEC G . 0.78 -46.98 -57.41
CAL GEC G . 0.04 -48.17 -57.05
OAB GEC G . -0.77 -47.76 -56.00
CAJ GEC G . -0.03 -46.95 -55.18
CAN GEC G . -0.94 -46.41 -54.28
CAP GEC G . -2.11 -45.75 -54.64
CAR GEC G . -0.71 -46.63 -52.95
CAV GEC G . -1.56 -46.21 -51.98
CAX GEC G . -2.70 -45.56 -52.34
OAF GEC G . -3.52 -45.13 -51.38
CAT GEC G . -3.00 -45.30 -53.67
OAD GEC G . -4.13 -44.65 -53.94
CAZ GEC G . -4.21 -44.15 -55.24
PA NDP H . 7.10 -42.75 -48.03
O1A NDP H . 7.63 -43.97 -48.77
O2A NDP H . 7.74 -41.64 -48.73
O5B NDP H . 7.84 -42.91 -46.58
C5B NDP H . 7.24 -42.07 -45.61
C4B NDP H . 7.88 -42.20 -44.19
O4B NDP H . 7.76 -43.41 -43.68
C3B NDP H . 9.37 -42.31 -44.25
O3B NDP H . 10.00 -41.09 -44.39
C2B NDP H . 9.69 -42.72 -42.79
O2B NDP H . 9.57 -41.43 -42.09
C1B NDP H . 8.70 -43.46 -42.40
N9A NDP H . 9.00 -44.87 -42.37
C8A NDP H . 9.12 -45.87 -43.28
N7A NDP H . 9.35 -47.01 -42.60
C5A NDP H . 9.36 -46.68 -41.26
C6A NDP H . 9.55 -47.45 -40.19
N6A NDP H . 9.77 -48.87 -40.05
N1A NDP H . 9.55 -46.98 -38.94
C2A NDP H . 9.32 -45.64 -38.77
N3A NDP H . 9.13 -44.86 -39.90
C4A NDP H . 9.15 -45.37 -41.11
O3 NDP H . 5.45 -42.49 -47.84
PN NDP H . 4.52 -42.03 -49.05
O1N NDP H . 4.46 -40.51 -49.23
O2N NDP H . 4.72 -42.65 -50.44
O5D NDP H . 3.03 -42.67 -48.73
C5D NDP H . 2.59 -41.99 -47.59
C4D NDP H . 1.10 -42.29 -47.57
O4D NDP H . 0.74 -41.91 -48.78
C3D NDP H . 0.84 -43.78 -47.51
O3D NDP H . -0.35 -43.95 -46.82
C2D NDP H . 0.55 -44.15 -48.97
O2D NDP H . -0.50 -45.21 -49.14
C1D NDP H . -0.07 -43.12 -49.42
N1N NDP H . 0.04 -42.97 -50.87
C2N NDP H . -1.07 -42.70 -51.70
C3N NDP H . -0.79 -42.30 -53.09
C7N NDP H . -1.92 -41.90 -53.95
O7N NDP H . -2.98 -41.52 -53.48
N7N NDP H . -1.66 -42.03 -55.34
C4N NDP H . 0.46 -42.73 -53.90
C5N NDP H . 1.59 -43.15 -52.94
C6N NDP H . 1.34 -43.05 -51.44
P2B NDP H . 10.84 -40.50 -41.78
O1X NDP H . 10.88 -39.25 -42.67
O2X NDP H . 10.81 -40.14 -40.30
O3X NDP H . 12.25 -41.00 -41.93
H51A NDP H . 6.30 -42.30 -45.55
H52A NDP H . 7.32 -41.14 -45.90
H4B NDP H . 7.59 -41.51 -43.57
H3B NDP H . 9.67 -42.98 -44.89
HO3A NDP H . 9.54 -40.49 -44.01
H2B NDP H . 10.56 -43.14 -42.69
H1B NDP H . 8.26 -43.13 -41.60
H8A NDP H . 9.03 -45.78 -44.20
H61A NDP H . 10.56 -49.16 -39.88
H62A NDP H . 9.12 -49.41 -40.14
H2A NDP H . 9.30 -45.26 -37.92
H51N NDP H . 2.75 -41.05 -47.67
H52N NDP H . 3.01 -42.35 -46.79
H4D NDP H . 0.62 -41.79 -46.88
H3D NDP H . 1.59 -44.27 -47.14
HO3N NDP H . -0.20 -44.42 -46.12
H2D NDP H . 1.37 -44.34 -49.48
HO2N NDP H . -1.01 -45.20 -48.46
H1D NDP H . -1.00 -43.12 -49.13
H2N NDP H . -1.90 -42.50 -51.31
H71N NDP H . -2.27 -41.82 -55.91
H72N NDP H . -0.90 -42.31 -55.61
H41N NDP H . 0.75 -42.00 -54.45
H42N NDP H . 0.23 -43.49 -54.45
H5N NDP H . 2.46 -43.20 -53.27
H6N NDP H . 2.08 -43.05 -50.87
CAY GEC I . 36.93 3.27 33.49
OAC GEC I . 36.43 2.63 32.37
CAS GEC I . 36.49 3.38 31.25
CAO GEC I . 36.59 4.75 31.27
CAW GEC I . 36.43 2.70 30.03
OAE GEC I . 36.34 1.36 30.01
CAU GEC I . 36.47 3.42 28.86
CAQ GEC I . 36.57 4.79 28.89
CAM GEC I . 36.63 5.48 30.08
CAI GEC I . 36.73 6.88 30.00
OAA GEC I . 35.89 7.56 30.89
CAK GEC I . 36.22 8.90 30.76
CAH GEC I . 37.72 8.86 30.71
CAG GEC I . 38.03 7.40 30.46
CAL GEC I . 38.96 7.45 29.32
OAB GEC I . 39.41 8.74 29.37
CAJ GEC I . 38.24 9.45 29.46
CAN GEC I . 38.58 10.80 29.44
CAP GEC I . 39.64 11.35 30.14
CAR GEC I . 37.87 11.62 28.60
CAV GEC I . 38.18 12.95 28.48
CAX GEC I . 39.21 13.48 29.19
OAF GEC I . 39.50 14.77 29.05
CAT GEC I . 39.97 12.67 30.02
OAD GEC I . 40.97 13.24 30.69
CAZ GEC I . 41.57 12.45 31.66
PA NDP J . 28.46 14.56 29.49
O1A NDP J . 28.67 13.33 28.66
O2A NDP J . 28.20 14.31 30.92
O5B NDP J . 27.16 15.37 28.87
C5B NDP J . 27.19 16.73 29.18
C4B NDP J . 26.13 17.61 28.48
O4B NDP J . 26.38 17.58 27.20
C3B NDP J . 24.81 16.93 28.32
O3B NDP J . 23.93 17.07 29.40
C2B NDP J . 24.15 17.85 27.24
O2B NDP J . 23.83 19.05 28.02
C1B NDP J . 25.10 18.25 26.48
N9A NDP J . 25.17 17.65 25.16
C8A NDP J . 25.61 16.50 24.67
N7A NDP J . 25.44 16.50 23.33
C5A NDP J . 24.88 17.71 23.03
C6A NDP J . 24.54 18.24 21.84
N6A NDP J . 24.58 17.64 20.52
N1A NDP J . 23.95 19.43 21.70
C2A NDP J . 23.75 20.17 22.82
N3A NDP J . 24.13 19.63 24.02
C4A NDP J . 24.69 18.41 24.14
O3 NDP J . 29.88 15.47 29.70
PN NDP J . 30.94 15.12 30.83
O1N NDP J . 30.88 15.88 32.18
O2N NDP J . 31.34 13.68 31.11
O5D NDP J . 32.37 15.73 30.23
C5D NDP J . 32.21 17.10 30.29
C4D NDP J . 33.70 17.55 30.07
O4D NDP J . 34.51 16.94 30.91
C3D NDP J . 34.16 17.02 28.74
O3D NDP J . 35.05 17.94 28.27
C2D NDP J . 35.00 15.79 28.99
O2D NDP J . 35.96 15.73 27.81
C1D NDP J . 35.60 16.07 30.09
N1N NDP J . 35.88 14.90 30.90
C2N NDP J . 37.14 14.73 31.50
C3N NDP J . 37.32 13.62 32.46
C7N NDP J . 38.57 13.53 33.27
O7N NDP J . 39.31 14.48 33.44
N7N NDP J . 38.84 12.27 33.85
C4N NDP J . 36.46 12.34 32.46
C5N NDP J . 35.20 12.51 31.58
C6N NDP J . 34.89 13.90 31.09
P2B NDP J . 22.36 19.11 28.64
O1X NDP J . 22.51 18.82 30.13
O2X NDP J . 21.86 20.51 28.43
O3X NDP J . 21.32 18.30 27.93
H51A NDP J . 28.07 17.08 28.95
H52A NDP J . 27.07 16.83 30.14
H4B NDP J . 26.05 18.50 28.82
H3B NDP J . 24.88 16.00 28.00
HO3A NDP J . 24.18 17.75 29.86
H2B NDP J . 23.39 17.45 26.77
H1B NDP J . 25.17 19.22 26.45
H8A NDP J . 25.99 15.80 25.17
H61A NDP J . 23.86 17.35 20.15
H62A NDP J . 25.34 17.57 20.10
H2A NDP J . 23.38 21.02 22.77
H51N NDP J . 31.88 17.38 31.14
H52N NDP J . 31.65 17.41 29.56
H4D NDP J . 33.80 18.52 30.12
H3D NDP J . 33.43 16.85 28.12
HO3N NDP J . 34.76 18.28 27.55
H2D NDP J . 34.46 14.99 29.07
HO2N NDP J . 36.52 16.37 27.86
H1D NDP J . 36.41 16.59 29.94
H2N NDP J . 37.76 15.43 31.47
H71N NDP J . 39.55 12.15 34.33
H72N NDP J . 38.30 11.61 33.72
H41N NDP J . 36.19 12.15 33.37
H42N NDP J . 36.99 11.61 32.12
H5N NDP J . 34.53 11.87 31.62
H6N NDP J . 34.00 14.12 30.90
CAY GEC K . -32.89 51.15 -8.97
OAC GEC K . -31.58 51.30 -8.51
CAS GEC K . -31.40 50.83 -7.27
CAO GEC K . -30.43 49.90 -7.02
CAW GEC K . -32.20 51.33 -6.25
OAE GEC K . -33.14 52.24 -6.52
CAU GEC K . -32.04 50.88 -4.96
CAQ GEC K . -31.06 49.94 -4.73
CAM GEC K . -30.25 49.44 -5.74
CAI GEC K . -29.30 48.47 -5.42
OAA GEC K . -29.51 47.34 -6.15
CAK GEC K . -28.43 46.52 -5.82
CAH GEC K . -27.33 47.45 -5.99
CAG GEC K . -28.03 48.82 -5.95
CAL GEC K . -27.33 49.56 -4.90
OAB GEC K . -26.17 48.83 -4.81
CAJ GEC K . -26.61 47.52 -4.74
CAN GEC K . -25.49 46.73 -4.62
CAP GEC K . -24.30 46.95 -5.32
CAR GEC K . -25.56 45.74 -3.67
CAV GEC K . -24.49 44.92 -3.43
CAX GEC K . -23.34 45.12 -4.12
OAF GEC K . -22.30 44.33 -3.85
CAT GEC K . -23.22 46.13 -5.06
OAD GEC K . -22.04 46.26 -5.69
CAZ GEC K . -22.02 47.16 -6.73
PA NDP L . -31.29 37.24 -4.67
O1A NDP L . -32.14 38.33 -4.04
O2A NDP L . -31.54 36.82 -6.08
O5B NDP L . -31.59 35.86 -3.88
C5B NDP L . -30.64 34.90 -4.16
C4B NDP L . -30.93 33.59 -3.34
O4B NDP L . -30.93 33.84 -2.05
C3B NDP L . -32.40 33.24 -3.30
O3B NDP L . -32.89 32.47 -4.35
C2B NDP L . -32.50 32.20 -2.16
O2B NDP L . -31.89 30.93 -2.67
C1B NDP L . -31.63 32.56 -1.30
N9A NDP L . -32.17 33.14 -0.11
C8A NDP L . -32.70 34.32 0.23
N7A NDP L . -32.97 34.29 1.57
C5A NDP L . -32.59 33.04 2.01
C6A NDP L . -32.64 32.52 3.23
N6A NDP L . -33.09 33.10 4.48
N1A NDP L . -32.26 31.28 3.53
C2A NDP L . -31.76 30.54 2.48
N3A NDP L . -31.70 31.07 1.23
C4A NDP L . -32.11 32.33 1.00
O3 NDP L . -29.64 37.61 -4.81
PN NDP L . -28.80 38.54 -5.84
O1N NDP L . -28.26 37.82 -7.08
O2N NDP L . -29.36 39.94 -6.14
O5D NDP L . -27.41 38.94 -5.04
C5D NDP L . -26.58 37.83 -5.00
C4D NDP L . -25.15 38.46 -4.71
O4D NDP L . -24.82 39.34 -5.64
C3D NDP L . -25.27 39.25 -3.41
O3D NDP L . -24.08 39.19 -2.77
C2D NDP L . -25.38 40.71 -3.79
O2D NDP L . -24.81 41.34 -2.53
C1D NDP L . -24.64 40.77 -4.87
N1N NDP L . -25.07 41.74 -5.84
C2N NDP L . -24.18 42.71 -6.31
C3N NDP L . -24.72 43.61 -7.37
C7N NDP L . -23.72 44.37 -8.14
O7N NDP L . -22.63 43.92 -8.11
N7N NDP L . -24.15 45.57 -8.83
C4N NDP L . -26.13 44.07 -7.59
C5N NDP L . -27.06 43.08 -6.85
C6N NDP L . -26.43 41.77 -6.30
P2B NDP L . -32.85 29.90 -3.46
O1X NDP L . -32.85 30.26 -4.95
O2X NDP L . -32.30 28.55 -3.10
O3X NDP L . -34.21 30.04 -2.91
H51A NDP L . -29.76 35.24 -3.92
H52A NDP L . -30.65 34.69 -5.11
H4B NDP L . -30.38 32.83 -3.58
H3B NDP L . -32.96 34.02 -3.12
HO3A NDP L . -32.24 32.14 -4.79
H2B NDP L . -33.39 32.09 -1.79
H1B NDP L . -30.99 31.87 -1.13
H8A NDP L . -32.82 35.06 -0.33
H61A NDP L . -33.88 32.91 4.78
H62A NDP L . -32.59 33.64 4.92
H2A NDP L . -31.47 29.67 2.64
H51N NDP L . -26.58 37.37 -5.85
H52N NDP L . -26.84 37.24 -4.28
H4D NDP L . -24.48 37.77 -4.64
H3D NDP L . -26.02 38.96 -2.86
HO3N NDP L . -24.18 38.80 -2.01
H2D NDP L . -26.30 40.97 -3.96
HO2N NDP L . -23.97 41.37 -2.58
H1D NDP L . -23.71 40.91 -4.64
H2N NDP L . -23.26 42.55 -6.25
H71N NDP L . -23.60 46.03 -9.29
H72N NDP L . -24.98 45.81 -8.79
H41N NDP L . -26.33 44.06 -8.53
H42N NDP L . -26.24 44.96 -7.23
H5N NDP L . -27.98 43.14 -6.97
H6N NDP L . -26.94 40.98 -6.28
CAY GEC M . 1.84 -3.86 4.61
OAC GEC M . 1.53 -4.69 5.66
CAS GEC M . 2.28 -5.84 5.75
CAO GEC M . 3.11 -6.33 4.74
CAW GEC M . 2.19 -6.56 6.94
OAE GEC M . 1.41 -6.12 7.92
CAU GEC M . 2.88 -7.72 7.13
CAQ GEC M . 3.68 -8.19 6.12
CAM GEC M . 3.82 -7.52 4.93
CAI GEC M . 4.68 -8.15 3.99
OAA GEC M . 4.11 -8.32 2.76
CAK GEC M . 5.13 -8.92 2.04
CAH GEC M . 6.24 -8.03 2.31
CAG GEC M . 5.79 -7.32 3.58
CAL GEC M . 6.87 -7.59 4.55
OAB GEC M . 7.91 -7.94 3.72
CAJ GEC M . 7.34 -8.85 2.83
CAN GEC M . 8.35 -9.19 1.95
CAP GEC M . 9.22 -8.30 1.38
CAR GEC M . 8.53 -10.54 1.73
CAV GEC M . 9.53 -10.99 0.92
CAX GEC M . 10.37 -10.09 0.34
OAF GEC M . 11.33 -10.55 -0.45
CAT GEC M . 10.23 -8.73 0.56
OAD GEC M . 11.09 -7.91 -0.05
CAZ GEC M . 11.08 -6.60 0.41
PA NDP N . 1.82 -15.37 -4.23
O1A NDP N . 1.41 -15.42 -2.76
O2A NDP N . 1.22 -14.24 -4.98
O5B NDP N . 1.40 -16.83 -4.88
C5B NDP N . 2.13 -17.14 -6.06
C4B NDP N . 1.90 -18.59 -6.62
O4B NDP N . 2.33 -19.46 -5.74
C3B NDP N . 0.52 -19.13 -6.44
O3B NDP N . -0.39 -18.89 -7.46
C2B NDP N . 0.71 -20.62 -6.76
O2B NDP N . 0.92 -20.55 -8.25
C1B NDP N . 1.88 -20.92 -6.28
N9A NDP N . 1.87 -21.67 -5.06
C8A NDP N . 1.67 -21.40 -3.77
N7A NDP N . 1.84 -22.58 -3.07
C5A NDP N . 2.13 -23.54 -4.00
C6A NDP N . 2.40 -24.84 -3.78
N6A NDP N . 2.41 -25.68 -2.57
N1A NDP N . 2.65 -25.65 -4.79
C2A NDP N . 2.67 -25.13 -6.06
N3A NDP N . 2.43 -23.78 -6.29
C4A NDP N . 2.16 -23.01 -5.21
O3 NDP N . 3.42 -14.85 -4.31
PN NDP N . 3.80 -13.32 -4.46
O1N NDP N . 3.66 -12.62 -5.84
O2N NDP N . 3.31 -12.32 -3.38
O5D NDP N . 5.48 -13.30 -4.24
C5D NDP N . 6.09 -13.98 -5.29
C4D NDP N . 7.60 -13.70 -5.02
O4D NDP N . 7.76 -12.39 -4.80
C3D NDP N . 8.00 -14.32 -3.66
O3D NDP N . 9.33 -14.60 -3.65
C2D NDP N . 7.94 -13.20 -2.63
O2D NDP N . 8.93 -13.71 -1.59
C1D NDP N . 8.36 -12.15 -3.33
N1N NDP N . 7.78 -10.91 -2.87
C2N NDP N . 8.58 -9.76 -2.70
C3N NDP N . 7.88 -8.46 -2.40
C7N NDP N . 8.71 -7.23 -2.35
O7N NDP N . 9.78 -7.12 -2.86
N7N NDP N . 8.17 -6.13 -1.65
C4N NDP N . 6.50 -8.37 -1.67
C5N NDP N . 5.70 -9.68 -1.88
C6N NDP N . 6.38 -10.83 -2.62
P2B NDP N . -0.31 -20.94 -9.20
O1X NDP N . -0.64 -19.57 -9.83
O2X NDP N . 0.14 -21.93 -10.24
O3X NDP N . -1.46 -21.47 -8.43
H51A NDP N . 3.08 -17.04 -5.88
H52A NDP N . 1.88 -16.51 -6.75
H4B NDP N . 2.26 -18.74 -7.51
H3B NDP N . 0.15 -18.99 -5.54
HO3A NDP N . 0.01 -18.55 -8.13
H2B NDP N . -0.01 -21.20 -6.47
H1B NDP N . 2.48 -21.27 -6.94
H8A NDP N . 1.47 -20.57 -3.40
H61A NDP N . 1.74 -26.21 -2.40
H62A NDP N . 3.08 -25.66 -2.04
H2A NDP N . 2.88 -25.69 -6.78
H51N NDP N . 5.81 -13.62 -6.14
H52N NDP N . 5.90 -14.93 -5.24
H4D NDP N . 8.18 -14.02 -5.74
H3D NDP N . 7.45 -15.08 -3.42
HO3N NDP N . 9.45 -15.45 -3.70
H2D NDP N . 7.05 -13.08 -2.27
HO2N NDP N . 9.72 -13.57 -1.86
H1D NDP N . 9.33 -12.11 -3.34
H2N NDP N . 9.46 -9.74 -3.03
H71N NDP N . 8.59 -5.39 -1.60
H72N NDP N . 7.39 -6.20 -1.29
H41N NDP N . 6.00 -7.62 -2.03
H42N NDP N . 6.65 -8.24 -0.72
H5N NDP N . 4.77 -9.66 -1.80
H6N NDP N . 5.84 -11.53 -2.92
CAY GEC O . -19.05 -26.26 -9.16
OAC GEC O . -19.05 -27.08 -8.05
CAS GEC O . -19.71 -26.60 -6.98
CAO GEC O . -20.48 -25.45 -7.03
CAW GEC O . -19.61 -27.30 -5.78
OAE GEC O . -18.87 -28.40 -5.72
CAU GEC O . -20.25 -26.86 -4.67
CAQ GEC O . -21.00 -25.72 -4.75
CAM GEC O . -21.13 -24.99 -5.91
CAI GEC O . -21.92 -23.82 -5.88
OAA GEC O . -21.27 -22.77 -6.47
CAK GEC O . -22.22 -21.73 -6.40
CAH GEC O . -23.45 -22.37 -6.91
CAG GEC O . -23.09 -23.85 -6.77
CAL GEC O . -24.18 -24.44 -6.00
OAB GEC O . -25.15 -23.48 -6.10
CAJ GEC O . -24.52 -22.26 -5.92
CAN GEC O . -25.50 -21.32 -6.13
CAP GEC O . -26.40 -21.33 -7.17
CAR GEC O . -25.65 -20.39 -5.13
CAV GEC O . -26.63 -19.44 -5.16
CAX GEC O . -27.51 -19.45 -6.21
OAF GEC O . -28.45 -18.52 -6.23
CAT GEC O . -27.42 -20.38 -7.24
OAD GEC O . -28.32 -20.30 -8.24
CAZ GEC O . -28.08 -21.18 -9.28
PA NDP P . -18.95 -13.14 -3.38
O1A NDP P . -18.72 -14.59 -2.85
O2A NDP P . -18.09 -12.84 -4.50
O5B NDP P . -18.65 -11.92 -2.30
C5B NDP P . -19.40 -10.76 -2.68
C4B NDP P . -19.21 -9.58 -1.66
O4B NDP P . -19.74 -9.86 -0.50
C3B NDP P . -17.84 -9.60 -1.07
O3B NDP P . -17.04 -9.10 -2.04
C2B NDP P . -17.98 -8.51 0.06
O2B NDP P . -17.86 -7.21 -0.68
C1B NDP P . -19.18 -8.75 0.54
N9A NDP P . -19.22 -9.49 1.81
C8A NDP P . -19.04 -10.77 2.22
N7A NDP P . -19.23 -10.84 3.58
C5A NDP P . -19.51 -9.56 3.97
C6A NDP P . -19.77 -9.07 5.20
N6A NDP P . -19.86 -9.75 6.49
N1A NDP P . -20.01 -7.80 5.45
C2A NDP P . -20.03 -6.94 4.40
N3A NDP P . -19.74 -7.44 3.13
C4A NDP P . -19.50 -8.73 2.92
O3 NDP P . -20.52 -13.07 -3.91
PN NDP P . -20.89 -13.80 -5.29
O1N NDP P . -20.79 -12.99 -6.58
O2N NDP P . -20.29 -15.17 -5.66
O5D NDP P . -22.50 -14.11 -5.07
C5D NDP P . -23.19 -12.88 -5.14
C4D NDP P . -24.70 -13.20 -5.41
O4D NDP P . -24.71 -14.01 -6.48
C3D NDP P . -25.26 -14.05 -4.29
O3D NDP P . -26.54 -13.60 -4.18
C2D NDP P . -25.22 -15.50 -4.81
O2D NDP P . -26.37 -16.32 -4.32
C1D NDP P . -25.49 -15.35 -6.06
N1N NDP P . -24.94 -16.39 -6.87
C2N NDP P . -25.68 -17.04 -7.85
C3N NDP P . -24.98 -17.98 -8.76
C7N NDP P . -25.79 -18.57 -9.85
O7N NDP P . -26.85 -18.09 -10.23
N7N NDP P . -25.24 -19.77 -10.39
C4N NDP P . -23.68 -18.72 -8.40
C5N NDP P . -23.02 -18.11 -7.16
C6N NDP P . -23.59 -16.78 -6.66
P2B NDP P . -16.58 -6.24 -0.79
O1X NDP P . -16.31 -6.32 -2.30
O2X NDP P . -16.89 -4.82 -0.40
O3X NDP P . -15.32 -6.60 -0.05
H51A NDP P . -20.34 -10.99 -2.72
H52A NDP P . -19.11 -10.47 -3.56
H4B NDP P . -19.48 -8.71 -2.00
H3B NDP P . -17.59 -10.47 -0.74
HO3A NDP P . -17.34 -8.36 -2.31
H2B NDP P . -17.29 -8.62 0.73
H1B NDP P . -19.74 -7.96 0.55
H8A NDP P . -18.85 -11.49 1.67
H61A NDP P . -19.22 -9.69 7.06
H62A NDP P . -20.56 -10.22 6.68
H2A NDP P . -20.20 -6.03 4.52
H51N NDP P . -22.83 -12.34 -5.87
H52N NDP P . -23.10 -12.40 -4.30
H4D NDP P . -25.23 -12.41 -5.55
H3D NDP P . -24.76 -13.94 -3.47
HO3N NDP P . -26.73 -13.44 -3.36
H2D NDP P . -24.36 -15.91 -4.67
HO2N NDP P . -27.03 -15.82 -4.16
H1D NDP P . -26.45 -15.26 -6.20
H2N NDP P . -26.53 -16.72 -8.09
H71N NDP P . -25.63 -20.18 -11.01
H72N NDP P . -24.49 -20.07 -10.07
H41N NDP P . -23.06 -18.65 -9.15
H42N NDP P . -23.88 -19.65 -8.24
H5N NDP P . -22.16 -18.36 -6.92
H6N NDP P . -23.02 -16.20 -6.22
CAY GEC Q . 4.64 11.45 28.74
OAC GEC Q . 4.82 10.85 27.53
CAS GEC Q . 4.84 9.49 27.47
CAO GEC Q . 4.73 8.68 28.58
CAW GEC Q . 4.96 8.92 26.22
OAE GEC Q . 5.05 9.70 25.13
CAU GEC Q . 4.98 7.56 26.09
CAQ GEC Q . 4.89 6.76 27.19
CAM GEC Q . 4.75 7.29 28.46
CAI GEC Q . 4.66 6.35 29.52
OAA GEC Q . 5.39 6.68 30.59
CAK GEC Q . 5.13 5.72 31.47
CAH GEC Q . 3.70 5.70 31.49
CAG GEC Q . 3.35 6.31 30.17
CAL GEC Q . 2.61 5.30 29.51
OAB GEC Q . 2.15 4.62 30.52
CAJ GEC Q . 3.24 4.34 31.26
CAN GEC Q . 2.79 3.57 32.35
CAP GEC Q . 1.70 3.86 33.18
CAR GEC Q . 3.44 2.38 32.52
CAV GEC Q . 3.09 1.50 33.49
CAX GEC Q . 2.04 1.78 34.30
OAF GEC Q . 1.71 0.90 35.24
CAT GEC Q . 1.32 2.96 34.18
OAD GEC Q . 0.29 3.17 35.04
CAZ GEC Q . -0.29 4.42 34.91
PA NDP R . 13.01 1.96 35.84
O1A NDP R . 12.99 2.09 34.32
O2A NDP R . 13.17 3.27 36.47
O5B NDP R . 14.21 0.87 36.11
C5B NDP R . 14.04 0.15 37.29
C4B NDP R . 15.12 -0.96 37.55
O4B NDP R . 15.00 -1.89 36.64
C3B NDP R . 16.47 -0.68 36.99
O3B NDP R . 17.29 0.12 37.80
C2B NDP R . 17.15 -2.08 37.09
O2B NDP R . 17.53 -2.07 38.51
C1B NDP R . 16.18 -2.94 36.95
N9A NDP R . 16.20 -3.60 35.69
C8A NDP R . 15.82 -3.28 34.42
N7A NDP R . 16.09 -4.35 33.65
C5A NDP R . 16.66 -5.32 34.47
C6A NDP R . 17.11 -6.55 34.17
N6A NDP R . 17.18 -7.27 32.91
N1A NDP R . 17.63 -7.36 35.07
C2A NDP R . 17.70 -6.93 36.38
N3A NDP R . 17.23 -5.68 36.67
C4A NDP R . 16.73 -4.88 35.72
O3 NDP R . 11.47 1.56 36.45
PN NDP R . 10.30 2.63 36.80
O1N NDP R . 10.32 3.35 38.13
O2N NDP R . 10.22 3.68 35.70
O5D NDP R . 8.91 1.68 36.89
C5D NDP R . 9.00 0.77 37.97
C4D NDP R . 7.57 0.25 38.15
O4D NDP R . 6.78 1.32 38.15
C3D NDP R . 7.16 -0.55 36.93
O3D NDP R . 6.28 -1.49 37.40
C2D NDP R . 6.35 0.41 36.05
O2D NDP R . 5.41 -0.43 35.25
C1D NDP R . 5.74 1.15 36.94
N1N NDP R . 5.44 2.47 36.46
C2N NDP R . 4.15 3.03 36.61
C3N NDP R . 4.01 4.49 36.44
C7N NDP R . 2.69 5.08 36.68
O7N NDP R . 1.84 4.54 37.38
N7N NDP R . 2.47 6.30 35.97
C4N NDP R . 4.80 5.20 35.36
C5N NDP R . 6.09 4.42 34.96
C6N NDP R . 6.45 3.21 35.80
P2B NDP R . 18.93 -1.51 39.07
O1X NDP R . 18.67 -0.23 39.89
O2X NDP R . 19.42 -2.63 39.91
O3X NDP R . 20.07 -1.33 38.11
H51A NDP R . 13.18 -0.27 37.27
H52A NDP R . 14.07 0.78 38.03
H4B NDP R . 15.14 -1.30 38.46
H3B NDP R . 16.44 -0.37 36.07
HO3A NDP R . 17.02 0.07 38.61
H2B NDP R . 17.89 -2.20 36.48
H1B NDP R . 16.01 -3.50 37.72
H8A NDP R . 15.44 -2.47 34.15
H61A NDP R . 17.94 -7.35 32.51
H62A NDP R . 16.47 -7.59 32.56
H2A NDP R . 18.05 -7.48 37.04
H51N NDP R . 9.30 1.24 38.77
H52N NDP R . 9.60 0.05 37.75
H4D NDP R . 7.49 -0.26 38.97
H3D NDP R . 7.92 -0.94 36.46
HO3N NDP R . 6.56 -2.27 37.19
H2D NDP R . 6.92 0.95 35.50
HO2N NDP R . 4.89 -0.85 35.78
H1D NDP R . 4.93 0.70 37.25
H2N NDP R . 3.47 2.56 37.03
H71N NDP R . 1.71 6.71 36.05
H72N NDP R . 3.09 6.63 35.48
H41N NDP R . 5.05 6.08 35.68
H42N NDP R . 4.24 5.30 34.57
H5N NDP R . 6.75 4.84 34.45
H6N NDP R . 7.34 2.96 35.87
#